data_8W78
#
_entry.id   8W78
#
_cell.length_a   100.082
_cell.length_b   102.330
_cell.length_c   102.632
_cell.angle_alpha   90.00
_cell.angle_beta   108.33
_cell.angle_gamma   90.00
#
_symmetry.space_group_name_H-M   'P 1 21 1'
#
loop_
_entity.id
_entity.type
_entity.pdbx_description
1 polymer FI05204p
2 non-polymer 'FLAVIN-ADENINE DINUCLEOTIDE'
3 non-polymer '2-OXOGLUTARIC ACID'
4 non-polymer DODECYL-BETA-D-MALTOSIDE
#
_entity_poly.entity_id   1
_entity_poly.type   'polypeptide(L)'
_entity_poly.pdbx_seq_one_letter_code
;GDYDLVVVGGGIVGAASAREIVLRHPSLKVAVLEKECKLAKHQSGHNSGVIHAGIYYKPGTLKARLCVEGMHLAYAYLDE
KKIPYKKTGKLIVATDEKEVKLLKDLEKRGIANNVPDLRMIEGSEIQEIEPYCQGVMALHSPHTGIVDWGLVTEHYGQDF
KQCGGDIYLDFNVSKFTETKEGTDYPVTIHGAKPGQTVRTKNVLTCGGLQSDLLAEKTGCPRDPRIVPFRGEYLLLTKEK
QHMVKGNIYPVPDPRFPFLGVHFTPRMDGSIWLGPNAVLALKREGYTWGDINLFELFDALRYPGFVKMASKYIGFGLSEM
SKSWFINLQIKALQKYIPDITEYDIQRGPAGVRAQAMDLDGNLVDDFVFDRGQGSGALAKRVLHCRNAPSPGATSSLAIA
KMIADKIENEFSIGK
;
_entity_poly.pdbx_strand_id   A,C,B,D
#
# COMPACT_ATOMS: atom_id res chain seq x y z
N GLY A 1 -29.51 -38.86 8.04
CA GLY A 1 -28.99 -39.61 9.17
C GLY A 1 -27.70 -40.33 8.86
N ASP A 2 -26.66 -40.04 9.65
CA ASP A 2 -25.35 -40.63 9.38
C ASP A 2 -24.64 -41.07 10.67
N TYR A 3 -23.96 -40.14 11.33
CA TYR A 3 -23.05 -40.46 12.41
C TYR A 3 -23.55 -39.94 13.75
N ASP A 4 -22.93 -40.45 14.82
CA ASP A 4 -23.22 -39.95 16.16
C ASP A 4 -22.38 -38.72 16.48
N LEU A 5 -21.07 -38.79 16.22
CA LEU A 5 -20.15 -37.69 16.47
C LEU A 5 -19.34 -37.43 15.20
N VAL A 6 -19.09 -36.16 14.92
CA VAL A 6 -18.29 -35.76 13.76
C VAL A 6 -17.17 -34.84 14.25
N VAL A 7 -15.95 -35.17 13.85
CA VAL A 7 -14.76 -34.39 14.21
C VAL A 7 -14.33 -33.61 12.97
N VAL A 8 -14.35 -32.28 13.08
CA VAL A 8 -13.94 -31.40 11.98
C VAL A 8 -12.48 -31.05 12.21
N GLY A 9 -11.60 -31.67 11.43
CA GLY A 9 -10.18 -31.41 11.54
C GLY A 9 -9.32 -32.62 11.24
N GLY A 10 -8.47 -32.52 10.23
CA GLY A 10 -7.57 -33.58 9.84
C GLY A 10 -6.17 -33.51 10.43
N GLY A 11 -5.92 -32.56 11.31
CA GLY A 11 -4.62 -32.43 11.94
C GLY A 11 -4.38 -33.50 12.98
N ILE A 12 -3.23 -33.40 13.66
CA ILE A 12 -2.86 -34.40 14.64
C ILE A 12 -3.73 -34.32 15.89
N VAL A 13 -4.35 -33.17 16.15
CA VAL A 13 -5.22 -33.04 17.31
C VAL A 13 -6.57 -33.70 17.05
N GLY A 14 -7.19 -33.38 15.90
CA GLY A 14 -8.47 -33.97 15.58
C GLY A 14 -8.39 -35.45 15.30
N ALA A 15 -7.31 -35.90 14.65
CA ALA A 15 -7.15 -37.32 14.37
C ALA A 15 -6.97 -38.12 15.65
N ALA A 16 -6.14 -37.62 16.56
CA ALA A 16 -5.95 -38.31 17.84
C ALA A 16 -7.21 -38.24 18.70
N SER A 17 -7.95 -37.14 18.63
CA SER A 17 -9.21 -37.04 19.35
C SER A 17 -10.21 -38.05 18.85
N ALA A 18 -10.33 -38.20 17.53
CA ALA A 18 -11.22 -39.20 16.97
C ALA A 18 -10.74 -40.62 17.24
N ARG A 19 -9.42 -40.81 17.31
CA ARG A 19 -8.90 -42.14 17.63
C ARG A 19 -9.19 -42.51 19.07
N GLU A 20 -9.05 -41.56 19.99
CA GLU A 20 -9.26 -41.85 21.41
C GLU A 20 -10.73 -42.11 21.71
N ILE A 21 -11.63 -41.38 21.06
CA ILE A 21 -13.05 -41.50 21.39
C ILE A 21 -13.63 -42.80 20.87
N VAL A 22 -13.11 -43.34 19.76
CA VAL A 22 -13.63 -44.59 19.24
C VAL A 22 -13.03 -45.78 19.99
N LEU A 23 -11.83 -45.64 20.54
CA LEU A 23 -11.25 -46.72 21.35
C LEU A 23 -11.98 -46.84 22.68
N ARG A 24 -12.45 -45.72 23.24
CA ARG A 24 -13.21 -45.78 24.49
C ARG A 24 -14.62 -46.28 24.24
N HIS A 25 -15.21 -45.96 23.10
CA HIS A 25 -16.58 -46.35 22.76
C HIS A 25 -16.58 -46.95 21.37
N PRO A 26 -16.41 -48.28 21.26
CA PRO A 26 -16.42 -48.91 19.93
C PRO A 26 -17.77 -48.85 19.24
N SER A 27 -18.86 -48.65 19.98
CA SER A 27 -20.19 -48.60 19.37
C SER A 27 -20.49 -47.28 18.68
N LEU A 28 -19.72 -46.24 18.98
CA LEU A 28 -19.97 -44.92 18.41
C LEU A 28 -19.66 -44.91 16.92
N LYS A 29 -20.57 -44.35 16.13
CA LYS A 29 -20.34 -44.12 14.70
C LYS A 29 -19.78 -42.70 14.56
N VAL A 30 -18.47 -42.59 14.44
CA VAL A 30 -17.77 -41.31 14.43
C VAL A 30 -17.18 -41.08 13.05
N ALA A 31 -17.24 -39.84 12.57
CA ALA A 31 -16.68 -39.46 11.29
C ALA A 31 -15.68 -38.31 11.49
N VAL A 32 -14.88 -38.09 10.45
CA VAL A 32 -13.85 -37.04 10.45
C VAL A 32 -13.95 -36.29 9.13
N LEU A 33 -14.02 -34.97 9.21
CA LEU A 33 -14.09 -34.10 8.03
C LEU A 33 -12.80 -33.29 7.94
N GLU A 34 -12.16 -33.35 6.77
CA GLU A 34 -10.93 -32.61 6.51
C GLU A 34 -11.08 -31.88 5.18
N LYS A 35 -10.80 -30.57 5.19
CA LYS A 35 -10.97 -29.76 3.99
C LYS A 35 -9.90 -30.00 2.94
N GLU A 36 -8.74 -30.52 3.31
CA GLU A 36 -7.64 -30.75 2.38
C GLU A 36 -7.76 -32.16 1.76
N CYS A 37 -6.74 -32.57 1.00
CA CYS A 37 -6.68 -33.90 0.40
C CYS A 37 -6.22 -34.99 1.36
N LYS A 38 -5.52 -34.64 2.44
CA LYS A 38 -4.90 -35.64 3.28
C LYS A 38 -4.72 -35.09 4.69
N LEU A 39 -4.54 -36.00 5.65
CA LEU A 39 -4.31 -35.60 7.03
C LEU A 39 -2.93 -34.97 7.17
N ALA A 40 -2.80 -34.06 8.14
CA ALA A 40 -1.54 -33.38 8.45
C ALA A 40 -1.00 -32.65 7.22
N LYS A 41 -1.82 -31.76 6.68
CA LYS A 41 -1.46 -30.96 5.53
C LYS A 41 -1.04 -29.53 5.91
N HIS A 42 -1.21 -29.14 7.16
CA HIS A 42 -0.86 -27.78 7.59
C HIS A 42 0.15 -27.80 8.73
N GLN A 43 -0.31 -27.51 9.95
CA GLN A 43 0.60 -27.45 11.10
C GLN A 43 1.24 -28.80 11.36
N SER A 44 0.44 -29.87 11.35
CA SER A 44 0.97 -31.21 11.61
C SER A 44 1.85 -31.72 10.49
N GLY A 45 1.86 -31.07 9.33
CA GLY A 45 2.67 -31.50 8.22
C GLY A 45 3.76 -30.52 7.85
N HIS A 46 3.86 -29.42 8.59
CA HIS A 46 4.89 -28.40 8.38
C HIS A 46 5.41 -27.96 9.75
N ASN A 47 6.22 -28.83 10.36
CA ASN A 47 6.75 -28.57 11.70
C ASN A 47 8.18 -29.07 11.78
N SER A 48 8.85 -28.73 12.89
CA SER A 48 10.21 -29.19 13.11
C SER A 48 10.28 -30.69 13.36
N GLY A 49 9.17 -31.31 13.74
CA GLY A 49 9.14 -32.75 13.95
C GLY A 49 9.89 -33.23 15.17
N VAL A 50 10.10 -32.37 16.15
CA VAL A 50 10.84 -32.74 17.36
C VAL A 50 9.88 -33.27 18.41
N ILE A 51 10.24 -34.37 19.04
CA ILE A 51 9.48 -34.94 20.15
C ILE A 51 9.98 -34.27 21.42
N HIS A 52 9.23 -33.28 21.91
CA HIS A 52 9.66 -32.50 23.07
C HIS A 52 9.57 -33.33 24.34
N ALA A 53 10.41 -32.97 25.31
CA ALA A 53 10.45 -33.67 26.59
C ALA A 53 9.75 -32.93 27.72
N GLY A 54 9.55 -31.63 27.60
CA GLY A 54 8.82 -30.87 28.59
C GLY A 54 9.68 -30.11 29.57
N ILE A 55 10.50 -29.19 29.07
CA ILE A 55 11.47 -28.45 29.87
C ILE A 55 11.03 -27.02 30.12
N TYR A 56 10.61 -26.32 29.07
CA TYR A 56 10.36 -24.88 29.14
C TYR A 56 9.16 -24.51 29.99
N TYR A 57 8.32 -25.46 30.37
CA TYR A 57 7.04 -25.17 31.00
C TYR A 57 7.15 -25.22 32.51
N LYS A 58 6.40 -24.34 33.17
CA LYS A 58 6.46 -24.24 34.62
C LYS A 58 5.95 -25.53 35.27
N PRO A 59 6.48 -25.89 36.43
CA PRO A 59 5.99 -27.10 37.12
C PRO A 59 4.65 -26.86 37.79
N GLY A 60 3.75 -27.83 37.65
CA GLY A 60 2.45 -27.81 38.30
C GLY A 60 1.29 -27.62 37.33
N THR A 61 1.52 -26.93 36.22
CA THR A 61 0.46 -26.67 35.26
C THR A 61 0.10 -27.95 34.50
N LEU A 62 -0.92 -27.84 33.65
CA LEU A 62 -1.37 -28.97 32.85
C LEU A 62 -0.50 -29.19 31.63
N LYS A 63 0.00 -28.11 31.02
CA LYS A 63 0.86 -28.25 29.84
C LYS A 63 2.14 -29.01 30.17
N ALA A 64 2.73 -28.73 31.34
CA ALA A 64 3.89 -29.49 31.75
C ALA A 64 3.56 -30.96 31.95
N ARG A 65 2.37 -31.26 32.46
CA ARG A 65 1.98 -32.65 32.63
C ARG A 65 1.59 -33.31 31.31
N LEU A 66 1.06 -32.54 30.36
CA LEU A 66 0.64 -33.11 29.09
C LEU A 66 1.83 -33.40 28.18
N CYS A 67 2.84 -32.55 28.21
CA CYS A 67 4.00 -32.78 27.34
C CYS A 67 4.81 -33.99 27.79
N VAL A 68 5.02 -34.14 29.09
CA VAL A 68 5.81 -35.28 29.57
C VAL A 68 5.02 -36.58 29.43
N GLU A 69 3.72 -36.55 29.77
CA GLU A 69 2.89 -37.74 29.58
C GLU A 69 2.70 -38.04 28.09
N GLY A 70 2.55 -36.99 27.27
CA GLY A 70 2.42 -37.21 25.84
C GLY A 70 3.67 -37.73 25.19
N MET A 71 4.84 -37.30 25.69
CA MET A 71 6.10 -37.80 25.15
C MET A 71 6.29 -39.28 25.45
N HIS A 72 5.95 -39.71 26.66
CA HIS A 72 6.03 -41.12 27.00
C HIS A 72 5.01 -41.94 26.21
N LEU A 73 3.79 -41.41 26.05
CA LEU A 73 2.80 -42.08 25.24
C LEU A 73 3.17 -42.11 23.76
N ALA A 74 4.00 -41.16 23.31
CA ALA A 74 4.40 -41.14 21.91
C ALA A 74 5.43 -42.23 21.60
N TYR A 75 6.48 -42.32 22.41
CA TYR A 75 7.51 -43.33 22.18
C TYR A 75 6.94 -44.73 22.23
N ALA A 76 6.00 -44.98 23.16
CA ALA A 76 5.34 -46.28 23.20
C ALA A 76 4.45 -46.48 21.98
N TYR A 77 3.84 -45.41 21.46
CA TYR A 77 3.03 -45.53 20.26
C TYR A 77 3.90 -45.76 19.03
N LEU A 78 5.04 -45.06 18.94
CA LEU A 78 5.92 -45.23 17.79
C LEU A 78 6.56 -46.61 17.79
N ASP A 79 6.87 -47.15 18.97
CA ASP A 79 7.42 -48.50 19.04
C ASP A 79 6.37 -49.56 18.75
N GLU A 80 5.11 -49.29 19.11
CA GLU A 80 4.04 -50.26 18.85
C GLU A 80 3.75 -50.35 17.36
N LYS A 81 3.52 -49.21 16.70
CA LYS A 81 3.16 -49.18 15.29
C LYS A 81 4.38 -49.26 14.37
N LYS A 82 5.58 -49.45 14.92
CA LYS A 82 6.81 -49.60 14.15
C LYS A 82 7.05 -48.37 13.27
N ILE A 83 6.94 -47.19 13.88
CA ILE A 83 7.15 -45.93 13.18
C ILE A 83 8.60 -45.49 13.38
N PRO A 84 9.33 -45.17 12.33
CA PRO A 84 10.74 -44.81 12.48
C PRO A 84 10.91 -43.49 13.23
N TYR A 85 11.91 -43.44 14.10
CA TYR A 85 12.23 -42.24 14.84
C TYR A 85 13.67 -42.33 15.33
N LYS A 86 14.30 -41.17 15.51
CA LYS A 86 15.67 -41.07 16.01
C LYS A 86 15.66 -40.22 17.26
N LYS A 87 16.05 -40.82 18.39
CA LYS A 87 16.06 -40.11 19.67
C LYS A 87 17.33 -39.26 19.77
N THR A 88 17.32 -38.16 19.00
CA THR A 88 18.45 -37.24 18.98
C THR A 88 18.40 -36.31 20.19
N GLY A 89 19.57 -36.00 20.74
CA GLY A 89 19.62 -35.18 21.93
C GLY A 89 19.30 -33.73 21.64
N LYS A 90 18.81 -33.04 22.66
CA LYS A 90 18.55 -31.61 22.62
C LYS A 90 19.52 -30.90 23.55
N LEU A 91 20.10 -29.80 23.07
CA LEU A 91 21.09 -29.03 23.83
C LEU A 91 20.68 -27.56 23.81
N ILE A 92 20.09 -27.10 24.90
CA ILE A 92 19.73 -25.69 25.05
C ILE A 92 20.99 -24.94 25.47
N VAL A 93 21.54 -24.14 24.57
CA VAL A 93 22.84 -23.52 24.76
C VAL A 93 22.66 -22.04 25.09
N ALA A 94 23.36 -21.58 26.12
CA ALA A 94 23.45 -20.17 26.46
C ALA A 94 24.82 -19.64 26.04
N THR A 95 24.84 -18.42 25.51
CA THR A 95 26.07 -17.84 24.98
C THR A 95 26.64 -16.71 25.82
N ASP A 96 25.80 -16.00 26.58
CA ASP A 96 26.25 -14.93 27.45
C ASP A 96 25.76 -15.19 28.87
N GLU A 97 26.23 -14.36 29.80
CA GLU A 97 25.88 -14.56 31.21
C GLU A 97 24.41 -14.28 31.47
N LYS A 98 23.78 -13.45 30.64
CA LYS A 98 22.36 -13.17 30.81
C LYS A 98 21.52 -14.41 30.56
N GLU A 99 21.80 -15.12 29.46
CA GLU A 99 21.06 -16.34 29.15
C GLU A 99 21.36 -17.47 30.12
N VAL A 100 22.47 -17.37 30.88
CA VAL A 100 22.79 -18.39 31.86
C VAL A 100 21.81 -18.36 33.02
N LYS A 101 21.48 -17.16 33.50
CA LYS A 101 20.53 -17.04 34.62
C LYS A 101 19.15 -17.55 34.21
N LEU A 102 18.75 -17.34 32.96
CA LEU A 102 17.48 -17.85 32.47
C LEU A 102 17.54 -19.34 32.17
N LEU A 103 18.71 -19.84 31.74
CA LEU A 103 18.86 -21.28 31.54
C LEU A 103 18.81 -22.03 32.87
N LYS A 104 19.29 -21.39 33.95
CA LYS A 104 19.16 -22.00 35.26
C LYS A 104 17.71 -22.17 35.67
N ASP A 105 16.83 -21.26 35.23
CA ASP A 105 15.40 -21.45 35.48
C ASP A 105 14.85 -22.61 34.66
N LEU A 106 15.41 -22.86 33.48
CA LEU A 106 14.96 -23.98 32.68
C LEU A 106 15.40 -25.31 33.28
N GLU A 107 16.51 -25.32 34.03
CA GLU A 107 16.95 -26.55 34.67
C GLU A 107 16.05 -26.92 35.84
N LYS A 108 15.67 -25.94 36.65
CA LYS A 108 14.79 -26.22 37.79
C LYS A 108 13.41 -26.67 37.31
N ARG A 109 12.91 -26.08 36.23
CA ARG A 109 11.62 -26.52 35.68
C ARG A 109 11.73 -27.91 35.07
N GLY A 110 12.88 -28.24 34.49
CA GLY A 110 13.03 -29.56 33.88
C GLY A 110 13.13 -30.67 34.91
N ILE A 111 13.84 -30.42 36.01
CA ILE A 111 13.98 -31.45 37.04
C ILE A 111 12.69 -31.60 37.84
N ALA A 112 11.91 -30.52 37.97
CA ALA A 112 10.64 -30.62 38.69
C ALA A 112 9.58 -31.31 37.85
N ASN A 113 9.61 -31.10 36.53
CA ASN A 113 8.73 -31.84 35.62
C ASN A 113 9.21 -33.26 35.37
N ASN A 114 10.36 -33.65 35.95
CA ASN A 114 10.88 -35.01 35.87
C ASN A 114 11.10 -35.43 34.41
N VAL A 115 11.92 -34.64 33.72
CA VAL A 115 12.34 -34.95 32.37
C VAL A 115 13.61 -35.81 32.47
N PRO A 116 13.61 -37.02 31.94
CA PRO A 116 14.81 -37.86 32.05
C PRO A 116 15.74 -37.70 30.84
N ASP A 117 16.99 -37.30 31.07
CA ASP A 117 17.50 -36.87 32.36
C ASP A 117 18.49 -35.74 32.13
N LEU A 118 18.14 -34.54 32.59
CA LEU A 118 18.91 -33.36 32.24
C LEU A 118 20.22 -33.30 33.01
N ARG A 119 21.19 -32.61 32.42
CA ARG A 119 22.47 -32.37 33.05
C ARG A 119 22.98 -31.02 32.57
N MET A 120 23.45 -30.19 33.50
CA MET A 120 23.96 -28.87 33.14
C MET A 120 25.41 -29.01 32.72
N ILE A 121 25.66 -28.96 31.41
CA ILE A 121 26.99 -29.16 30.86
C ILE A 121 27.72 -27.83 30.78
N GLU A 122 28.95 -27.81 31.28
CA GLU A 122 29.76 -26.60 31.25
C GLU A 122 30.30 -26.34 29.85
N GLY A 123 30.81 -25.11 29.65
CA GLY A 123 31.31 -24.74 28.33
C GLY A 123 32.45 -25.62 27.84
N SER A 124 33.20 -26.22 28.77
CA SER A 124 34.30 -27.10 28.36
C SER A 124 33.79 -28.43 27.81
N GLU A 125 32.66 -28.91 28.32
CA GLU A 125 32.11 -30.20 27.91
C GLU A 125 31.01 -30.06 26.86
N ILE A 126 30.88 -28.89 26.23
CA ILE A 126 29.83 -28.71 25.23
C ILE A 126 30.16 -29.51 23.97
N GLN A 127 31.40 -29.41 23.50
CA GLN A 127 31.80 -30.12 22.29
C GLN A 127 31.82 -31.63 22.47
N GLU A 128 31.80 -32.12 23.72
CA GLU A 128 31.69 -33.54 23.96
C GLU A 128 30.35 -34.09 23.45
N ILE A 129 29.34 -33.23 23.35
CA ILE A 129 28.05 -33.61 22.77
C ILE A 129 27.89 -33.07 21.36
N GLU A 130 28.27 -31.80 21.14
CA GLU A 130 28.16 -31.13 19.85
C GLU A 130 29.53 -30.56 19.49
N PRO A 131 30.32 -31.31 18.73
CA PRO A 131 31.73 -30.92 18.54
C PRO A 131 31.92 -29.59 17.80
N TYR A 132 30.88 -29.02 17.21
CA TYR A 132 30.99 -27.74 16.52
C TYR A 132 30.30 -26.59 17.25
N CYS A 133 29.38 -26.87 18.17
CA CYS A 133 28.65 -25.83 18.86
C CYS A 133 29.49 -25.22 19.97
N GLN A 134 29.39 -23.91 20.13
CA GLN A 134 30.10 -23.14 21.16
C GLN A 134 29.12 -22.72 22.24
N GLY A 135 29.63 -21.95 23.21
CA GLY A 135 28.80 -21.47 24.31
C GLY A 135 29.50 -21.50 25.65
N VAL A 136 28.85 -20.98 26.69
CA VAL A 136 29.47 -20.89 28.01
C VAL A 136 28.83 -21.93 28.93
N MET A 137 27.58 -22.26 28.67
CA MET A 137 26.87 -23.27 29.46
C MET A 137 25.66 -23.74 28.68
N ALA A 138 25.32 -25.02 28.86
CA ALA A 138 24.25 -25.63 28.10
C ALA A 138 23.52 -26.65 28.96
N LEU A 139 22.30 -26.99 28.53
CA LEU A 139 21.42 -27.92 29.22
C LEU A 139 21.10 -29.07 28.27
N HIS A 140 21.55 -30.27 28.61
CA HIS A 140 21.37 -31.43 27.74
C HIS A 140 20.09 -32.18 28.10
N SER A 141 19.46 -32.77 27.08
CA SER A 141 18.26 -33.58 27.25
C SER A 141 18.33 -34.74 26.26
N PRO A 142 18.78 -35.91 26.70
CA PRO A 142 19.07 -37.00 25.76
C PRO A 142 17.86 -37.78 25.28
N HIS A 143 16.67 -37.55 25.84
CA HIS A 143 15.51 -38.37 25.51
C HIS A 143 14.51 -37.67 24.60
N THR A 144 14.84 -36.51 24.07
CA THR A 144 14.04 -35.95 22.99
C THR A 144 14.37 -36.67 21.69
N GLY A 145 13.57 -36.41 20.65
CA GLY A 145 13.81 -37.06 19.39
C GLY A 145 13.13 -36.32 18.26
N ILE A 146 13.33 -36.84 17.05
CA ILE A 146 12.71 -36.31 15.85
C ILE A 146 11.87 -37.41 15.21
N VAL A 147 10.73 -37.02 14.64
CA VAL A 147 9.83 -37.98 14.00
C VAL A 147 8.99 -37.21 12.99
N ASP A 148 8.45 -37.92 12.00
CA ASP A 148 7.54 -37.35 11.02
C ASP A 148 6.16 -37.28 11.66
N TRP A 149 5.88 -36.15 12.32
CA TRP A 149 4.57 -35.98 12.95
C TRP A 149 3.45 -36.02 11.92
N GLY A 150 3.74 -35.63 10.68
CA GLY A 150 2.77 -35.83 9.61
C GLY A 150 2.47 -37.29 9.36
N LEU A 151 3.48 -38.16 9.52
CA LEU A 151 3.26 -39.59 9.36
C LEU A 151 2.51 -40.18 10.55
N VAL A 152 2.74 -39.62 11.75
CA VAL A 152 2.03 -40.11 12.94
C VAL A 152 0.54 -39.78 12.84
N THR A 153 0.20 -38.67 12.19
CA THR A 153 -1.21 -38.33 12.01
C THR A 153 -1.90 -39.32 11.09
N GLU A 154 -1.19 -39.79 10.05
CA GLU A 154 -1.76 -40.81 9.18
C GLU A 154 -2.01 -42.10 9.95
N HIS A 155 -1.12 -42.43 10.89
CA HIS A 155 -1.33 -43.61 11.72
C HIS A 155 -2.52 -43.43 12.66
N TYR A 156 -2.77 -42.20 13.12
CA TYR A 156 -3.97 -41.95 13.92
C TYR A 156 -5.23 -42.18 13.09
N GLY A 157 -5.21 -41.75 11.83
CA GLY A 157 -6.35 -41.99 10.96
C GLY A 157 -6.49 -43.45 10.56
N GLN A 158 -5.37 -44.16 10.44
CA GLN A 158 -5.44 -45.59 10.12
C GLN A 158 -6.04 -46.39 11.27
N ASP A 159 -5.67 -46.06 12.51
CA ASP A 159 -6.30 -46.69 13.66
C ASP A 159 -7.77 -46.28 13.76
N PHE A 160 -8.08 -45.04 13.39
CA PHE A 160 -9.46 -44.57 13.44
C PHE A 160 -10.32 -45.28 12.41
N LYS A 161 -9.77 -45.53 11.21
CA LYS A 161 -10.53 -46.23 10.18
C LYS A 161 -10.65 -47.73 10.46
N GLN A 162 -9.64 -48.32 11.11
CA GLN A 162 -9.68 -49.74 11.46
C GLN A 162 -10.58 -50.03 12.64
N CYS A 163 -11.23 -49.02 13.23
CA CYS A 163 -12.20 -49.21 14.28
C CYS A 163 -13.63 -48.88 13.82
N GLY A 164 -13.84 -48.72 12.52
CA GLY A 164 -15.14 -48.37 11.99
C GLY A 164 -15.34 -46.91 11.70
N GLY A 165 -14.31 -46.08 11.82
CA GLY A 165 -14.44 -44.67 11.58
C GLY A 165 -14.24 -44.29 10.12
N ASP A 166 -14.94 -43.25 9.70
CA ASP A 166 -14.87 -42.75 8.34
C ASP A 166 -14.20 -41.38 8.33
N ILE A 167 -13.30 -41.18 7.35
CA ILE A 167 -12.57 -39.94 7.20
C ILE A 167 -13.00 -39.32 5.87
N TYR A 168 -13.73 -38.21 5.94
CA TYR A 168 -14.18 -37.49 4.74
C TYR A 168 -13.12 -36.46 4.38
N LEU A 169 -12.34 -36.75 3.34
CA LEU A 169 -11.36 -35.81 2.82
C LEU A 169 -12.01 -34.95 1.73
N ASP A 170 -11.40 -33.80 1.48
CA ASP A 170 -11.93 -32.79 0.56
C ASP A 170 -13.33 -32.35 0.99
N PHE A 171 -13.53 -32.24 2.30
CA PHE A 171 -14.80 -31.83 2.89
C PHE A 171 -14.55 -30.54 3.66
N ASN A 172 -14.84 -29.40 3.03
CA ASN A 172 -14.62 -28.09 3.63
C ASN A 172 -15.92 -27.64 4.29
N VAL A 173 -15.98 -27.77 5.62
CA VAL A 173 -17.17 -27.37 6.35
C VAL A 173 -17.41 -25.88 6.18
N SER A 174 -18.64 -25.51 5.86
CA SER A 174 -18.95 -24.12 5.52
C SER A 174 -20.10 -23.56 6.35
N LYS A 175 -21.05 -24.41 6.73
CA LYS A 175 -22.16 -23.96 7.56
C LYS A 175 -22.76 -25.15 8.29
N PHE A 176 -23.35 -24.87 9.45
CA PHE A 176 -24.10 -25.84 10.23
C PHE A 176 -25.56 -25.44 10.25
N THR A 177 -26.44 -26.40 9.98
CA THR A 177 -27.88 -26.16 9.99
C THR A 177 -28.58 -27.24 10.79
N GLU A 178 -29.82 -26.94 11.20
CA GLU A 178 -30.63 -27.90 11.92
C GLU A 178 -31.32 -28.84 10.93
N THR A 179 -31.46 -30.10 11.33
CA THR A 179 -32.05 -31.12 10.47
C THR A 179 -33.58 -31.12 10.59
N ASP A 184 -33.55 -37.65 14.64
CA ASP A 184 -32.59 -38.52 15.30
C ASP A 184 -31.20 -37.89 15.32
N TYR A 185 -30.88 -37.14 14.26
CA TYR A 185 -29.60 -36.46 14.12
C TYR A 185 -29.89 -35.00 13.78
N PRO A 186 -30.11 -34.15 14.79
CA PRO A 186 -30.59 -32.79 14.54
C PRO A 186 -29.52 -31.81 14.09
N VAL A 187 -28.32 -32.24 13.76
CA VAL A 187 -27.25 -31.36 13.30
C VAL A 187 -26.84 -31.80 11.89
N THR A 188 -26.90 -30.85 10.95
CA THR A 188 -26.53 -31.10 9.56
C THR A 188 -25.32 -30.26 9.21
N ILE A 189 -24.28 -30.91 8.67
CA ILE A 189 -23.03 -30.25 8.31
C ILE A 189 -22.95 -30.20 6.79
N HIS A 190 -22.67 -29.01 6.26
CA HIS A 190 -22.60 -28.78 4.82
C HIS A 190 -21.18 -28.46 4.41
N GLY A 191 -20.77 -29.01 3.27
CA GLY A 191 -19.46 -28.73 2.71
C GLY A 191 -19.50 -27.62 1.67
N ALA A 192 -18.34 -27.39 1.04
CA ALA A 192 -18.26 -26.37 0.01
C ALA A 192 -18.91 -26.85 -1.29
N LYS A 193 -18.92 -28.15 -1.53
CA LYS A 193 -19.52 -28.69 -2.75
C LYS A 193 -21.02 -28.85 -2.56
N PRO A 194 -21.81 -28.63 -3.61
CA PRO A 194 -23.26 -28.87 -3.51
C PRO A 194 -23.55 -30.36 -3.36
N GLY A 195 -24.34 -30.70 -2.35
CA GLY A 195 -24.65 -32.08 -2.04
C GLY A 195 -23.83 -32.67 -0.93
N GLN A 196 -22.72 -32.03 -0.55
CA GLN A 196 -21.89 -32.50 0.56
C GLN A 196 -22.65 -32.30 1.85
N THR A 197 -23.19 -33.38 2.40
CA THR A 197 -24.05 -33.31 3.58
C THR A 197 -23.76 -34.49 4.50
N VAL A 198 -23.62 -34.21 5.79
CA VAL A 198 -23.42 -35.23 6.81
C VAL A 198 -24.28 -34.88 8.02
N ARG A 199 -25.14 -35.81 8.42
CA ARG A 199 -25.99 -35.62 9.60
C ARG A 199 -25.33 -36.24 10.82
N THR A 200 -25.40 -35.52 11.94
CA THR A 200 -24.73 -35.94 13.16
C THR A 200 -25.54 -35.51 14.36
N LYS A 201 -25.17 -36.06 15.52
CA LYS A 201 -25.76 -35.65 16.80
C LYS A 201 -24.95 -34.53 17.46
N ASN A 202 -23.64 -34.68 17.52
CA ASN A 202 -22.77 -33.69 18.13
C ASN A 202 -21.51 -33.52 17.29
N VAL A 203 -20.97 -32.30 17.30
CA VAL A 203 -19.82 -31.94 16.49
C VAL A 203 -18.68 -31.49 17.40
N LEU A 204 -17.46 -31.86 17.03
CA LEU A 204 -16.25 -31.40 17.70
C LEU A 204 -15.29 -30.89 16.64
N THR A 205 -14.91 -29.62 16.73
CA THR A 205 -14.08 -28.98 15.72
C THR A 205 -12.68 -28.74 16.27
N CYS A 206 -11.67 -29.13 15.50
CA CYS A 206 -10.27 -28.85 15.79
C CYS A 206 -9.65 -28.20 14.55
N GLY A 207 -10.20 -27.05 14.16
CA GLY A 207 -9.85 -26.40 12.90
C GLY A 207 -8.46 -25.80 12.86
N GLY A 208 -7.75 -25.75 13.97
CA GLY A 208 -6.40 -25.21 13.98
C GLY A 208 -6.31 -23.76 13.57
N LEU A 209 -5.93 -23.52 12.31
CA LEU A 209 -5.76 -22.16 11.82
C LEU A 209 -7.09 -21.42 11.68
N GLN A 210 -8.20 -22.14 11.56
CA GLN A 210 -9.52 -21.53 11.44
C GLN A 210 -10.44 -21.92 12.61
N SER A 211 -9.86 -22.08 13.80
CA SER A 211 -10.68 -22.45 14.96
C SER A 211 -11.66 -21.34 15.30
N ASP A 212 -11.23 -20.08 15.21
CA ASP A 212 -12.13 -18.97 15.50
C ASP A 212 -13.21 -18.82 14.44
N LEU A 213 -12.86 -19.09 13.18
CA LEU A 213 -13.84 -18.94 12.10
C LEU A 213 -14.90 -20.03 12.17
N LEU A 214 -14.53 -21.24 12.56
CA LEU A 214 -15.51 -22.31 12.70
C LEU A 214 -16.44 -22.04 13.87
N ALA A 215 -15.92 -21.44 14.95
CA ALA A 215 -16.74 -21.20 16.13
C ALA A 215 -17.80 -20.14 15.87
N GLU A 216 -17.48 -19.14 15.04
CA GLU A 216 -18.43 -18.08 14.74
C GLU A 216 -19.62 -18.57 13.92
N LYS A 217 -19.54 -19.77 13.34
CA LYS A 217 -20.65 -20.34 12.59
C LYS A 217 -21.63 -21.10 13.47
N THR A 218 -21.57 -20.90 14.78
CA THR A 218 -22.47 -21.51 15.75
C THR A 218 -23.07 -20.49 16.71
N GLY A 219 -22.28 -19.51 17.16
CA GLY A 219 -22.78 -18.50 18.08
C GLY A 219 -21.72 -18.08 19.08
N CYS A 220 -20.45 -18.43 18.80
CA CYS A 220 -19.32 -18.15 19.66
C CYS A 220 -18.76 -16.76 19.39
N PRO A 221 -18.20 -16.12 20.41
CA PRO A 221 -17.64 -14.78 20.22
C PRO A 221 -16.40 -14.80 19.33
N ARG A 222 -15.97 -13.61 18.94
CA ARG A 222 -14.79 -13.50 18.09
C ARG A 222 -13.52 -13.86 18.84
N ASP A 223 -13.52 -13.71 20.17
CA ASP A 223 -12.37 -14.05 20.98
C ASP A 223 -12.50 -15.47 21.51
N PRO A 224 -11.38 -16.23 21.61
CA PRO A 224 -10.03 -15.80 21.24
C PRO A 224 -9.79 -15.81 19.74
N ARG A 225 -8.91 -14.94 19.27
CA ARG A 225 -8.61 -14.80 17.85
C ARG A 225 -7.35 -15.57 17.49
N ILE A 226 -7.34 -16.13 16.29
CA ILE A 226 -6.18 -16.88 15.80
C ILE A 226 -5.32 -15.91 14.98
N VAL A 227 -4.14 -15.59 15.50
CA VAL A 227 -3.19 -14.70 14.83
C VAL A 227 -2.13 -15.57 14.16
N PRO A 228 -2.01 -15.53 12.84
CA PRO A 228 -1.03 -16.40 12.17
C PRO A 228 0.39 -15.92 12.40
N PHE A 229 1.25 -16.83 12.84
CA PHE A 229 2.68 -16.58 13.03
C PHE A 229 3.44 -17.61 12.19
N ARG A 230 3.92 -17.20 11.02
CA ARG A 230 4.62 -18.11 10.14
C ARG A 230 6.00 -18.47 10.69
N GLY A 231 6.35 -19.75 10.61
CA GLY A 231 7.66 -20.20 11.02
C GLY A 231 8.50 -20.65 9.84
N GLU A 232 9.40 -19.78 9.38
CA GLU A 232 10.21 -20.08 8.21
C GLU A 232 11.41 -20.94 8.59
N TYR A 233 11.80 -21.80 7.65
CA TYR A 233 12.92 -22.71 7.84
C TYR A 233 13.98 -22.48 6.77
N LEU A 234 15.23 -22.79 7.13
CA LEU A 234 16.35 -22.73 6.21
C LEU A 234 16.98 -24.11 6.08
N LEU A 235 17.55 -24.38 4.91
CA LEU A 235 18.10 -25.70 4.59
C LEU A 235 19.63 -25.61 4.58
N LEU A 236 20.26 -26.15 5.62
CA LEU A 236 21.71 -26.24 5.64
C LEU A 236 22.16 -27.30 4.63
N THR A 237 23.06 -26.91 3.73
CA THR A 237 23.46 -27.79 2.65
C THR A 237 24.24 -28.99 3.17
N LYS A 238 24.35 -30.01 2.31
CA LYS A 238 24.99 -31.26 2.71
C LYS A 238 26.45 -31.05 3.07
N GLU A 239 27.14 -30.12 2.38
CA GLU A 239 28.56 -29.91 2.61
C GLU A 239 28.87 -29.58 4.07
N LYS A 240 27.87 -29.13 4.85
CA LYS A 240 28.07 -28.84 6.26
C LYS A 240 26.99 -29.47 7.14
N GLN A 241 26.35 -30.54 6.66
CA GLN A 241 25.36 -31.24 7.48
C GLN A 241 25.98 -31.93 8.67
N HIS A 242 27.27 -32.27 8.60
CA HIS A 242 27.94 -32.96 9.71
C HIS A 242 28.22 -32.06 10.89
N MET A 243 28.10 -30.74 10.73
CA MET A 243 28.39 -29.82 11.83
C MET A 243 27.31 -29.83 12.90
N VAL A 244 26.19 -30.51 12.68
CA VAL A 244 25.11 -30.61 13.64
C VAL A 244 24.69 -32.07 13.73
N LYS A 245 24.83 -32.66 14.92
CA LYS A 245 24.45 -34.05 15.15
C LYS A 245 23.05 -34.18 15.73
N GLY A 246 22.75 -33.43 16.79
CA GLY A 246 21.44 -33.49 17.40
C GLY A 246 20.68 -32.18 17.30
N ASN A 247 19.88 -31.86 18.30
CA ASN A 247 19.09 -30.64 18.33
C ASN A 247 19.83 -29.58 19.16
N ILE A 248 20.00 -28.40 18.58
CA ILE A 248 20.68 -27.29 19.23
C ILE A 248 19.66 -26.17 19.39
N TYR A 249 19.11 -26.03 20.59
CA TYR A 249 18.12 -24.98 20.83
C TYR A 249 18.76 -23.80 21.55
N PRO A 250 18.32 -22.59 21.25
CA PRO A 250 18.78 -21.42 22.01
C PRO A 250 17.98 -21.28 23.31
N VAL A 251 18.40 -20.30 24.11
CA VAL A 251 17.69 -19.94 25.34
C VAL A 251 16.67 -18.87 24.99
N PRO A 252 15.39 -19.18 24.92
CA PRO A 252 14.40 -18.21 24.44
C PRO A 252 13.92 -17.30 25.57
N ASP A 253 13.19 -16.26 25.16
CA ASP A 253 12.57 -15.35 26.12
C ASP A 253 11.33 -16.01 26.73
N PRO A 254 11.23 -16.10 28.07
CA PRO A 254 10.07 -16.78 28.65
C PRO A 254 8.76 -16.08 28.39
N ARG A 255 8.77 -14.82 27.95
CA ARG A 255 7.53 -14.08 27.72
C ARG A 255 6.78 -14.55 26.49
N PHE A 256 7.38 -15.37 25.64
CA PHE A 256 6.75 -15.83 24.41
C PHE A 256 6.79 -17.36 24.36
N PRO A 257 5.76 -17.97 23.77
CA PRO A 257 5.78 -19.44 23.61
C PRO A 257 6.75 -19.92 22.54
N PHE A 258 7.30 -19.00 21.73
CA PHE A 258 8.21 -19.40 20.67
C PHE A 258 9.57 -19.79 21.27
N LEU A 259 10.11 -20.92 20.81
CA LEU A 259 11.37 -21.42 21.32
C LEU A 259 12.58 -20.86 20.60
N GLY A 260 12.39 -20.17 19.48
CA GLY A 260 13.47 -19.54 18.76
C GLY A 260 14.01 -20.39 17.62
N VAL A 261 14.85 -19.76 16.81
CA VAL A 261 15.49 -20.43 15.68
C VAL A 261 16.51 -21.42 16.22
N HIS A 262 16.29 -22.71 15.94
CA HIS A 262 17.13 -23.76 16.49
C HIS A 262 17.64 -24.67 15.37
N PHE A 263 18.69 -25.42 15.70
CA PHE A 263 19.26 -26.41 14.79
C PHE A 263 18.58 -27.75 15.05
N THR A 264 17.95 -28.32 14.02
CA THR A 264 17.19 -29.55 14.17
C THR A 264 17.39 -30.45 12.96
N PRO A 265 17.79 -31.70 13.17
CA PRO A 265 17.88 -32.65 12.05
C PRO A 265 16.52 -33.23 11.69
N ARG A 266 16.44 -33.70 10.45
CA ARG A 266 15.23 -34.31 9.93
C ARG A 266 15.43 -35.82 9.80
N MET A 267 14.34 -36.51 9.44
CA MET A 267 14.41 -37.96 9.30
C MET A 267 15.21 -38.39 8.08
N ASP A 268 15.34 -37.52 7.07
CA ASP A 268 16.13 -37.83 5.89
C ASP A 268 17.58 -37.38 6.02
N GLY A 269 18.02 -37.04 7.22
CA GLY A 269 19.39 -36.60 7.44
C GLY A 269 19.61 -35.11 7.24
N SER A 270 18.60 -34.37 6.78
CA SER A 270 18.76 -32.95 6.55
C SER A 270 18.88 -32.19 7.87
N ILE A 271 19.42 -30.98 7.78
CA ILE A 271 19.56 -30.09 8.93
C ILE A 271 18.77 -28.82 8.61
N TRP A 272 17.71 -28.57 9.37
CA TRP A 272 16.86 -27.41 9.16
C TRP A 272 17.12 -26.36 10.23
N LEU A 273 17.15 -25.10 9.81
CA LEU A 273 17.41 -23.97 10.68
C LEU A 273 16.12 -23.17 10.85
N GLY A 274 15.60 -23.13 12.07
CA GLY A 274 14.38 -22.43 12.36
C GLY A 274 13.57 -23.10 13.44
N PRO A 275 12.29 -22.70 13.58
CA PRO A 275 11.68 -21.63 12.78
C PRO A 275 11.72 -20.27 13.49
N ASN A 276 11.44 -19.21 12.73
CA ASN A 276 11.33 -17.87 13.30
C ASN A 276 9.85 -17.58 13.61
N ALA A 277 9.58 -16.35 14.05
CA ALA A 277 8.25 -15.92 14.44
C ALA A 277 7.89 -14.69 13.62
N VAL A 278 7.41 -14.91 12.40
CA VAL A 278 7.03 -13.84 11.49
C VAL A 278 5.50 -13.75 11.44
N LEU A 279 4.97 -12.56 11.65
CA LEU A 279 3.54 -12.33 11.55
C LEU A 279 3.10 -12.56 10.11
N ALA A 280 2.33 -13.62 9.88
CA ALA A 280 1.85 -13.94 8.54
C ALA A 280 0.67 -13.03 8.18
N LEU A 281 0.69 -12.51 6.95
CA LEU A 281 -0.38 -11.67 6.44
C LEU A 281 -1.53 -12.48 5.83
N LYS A 282 -1.78 -13.66 6.37
CA LYS A 282 -2.79 -14.59 5.87
C LYS A 282 -2.88 -15.75 6.84
N ARG A 283 -4.09 -16.29 7.01
CA ARG A 283 -4.27 -17.45 7.88
C ARG A 283 -3.41 -18.62 7.42
N GLU A 284 -3.43 -18.91 6.12
CA GLU A 284 -2.57 -19.92 5.51
C GLU A 284 -1.43 -19.28 4.72
N GLY A 285 -0.85 -18.20 5.26
CA GLY A 285 0.23 -17.52 4.58
C GLY A 285 1.58 -18.19 4.79
N TYR A 286 1.85 -19.21 3.98
CA TYR A 286 3.13 -19.92 4.07
C TYR A 286 4.27 -19.18 3.37
N THR A 287 3.97 -18.13 2.63
CA THR A 287 4.98 -17.33 1.94
C THR A 287 4.88 -15.87 2.38
N TRP A 288 5.92 -15.11 2.05
CA TRP A 288 5.95 -13.70 2.43
C TRP A 288 5.04 -12.85 1.57
N GLY A 289 4.71 -13.29 0.36
CA GLY A 289 3.97 -12.45 -0.56
C GLY A 289 2.47 -12.62 -0.53
N ASP A 290 2.01 -13.80 -0.12
CA ASP A 290 0.57 -14.08 -0.13
C ASP A 290 -0.11 -13.31 1.00
N ILE A 291 -0.97 -12.36 0.64
CA ILE A 291 -1.65 -11.51 1.59
C ILE A 291 -3.15 -11.61 1.35
N ASN A 292 -3.92 -11.62 2.44
CA ASN A 292 -5.38 -11.57 2.37
C ASN A 292 -5.83 -10.28 3.06
N LEU A 293 -6.38 -9.36 2.27
CA LEU A 293 -6.72 -8.04 2.80
C LEU A 293 -7.78 -8.12 3.89
N PHE A 294 -8.76 -9.00 3.72
CA PHE A 294 -9.80 -9.14 4.74
C PHE A 294 -9.25 -9.78 6.00
N GLU A 295 -8.34 -10.75 5.85
CA GLU A 295 -7.68 -11.34 7.01
C GLU A 295 -6.71 -10.39 7.68
N LEU A 296 -6.43 -9.24 7.06
CA LEU A 296 -5.64 -8.18 7.70
C LEU A 296 -6.54 -7.16 8.40
N PHE A 297 -7.61 -6.72 7.73
CA PHE A 297 -8.54 -5.77 8.31
C PHE A 297 -9.32 -6.34 9.48
N ASP A 298 -9.15 -7.62 9.80
CA ASP A 298 -9.74 -8.23 10.98
C ASP A 298 -8.73 -8.65 12.03
N ALA A 299 -7.52 -9.04 11.61
CA ALA A 299 -6.49 -9.39 12.58
C ALA A 299 -5.93 -8.16 13.28
N LEU A 300 -5.95 -7.02 12.60
CA LEU A 300 -5.47 -5.77 13.19
C LEU A 300 -6.58 -4.99 13.88
N ARG A 301 -7.82 -5.08 13.39
CA ARG A 301 -8.96 -4.48 14.07
C ARG A 301 -9.35 -5.21 15.33
N TYR A 302 -8.74 -6.37 15.60
CA TYR A 302 -9.01 -7.09 16.84
C TYR A 302 -8.50 -6.29 18.02
N PRO A 303 -9.28 -6.15 19.10
CA PRO A 303 -8.85 -5.29 20.22
C PRO A 303 -7.58 -5.75 20.89
N GLY A 304 -7.20 -7.03 20.76
CA GLY A 304 -6.02 -7.54 21.43
C GLY A 304 -4.73 -7.46 20.65
N PHE A 305 -4.79 -7.19 19.35
CA PHE A 305 -3.56 -7.15 18.56
C PHE A 305 -2.71 -5.93 18.92
N VAL A 306 -3.31 -4.75 18.90
CA VAL A 306 -2.56 -3.52 19.22
C VAL A 306 -2.06 -3.56 20.65
N LYS A 307 -2.80 -4.21 21.55
CA LYS A 307 -2.37 -4.30 22.94
C LYS A 307 -1.07 -5.10 23.05
N MET A 308 -0.92 -6.14 22.23
CA MET A 308 0.33 -6.88 22.20
C MET A 308 1.41 -6.14 21.41
N ALA A 309 1.01 -5.48 20.32
CA ALA A 309 1.96 -4.70 19.53
C ALA A 309 2.50 -3.51 20.32
N SER A 310 1.68 -2.96 21.23
CA SER A 310 2.14 -1.83 22.04
C SER A 310 3.28 -2.21 22.97
N LYS A 311 3.56 -3.50 23.15
CA LYS A 311 4.57 -3.95 24.09
C LYS A 311 5.66 -4.81 23.46
N TYR A 312 5.39 -5.49 22.36
CA TYR A 312 6.34 -6.44 21.78
C TYR A 312 6.39 -6.33 20.27
N ILE A 313 6.26 -5.12 19.73
CA ILE A 313 6.39 -4.99 18.27
C ILE A 313 7.87 -5.01 17.87
N GLY A 314 8.76 -4.54 18.74
CA GLY A 314 10.18 -4.61 18.43
C GLY A 314 10.70 -6.01 18.32
N PHE A 315 10.08 -6.96 19.02
CA PHE A 315 10.48 -8.36 18.92
C PHE A 315 10.02 -8.96 17.60
N GLY A 316 8.79 -8.63 17.17
CA GLY A 316 8.31 -9.13 15.89
C GLY A 316 9.03 -8.51 14.70
N LEU A 317 9.40 -7.24 14.81
CA LEU A 317 10.16 -6.60 13.73
C LEU A 317 11.57 -7.16 13.63
N SER A 318 12.15 -7.59 14.76
CA SER A 318 13.46 -8.24 14.72
C SER A 318 13.41 -9.54 13.93
N GLU A 319 12.36 -10.33 14.15
CA GLU A 319 12.22 -11.59 13.40
C GLU A 319 12.00 -11.32 11.91
N MET A 320 11.21 -10.29 11.58
CA MET A 320 10.99 -9.93 10.18
C MET A 320 12.27 -9.41 9.54
N SER A 321 13.06 -8.62 10.29
CA SER A 321 14.28 -8.06 9.72
C SER A 321 15.29 -9.14 9.38
N LYS A 322 15.46 -10.12 10.27
CA LYS A 322 16.38 -11.22 10.00
C LYS A 322 15.86 -12.16 8.92
N SER A 323 14.58 -12.07 8.56
CA SER A 323 14.04 -12.82 7.44
C SER A 323 14.22 -12.08 6.12
N TRP A 324 14.12 -10.75 6.14
CA TRP A 324 14.34 -9.96 4.93
C TRP A 324 15.79 -10.06 4.47
N PHE A 325 16.73 -10.00 5.42
CA PHE A 325 18.16 -10.10 5.14
C PHE A 325 18.70 -11.27 5.96
N ILE A 326 18.91 -12.41 5.31
CA ILE A 326 19.36 -13.61 6.02
C ILE A 326 20.79 -13.50 6.51
N ASN A 327 21.53 -12.47 6.11
CA ASN A 327 22.86 -12.26 6.67
C ASN A 327 22.78 -11.94 8.16
N LEU A 328 21.71 -11.28 8.59
CA LEU A 328 21.49 -11.05 10.01
C LEU A 328 21.14 -12.35 10.73
N GLN A 329 20.40 -13.24 10.06
CA GLN A 329 20.08 -14.54 10.64
C GLN A 329 21.32 -15.43 10.72
N ILE A 330 22.24 -15.30 9.76
CA ILE A 330 23.47 -16.08 9.79
C ILE A 330 24.34 -15.68 10.97
N LYS A 331 24.49 -14.37 11.19
CA LYS A 331 25.32 -13.90 12.29
C LYS A 331 24.76 -14.34 13.64
N ALA A 332 23.44 -14.44 13.76
CA ALA A 332 22.85 -14.94 15.00
C ALA A 332 23.14 -16.41 15.21
N LEU A 333 23.07 -17.21 14.15
CA LEU A 333 23.37 -18.62 14.25
C LEU A 333 24.86 -18.90 14.44
N GLN A 334 25.72 -17.96 14.05
CA GLN A 334 27.15 -18.13 14.23
C GLN A 334 27.59 -18.05 15.68
N LYS A 335 26.71 -17.61 16.59
CA LYS A 335 27.02 -17.69 18.01
C LYS A 335 27.13 -19.13 18.47
N TYR A 336 26.44 -20.04 17.78
CA TYR A 336 26.45 -21.46 18.11
C TYR A 336 27.34 -22.25 17.14
N ILE A 337 27.01 -22.23 15.85
CA ILE A 337 27.85 -22.84 14.83
C ILE A 337 28.54 -21.72 14.06
N PRO A 338 29.79 -21.38 14.40
CA PRO A 338 30.42 -20.17 13.84
C PRO A 338 31.08 -20.37 12.48
N ASP A 339 30.97 -21.55 11.86
CA ASP A 339 31.60 -21.78 10.57
C ASP A 339 30.59 -22.05 9.45
N ILE A 340 29.32 -21.70 9.65
CA ILE A 340 28.36 -21.67 8.54
C ILE A 340 28.16 -20.22 8.15
N THR A 341 27.92 -19.99 6.86
CA THR A 341 27.77 -18.65 6.34
C THR A 341 26.62 -18.63 5.35
N GLU A 342 26.48 -17.51 4.64
CA GLU A 342 25.34 -17.30 3.76
C GLU A 342 25.34 -18.23 2.56
N TYR A 343 26.49 -18.78 2.18
CA TYR A 343 26.56 -19.69 1.04
C TYR A 343 26.15 -21.11 1.38
N ASP A 344 25.88 -21.41 2.65
CA ASP A 344 25.57 -22.77 3.09
C ASP A 344 24.10 -22.97 3.41
N ILE A 345 23.25 -21.98 3.17
CA ILE A 345 21.84 -22.06 3.54
C ILE A 345 20.98 -21.79 2.31
N GLN A 346 19.80 -22.39 2.30
CA GLN A 346 18.80 -22.18 1.27
C GLN A 346 17.44 -21.99 1.95
N ARG A 347 16.58 -21.18 1.33
CA ARG A 347 15.24 -20.98 1.87
C ARG A 347 14.40 -22.23 1.61
N GLY A 348 13.79 -22.76 2.67
CA GLY A 348 12.98 -23.95 2.58
C GLY A 348 11.52 -23.69 2.90
N PRO A 349 10.75 -24.76 3.03
CA PRO A 349 9.32 -24.60 3.35
C PRO A 349 9.12 -24.05 4.75
N ALA A 350 7.89 -23.63 5.02
CA ALA A 350 7.55 -22.97 6.28
C ALA A 350 6.22 -23.50 6.79
N GLY A 351 5.93 -23.17 8.04
CA GLY A 351 4.65 -23.48 8.64
C GLY A 351 4.10 -22.26 9.36
N VAL A 352 2.78 -22.24 9.52
CA VAL A 352 2.07 -21.13 10.14
C VAL A 352 1.46 -21.61 11.45
N ARG A 353 1.76 -20.90 12.54
CA ARG A 353 1.24 -21.26 13.85
C ARG A 353 -0.19 -20.77 14.03
N ALA A 354 -1.01 -21.60 14.66
CA ALA A 354 -2.38 -21.22 15.00
C ALA A 354 -2.38 -20.58 16.40
N GLN A 355 -1.77 -19.40 16.46
CA GLN A 355 -1.56 -18.70 17.73
C GLN A 355 -2.86 -18.06 18.18
N ALA A 356 -3.35 -18.46 19.35
CA ALA A 356 -4.59 -17.93 19.90
C ALA A 356 -4.27 -16.75 20.82
N MET A 357 -5.04 -15.67 20.65
CA MET A 357 -4.83 -14.44 21.40
C MET A 357 -6.14 -13.98 22.01
N ASP A 358 -6.08 -13.53 23.26
CA ASP A 358 -7.27 -13.04 23.95
C ASP A 358 -7.45 -11.54 23.66
N LEU A 359 -8.49 -10.95 24.25
CA LEU A 359 -8.77 -9.54 24.03
C LEU A 359 -7.75 -8.62 24.69
N ASP A 360 -7.00 -9.13 25.67
CA ASP A 360 -5.98 -8.33 26.34
C ASP A 360 -4.62 -8.40 25.64
N GLY A 361 -4.46 -9.28 24.67
CA GLY A 361 -3.22 -9.39 23.92
C GLY A 361 -2.32 -10.54 24.30
N ASN A 362 -2.62 -11.24 25.41
CA ASN A 362 -1.80 -12.34 25.85
C ASN A 362 -2.06 -13.58 25.00
N LEU A 363 -0.99 -14.25 24.59
CA LEU A 363 -1.12 -15.47 23.80
C LEU A 363 -1.59 -16.61 24.70
N VAL A 364 -2.77 -17.14 24.41
CA VAL A 364 -3.35 -18.20 25.23
C VAL A 364 -2.56 -19.48 25.05
N ASP A 365 -2.44 -20.25 26.14
CA ASP A 365 -1.74 -21.53 26.09
C ASP A 365 -2.50 -22.63 26.82
N ASP A 366 -3.74 -22.41 27.22
CA ASP A 366 -4.53 -23.41 27.91
C ASP A 366 -5.58 -24.00 26.98
N PHE A 367 -6.38 -24.91 27.52
CA PHE A 367 -7.52 -25.43 26.77
C PHE A 367 -8.62 -24.38 26.69
N VAL A 368 -9.17 -24.19 25.49
CA VAL A 368 -10.24 -23.22 25.26
C VAL A 368 -11.35 -23.96 24.51
N PHE A 369 -12.39 -24.34 25.24
CA PHE A 369 -13.57 -24.95 24.65
C PHE A 369 -14.70 -23.93 24.61
N ASP A 370 -15.41 -23.87 23.48
CA ASP A 370 -16.43 -22.87 23.26
C ASP A 370 -17.62 -23.47 22.54
N ARG A 371 -18.80 -22.94 22.83
CA ARG A 371 -20.03 -23.36 22.18
C ARG A 371 -20.97 -22.17 22.12
N GLY A 372 -22.01 -22.29 21.29
CA GLY A 372 -22.96 -21.21 21.14
C GLY A 372 -23.80 -20.99 22.39
N GLN A 373 -24.35 -19.79 22.49
CA GLN A 373 -25.19 -19.42 23.61
C GLN A 373 -26.63 -19.86 23.37
N GLY A 374 -27.34 -20.12 24.45
CA GLY A 374 -28.72 -20.56 24.38
C GLY A 374 -28.87 -22.06 24.51
N SER A 375 -30.08 -22.52 24.20
CA SER A 375 -30.43 -23.93 24.26
C SER A 375 -30.87 -24.46 22.90
N GLY A 376 -30.39 -23.82 21.82
CA GLY A 376 -30.74 -24.24 20.48
C GLY A 376 -30.04 -25.52 20.08
N ALA A 377 -30.29 -25.92 18.83
CA ALA A 377 -29.70 -27.16 18.30
C ALA A 377 -28.26 -26.95 17.88
N LEU A 378 -27.96 -25.82 17.23
CA LEU A 378 -26.58 -25.53 16.85
C LEU A 378 -25.70 -25.32 18.08
N ALA A 379 -26.24 -24.69 19.11
CA ALA A 379 -25.54 -24.62 20.38
C ALA A 379 -25.62 -25.97 21.09
N LYS A 380 -24.91 -26.08 22.21
CA LYS A 380 -24.88 -27.29 23.03
C LYS A 380 -24.29 -28.49 22.30
N ARG A 381 -24.71 -28.74 21.07
CA ARG A 381 -24.27 -29.92 20.33
C ARG A 381 -23.01 -29.68 19.50
N VAL A 382 -22.55 -28.45 19.36
CA VAL A 382 -21.35 -28.13 18.59
C VAL A 382 -20.38 -27.45 19.54
N LEU A 383 -19.36 -28.17 19.98
CA LEU A 383 -18.33 -27.66 20.87
C LEU A 383 -17.05 -27.42 20.07
N HIS A 384 -16.50 -26.23 20.17
CA HIS A 384 -15.29 -25.84 19.44
C HIS A 384 -14.10 -25.80 20.37
N CYS A 385 -13.03 -26.51 19.99
CA CYS A 385 -11.77 -26.44 20.72
C CYS A 385 -10.96 -25.31 20.11
N ARG A 386 -11.10 -24.12 20.69
CA ARG A 386 -10.46 -22.94 20.13
C ARG A 386 -8.94 -23.02 20.21
N ASN A 387 -8.40 -23.72 21.21
CA ASN A 387 -6.96 -23.80 21.38
C ASN A 387 -6.63 -25.02 22.22
N ALA A 388 -5.54 -25.70 21.85
CA ALA A 388 -4.97 -26.79 22.61
C ALA A 388 -3.55 -26.43 23.04
N PRO A 389 -3.13 -26.83 24.25
CA PRO A 389 -1.81 -26.44 24.73
C PRO A 389 -0.70 -27.03 23.87
N SER A 390 0.32 -26.20 23.60
CA SER A 390 1.46 -26.61 22.80
C SER A 390 2.46 -27.38 23.67
N PRO A 391 3.24 -28.30 23.07
CA PRO A 391 3.23 -28.68 21.65
C PRO A 391 2.10 -29.64 21.31
N GLY A 392 1.32 -29.29 20.28
CA GLY A 392 0.21 -30.15 19.89
C GLY A 392 0.65 -31.48 19.32
N ALA A 393 1.84 -31.53 18.71
CA ALA A 393 2.32 -32.77 18.12
C ALA A 393 2.77 -33.75 19.19
N THR A 394 3.60 -33.29 20.14
CA THR A 394 4.10 -34.19 21.18
C THR A 394 2.98 -34.57 22.15
N SER A 395 2.16 -33.62 22.55
CA SER A 395 1.05 -33.87 23.46
C SER A 395 -0.19 -34.39 22.75
N SER A 396 -0.05 -34.90 21.52
CA SER A 396 -1.22 -35.30 20.74
C SER A 396 -2.03 -36.38 21.45
N LEU A 397 -1.37 -37.46 21.86
CA LEU A 397 -2.08 -38.54 22.54
C LEU A 397 -2.57 -38.12 23.92
N ALA A 398 -1.82 -37.25 24.60
CA ALA A 398 -2.25 -36.78 25.92
C ALA A 398 -3.42 -35.82 25.81
N ILE A 399 -3.37 -34.89 24.85
CA ILE A 399 -4.49 -33.99 24.61
C ILE A 399 -5.72 -34.77 24.16
N ALA A 400 -5.52 -35.84 23.39
CA ALA A 400 -6.65 -36.63 22.90
C ALA A 400 -7.43 -37.25 24.06
N LYS A 401 -6.74 -37.66 25.11
CA LYS A 401 -7.45 -38.24 26.26
C LYS A 401 -8.27 -37.18 26.98
N MET A 402 -7.76 -35.94 27.05
CA MET A 402 -8.48 -34.88 27.74
C MET A 402 -9.62 -34.32 26.90
N ILE A 403 -9.46 -34.27 25.57
CA ILE A 403 -10.56 -33.84 24.72
C ILE A 403 -11.69 -34.86 24.74
N ALA A 404 -11.34 -36.16 24.73
CA ALA A 404 -12.36 -37.19 24.83
C ALA A 404 -13.09 -37.11 26.17
N ASP A 405 -12.38 -36.78 27.24
CA ASP A 405 -13.03 -36.58 28.53
C ASP A 405 -13.99 -35.40 28.47
N LYS A 406 -13.61 -34.33 27.77
CA LYS A 406 -14.48 -33.17 27.64
C LYS A 406 -15.68 -33.48 26.75
N ILE A 407 -15.52 -34.35 25.76
CA ILE A 407 -16.64 -34.70 24.89
C ILE A 407 -17.68 -35.54 25.64
N GLU A 408 -17.22 -36.49 26.45
CA GLU A 408 -18.14 -37.31 27.22
C GLU A 408 -18.95 -36.46 28.20
N ASN A 409 -18.31 -35.46 28.82
CA ASN A 409 -19.02 -34.61 29.77
C ASN A 409 -19.98 -33.67 29.06
N GLU A 410 -19.59 -33.16 27.88
CA GLU A 410 -20.39 -32.16 27.20
C GLU A 410 -21.55 -32.77 26.42
N PHE A 411 -21.38 -33.97 25.87
CA PHE A 411 -22.36 -34.56 24.97
C PHE A 411 -23.09 -35.76 25.57
N SER A 412 -22.75 -36.17 26.80
CA SER A 412 -23.41 -37.28 27.49
C SER A 412 -23.31 -38.57 26.66
N ILE A 413 -22.07 -39.04 26.53
CA ILE A 413 -21.77 -40.25 25.78
C ILE A 413 -21.55 -41.40 26.76
N GLY A 414 -22.27 -42.50 26.55
CA GLY A 414 -22.14 -43.68 27.40
C GLY A 414 -20.86 -44.44 27.17
N ASP B 2 -4.84 45.15 19.10
CA ASP B 2 -3.98 45.90 18.20
C ASP B 2 -4.79 46.46 17.02
N TYR B 3 -5.65 45.64 16.45
CA TYR B 3 -6.46 46.00 15.29
C TYR B 3 -7.94 45.97 15.66
N ASP B 4 -8.79 46.13 14.65
CA ASP B 4 -10.23 46.06 14.80
C ASP B 4 -10.88 44.97 13.97
N LEU B 5 -10.23 44.52 12.90
CA LEU B 5 -10.77 43.45 12.05
C LEU B 5 -9.61 42.73 11.38
N VAL B 6 -9.71 41.42 11.28
CA VAL B 6 -8.69 40.57 10.68
C VAL B 6 -9.33 39.66 9.65
N VAL B 7 -8.68 39.52 8.49
CA VAL B 7 -9.12 38.63 7.43
C VAL B 7 -8.03 37.58 7.25
N VAL B 8 -8.28 36.37 7.73
CA VAL B 8 -7.33 35.27 7.60
C VAL B 8 -7.46 34.68 6.21
N GLY B 9 -6.37 34.69 5.44
CA GLY B 9 -6.37 34.20 4.09
C GLY B 9 -6.10 35.28 3.07
N GLY B 10 -4.95 35.18 2.40
CA GLY B 10 -4.57 36.19 1.44
C GLY B 10 -4.92 35.84 0.00
N GLY B 11 -5.94 35.03 -0.19
CA GLY B 11 -6.41 34.68 -1.51
C GLY B 11 -7.19 35.82 -2.14
N ILE B 12 -7.73 35.55 -3.32
CA ILE B 12 -8.50 36.57 -4.03
C ILE B 12 -9.81 36.86 -3.30
N VAL B 13 -10.33 35.90 -2.55
CA VAL B 13 -11.52 36.14 -1.75
C VAL B 13 -11.19 36.96 -0.51
N GLY B 14 -10.13 36.58 0.20
CA GLY B 14 -9.75 37.31 1.40
C GLY B 14 -9.23 38.70 1.10
N ALA B 15 -8.57 38.88 -0.05
CA ALA B 15 -8.06 40.20 -0.40
C ALA B 15 -9.18 41.12 -0.88
N ALA B 16 -10.09 40.61 -1.71
CA ALA B 16 -11.19 41.45 -2.19
C ALA B 16 -12.15 41.79 -1.06
N SER B 17 -12.36 40.88 -0.11
CA SER B 17 -13.23 41.18 1.03
C SER B 17 -12.59 42.22 1.94
N ALA B 18 -11.28 42.13 2.15
CA ALA B 18 -10.59 43.14 2.96
C ALA B 18 -10.48 44.46 2.22
N ARG B 19 -10.34 44.43 0.90
CA ARG B 19 -10.30 45.66 0.12
C ARG B 19 -11.66 46.34 0.08
N GLU B 20 -12.74 45.56 0.04
CA GLU B 20 -14.08 46.13 -0.04
C GLU B 20 -14.50 46.77 1.27
N ILE B 21 -14.11 46.16 2.40
CA ILE B 21 -14.60 46.63 3.69
C ILE B 21 -13.92 47.91 4.16
N VAL B 22 -12.74 48.23 3.63
CA VAL B 22 -12.10 49.49 4.00
C VAL B 22 -12.63 50.65 3.16
N LEU B 23 -12.99 50.38 1.90
CA LEU B 23 -13.66 51.41 1.10
C LEU B 23 -15.06 51.69 1.64
N ARG B 24 -15.67 50.71 2.30
CA ARG B 24 -16.93 50.95 3.00
C ARG B 24 -16.72 51.93 4.16
N HIS B 25 -15.88 51.55 5.13
CA HIS B 25 -15.58 52.40 6.28
C HIS B 25 -14.06 52.53 6.38
N PRO B 26 -13.50 53.68 5.97
CA PRO B 26 -12.04 53.86 6.08
C PRO B 26 -11.61 54.25 7.48
N SER B 27 -12.23 53.63 8.49
CA SER B 27 -11.97 53.96 9.88
C SER B 27 -11.35 52.83 10.67
N LEU B 28 -11.61 51.57 10.32
CA LEU B 28 -11.15 50.44 11.11
C LEU B 28 -9.69 50.11 10.80
N LYS B 29 -8.98 49.65 11.82
CA LYS B 29 -7.63 49.11 11.64
C LYS B 29 -7.75 47.65 11.22
N VAL B 30 -7.45 47.36 9.97
CA VAL B 30 -7.68 46.04 9.39
C VAL B 30 -6.35 45.41 9.05
N ALA B 31 -6.31 44.07 9.13
CA ALA B 31 -5.11 43.31 8.83
C ALA B 31 -5.50 42.05 8.07
N VAL B 32 -4.55 41.50 7.33
CA VAL B 32 -4.73 40.28 6.56
C VAL B 32 -3.59 39.32 6.90
N LEU B 33 -3.94 38.08 7.21
CA LEU B 33 -2.96 37.06 7.59
C LEU B 33 -2.87 36.03 6.48
N GLU B 34 -1.65 35.81 5.98
CA GLU B 34 -1.40 34.83 4.94
C GLU B 34 -0.13 34.06 5.29
N LYS B 35 -0.17 32.74 5.14
CA LYS B 35 0.93 31.90 5.57
C LYS B 35 2.08 31.87 4.58
N GLU B 36 1.85 32.19 3.31
CA GLU B 36 2.89 32.15 2.30
C GLU B 36 3.58 33.50 2.17
N CYS B 37 4.69 33.50 1.43
CA CYS B 37 5.47 34.72 1.20
C CYS B 37 4.59 35.82 0.60
N LYS B 38 3.93 35.54 -0.50
CA LYS B 38 3.15 36.52 -1.25
C LYS B 38 1.69 36.08 -1.30
N LEU B 39 0.85 36.94 -1.89
CA LEU B 39 -0.57 36.66 -2.03
C LEU B 39 -0.82 35.85 -3.30
N ALA B 40 -1.97 35.17 -3.31
CA ALA B 40 -2.40 34.35 -4.45
C ALA B 40 -1.35 33.30 -4.80
N LYS B 41 -1.04 32.46 -3.81
CA LYS B 41 -0.06 31.40 -3.96
C LYS B 41 -0.70 30.03 -4.18
N HIS B 42 -2.04 29.95 -4.15
CA HIS B 42 -2.71 28.67 -4.30
C HIS B 42 -3.78 28.72 -5.39
N GLN B 43 -5.05 28.71 -4.98
CA GLN B 43 -6.14 28.62 -5.96
C GLN B 43 -6.16 29.84 -6.86
N SER B 44 -6.09 31.05 -6.28
CA SER B 44 -6.08 32.26 -7.08
C SER B 44 -4.77 32.47 -7.82
N GLY B 45 -3.75 31.66 -7.56
CA GLY B 45 -2.50 31.76 -8.26
C GLY B 45 -2.29 30.63 -9.26
N HIS B 46 -3.11 29.58 -9.14
CA HIS B 46 -3.03 28.41 -10.02
C HIS B 46 -4.40 28.11 -10.60
N ASN B 47 -4.97 29.09 -11.29
CA ASN B 47 -6.26 28.95 -11.94
C ASN B 47 -6.09 29.04 -13.46
N SER B 48 -7.21 28.89 -14.17
CA SER B 48 -7.19 28.96 -15.62
C SER B 48 -7.08 30.39 -16.15
N GLY B 49 -7.30 31.39 -15.31
CA GLY B 49 -7.20 32.77 -15.73
C GLY B 49 -8.35 33.29 -16.54
N VAL B 50 -9.43 32.51 -16.67
CA VAL B 50 -10.57 32.88 -17.52
C VAL B 50 -11.52 33.77 -16.74
N ILE B 51 -12.00 34.83 -17.39
CA ILE B 51 -13.06 35.67 -16.86
C ILE B 51 -14.37 35.09 -17.38
N HIS B 52 -15.06 34.33 -16.53
CA HIS B 52 -16.28 33.65 -16.94
C HIS B 52 -17.43 34.65 -17.11
N ALA B 53 -18.40 34.26 -17.94
CA ALA B 53 -19.58 35.07 -18.19
C ALA B 53 -20.82 34.57 -17.45
N GLY B 54 -20.94 33.26 -17.24
CA GLY B 54 -22.08 32.71 -16.54
C GLY B 54 -23.08 32.06 -17.47
N ILE B 55 -22.77 30.85 -17.94
CA ILE B 55 -23.60 30.13 -18.90
C ILE B 55 -24.16 28.84 -18.32
N TYR B 56 -23.34 28.11 -17.56
CA TYR B 56 -23.76 26.81 -17.05
C TYR B 56 -24.76 26.91 -15.92
N TYR B 57 -24.90 28.09 -15.31
CA TYR B 57 -25.66 28.23 -14.07
C TYR B 57 -27.13 28.52 -14.38
N LYS B 58 -28.00 28.03 -13.50
CA LYS B 58 -29.42 28.17 -13.70
C LYS B 58 -29.85 29.63 -13.52
N PRO B 59 -30.88 30.06 -14.25
CA PRO B 59 -31.38 31.44 -14.08
C PRO B 59 -32.02 31.62 -12.72
N GLY B 60 -32.00 32.87 -12.24
CA GLY B 60 -32.56 33.19 -10.96
C GLY B 60 -31.77 32.69 -9.75
N THR B 61 -30.68 31.98 -9.97
CA THR B 61 -29.86 31.48 -8.88
C THR B 61 -29.05 32.62 -8.25
N LEU B 62 -28.32 32.29 -7.19
CA LEU B 62 -27.39 33.24 -6.62
C LEU B 62 -26.04 33.19 -7.33
N LYS B 63 -25.57 31.98 -7.66
CA LYS B 63 -24.28 31.85 -8.34
C LYS B 63 -24.25 32.62 -9.64
N ALA B 64 -25.34 32.55 -10.42
CA ALA B 64 -25.39 33.29 -11.67
C ALA B 64 -25.54 34.79 -11.46
N ARG B 65 -25.97 35.21 -10.27
CA ARG B 65 -26.10 36.64 -9.99
C ARG B 65 -24.72 37.30 -9.86
N LEU B 66 -23.86 36.73 -9.01
CA LEU B 66 -22.53 37.30 -8.84
C LEU B 66 -21.66 37.10 -10.07
N CYS B 67 -21.86 36.00 -10.81
CA CYS B 67 -21.00 35.71 -11.95
C CYS B 67 -21.20 36.73 -13.06
N VAL B 68 -22.45 37.06 -13.38
CA VAL B 68 -22.70 38.10 -14.38
C VAL B 68 -22.36 39.47 -13.83
N GLU B 69 -22.57 39.69 -12.53
CA GLU B 69 -22.21 40.97 -11.93
C GLU B 69 -20.70 41.11 -11.78
N GLY B 70 -20.06 40.13 -11.13
CA GLY B 70 -18.62 40.20 -10.92
C GLY B 70 -17.83 40.30 -12.20
N MET B 71 -18.32 39.67 -13.28
CA MET B 71 -17.67 39.81 -14.57
C MET B 71 -17.74 41.25 -15.07
N HIS B 72 -18.89 41.90 -14.88
CA HIS B 72 -18.99 43.32 -15.22
C HIS B 72 -18.20 44.17 -14.24
N LEU B 73 -18.22 43.81 -12.95
CA LEU B 73 -17.41 44.52 -11.98
C LEU B 73 -15.92 44.31 -12.22
N ALA B 74 -15.55 43.15 -12.79
CA ALA B 74 -14.15 42.92 -13.12
C ALA B 74 -13.69 43.85 -14.23
N TYR B 75 -14.33 43.79 -15.40
CA TYR B 75 -13.95 44.63 -16.52
C TYR B 75 -13.94 46.10 -16.16
N ALA B 76 -14.81 46.52 -15.22
CA ALA B 76 -14.75 47.89 -14.73
C ALA B 76 -13.51 48.11 -13.89
N TYR B 77 -13.15 47.14 -13.04
CA TYR B 77 -11.93 47.26 -12.25
C TYR B 77 -10.69 47.05 -13.09
N LEU B 78 -10.80 46.30 -14.19
CA LEU B 78 -9.63 46.06 -15.02
C LEU B 78 -9.25 47.31 -15.80
N ASP B 79 -10.24 48.10 -16.21
CA ASP B 79 -9.96 49.37 -16.89
C ASP B 79 -9.64 50.48 -15.89
N GLU B 80 -10.17 50.40 -14.67
CA GLU B 80 -9.87 51.41 -13.66
C GLU B 80 -8.39 51.36 -13.29
N LYS B 81 -7.85 50.16 -13.08
CA LYS B 81 -6.45 49.98 -12.72
C LYS B 81 -5.56 49.69 -13.92
N LYS B 82 -6.11 49.71 -15.14
CA LYS B 82 -5.37 49.40 -16.36
C LYS B 82 -4.69 48.03 -16.27
N ILE B 83 -5.41 47.06 -15.74
CA ILE B 83 -4.88 45.70 -15.67
C ILE B 83 -4.89 45.09 -17.06
N PRO B 84 -3.77 44.53 -17.54
CA PRO B 84 -3.77 43.91 -18.87
C PRO B 84 -4.74 42.73 -18.90
N TYR B 85 -5.66 42.77 -19.85
CA TYR B 85 -6.58 41.66 -20.09
C TYR B 85 -6.79 41.52 -21.59
N LYS B 86 -7.49 40.46 -21.98
CA LYS B 86 -7.71 40.17 -23.39
C LYS B 86 -9.02 39.43 -23.56
N LYS B 87 -9.96 40.05 -24.26
CA LYS B 87 -11.26 39.43 -24.55
C LYS B 87 -11.09 38.47 -25.71
N THR B 88 -10.97 37.18 -25.40
CA THR B 88 -10.71 36.18 -26.42
C THR B 88 -11.98 35.51 -26.94
N GLY B 89 -13.02 35.43 -26.13
CA GLY B 89 -14.20 34.69 -26.49
C GLY B 89 -14.09 33.21 -26.15
N LYS B 90 -15.25 32.59 -25.96
CA LYS B 90 -15.33 31.19 -25.57
C LYS B 90 -16.31 30.46 -26.47
N LEU B 91 -15.89 29.31 -26.98
CA LEU B 91 -16.72 28.45 -27.82
C LEU B 91 -16.93 27.13 -27.10
N ILE B 92 -18.18 26.86 -26.71
CA ILE B 92 -18.54 25.60 -26.07
C ILE B 92 -18.96 24.64 -27.17
N VAL B 93 -18.01 23.82 -27.63
CA VAL B 93 -18.21 22.96 -28.78
C VAL B 93 -18.80 21.64 -28.34
N ALA B 94 -19.70 21.09 -29.15
CA ALA B 94 -20.34 19.81 -28.90
C ALA B 94 -20.01 18.87 -30.05
N THR B 95 -19.59 17.65 -29.71
CA THR B 95 -19.24 16.64 -30.73
C THR B 95 -20.49 15.86 -31.14
N ASP B 96 -21.01 15.03 -30.24
CA ASP B 96 -22.18 14.23 -30.53
C ASP B 96 -23.45 15.06 -30.39
N GLU B 97 -24.54 14.54 -30.95
CA GLU B 97 -25.85 15.18 -30.77
C GLU B 97 -26.28 15.15 -29.31
N LYS B 98 -25.87 14.13 -28.56
CA LYS B 98 -26.20 14.08 -27.14
C LYS B 98 -25.62 15.27 -26.39
N GLU B 99 -24.47 15.77 -26.82
CA GLU B 99 -23.92 17.00 -26.26
C GLU B 99 -24.63 18.24 -26.79
N VAL B 100 -25.23 18.15 -27.98
CA VAL B 100 -25.98 19.28 -28.52
C VAL B 100 -27.24 19.53 -27.71
N LYS B 101 -27.92 18.46 -27.27
CA LYS B 101 -29.09 18.61 -26.42
C LYS B 101 -28.72 19.30 -25.11
N LEU B 102 -27.55 18.98 -24.56
CA LEU B 102 -27.05 19.71 -23.40
C LEU B 102 -26.54 21.09 -23.78
N LEU B 103 -26.07 21.27 -25.02
CA LEU B 103 -25.60 22.57 -25.46
C LEU B 103 -26.75 23.56 -25.61
N LYS B 104 -27.92 23.08 -26.07
CA LYS B 104 -29.08 23.96 -26.14
C LYS B 104 -29.59 24.32 -24.74
N ASP B 105 -29.41 23.43 -23.77
CA ASP B 105 -29.74 23.78 -22.39
C ASP B 105 -28.77 24.82 -21.83
N LEU B 106 -27.52 24.84 -22.33
CA LEU B 106 -26.59 25.89 -21.93
C LEU B 106 -26.98 27.23 -22.53
N GLU B 107 -27.52 27.22 -23.76
CA GLU B 107 -27.96 28.46 -24.38
C GLU B 107 -29.23 28.98 -23.72
N LYS B 108 -30.18 28.09 -23.43
CA LYS B 108 -31.42 28.50 -22.77
C LYS B 108 -31.14 29.06 -21.38
N ARG B 109 -30.25 28.43 -20.62
CA ARG B 109 -29.88 28.98 -19.33
C ARG B 109 -29.04 30.25 -19.45
N GLY B 110 -28.47 30.52 -20.62
CA GLY B 110 -27.61 31.69 -20.76
C GLY B 110 -28.32 32.95 -21.20
N ILE B 111 -29.40 32.79 -21.97
CA ILE B 111 -30.16 33.95 -22.43
C ILE B 111 -30.87 34.62 -21.27
N ALA B 112 -31.18 33.86 -20.22
CA ALA B 112 -31.87 34.42 -19.07
C ALA B 112 -30.92 35.01 -18.04
N ASN B 113 -29.64 34.61 -18.05
CA ASN B 113 -28.62 35.22 -17.21
C ASN B 113 -28.08 36.52 -17.79
N ASN B 114 -28.60 36.98 -18.93
CA ASN B 114 -28.15 38.22 -19.57
C ASN B 114 -26.65 38.18 -19.88
N VAL B 115 -26.28 37.23 -20.75
CA VAL B 115 -24.89 37.12 -21.21
C VAL B 115 -24.76 37.90 -22.52
N PRO B 116 -23.79 38.80 -22.63
CA PRO B 116 -23.70 39.65 -23.84
C PRO B 116 -23.36 38.85 -25.08
N ASP B 117 -24.22 38.96 -26.09
CA ASP B 117 -24.00 38.41 -27.44
C ASP B 117 -23.80 36.90 -27.41
N LEU B 118 -24.82 36.20 -26.91
CA LEU B 118 -24.83 34.74 -26.96
C LEU B 118 -25.37 34.30 -28.32
N ARG B 119 -24.52 33.71 -29.13
CA ARG B 119 -24.88 33.25 -30.47
C ARG B 119 -24.57 31.76 -30.59
N MET B 120 -25.52 31.02 -31.15
CA MET B 120 -25.36 29.58 -31.37
C MET B 120 -24.92 29.38 -32.82
N ILE B 121 -23.64 29.06 -33.00
CA ILE B 121 -23.08 28.84 -34.32
C ILE B 121 -23.09 27.35 -34.62
N GLU B 122 -22.94 27.01 -35.90
CA GLU B 122 -22.93 25.63 -36.34
C GLU B 122 -22.36 25.55 -37.74
N GLY B 123 -21.78 24.40 -38.05
CA GLY B 123 -21.35 24.15 -39.42
C GLY B 123 -20.03 24.83 -39.69
N SER B 124 -19.93 25.43 -40.89
CA SER B 124 -18.68 26.09 -41.30
C SER B 124 -18.38 27.35 -40.49
N GLU B 125 -19.38 27.90 -39.80
CA GLU B 125 -19.16 29.07 -38.96
C GLU B 125 -18.39 28.76 -37.69
N ILE B 126 -18.04 27.49 -37.45
CA ILE B 126 -17.25 27.15 -36.26
C ILE B 126 -15.81 27.57 -36.45
N GLN B 127 -15.24 27.26 -37.61
CA GLN B 127 -13.83 27.52 -37.87
C GLN B 127 -13.55 28.99 -38.21
N GLU B 128 -14.59 29.81 -38.37
CA GLU B 128 -14.36 31.23 -38.60
C GLU B 128 -13.88 31.95 -37.35
N ILE B 129 -13.99 31.32 -36.18
CA ILE B 129 -13.47 31.88 -34.94
C ILE B 129 -12.25 31.10 -34.45
N GLU B 130 -12.30 29.78 -34.53
CA GLU B 130 -11.16 28.91 -34.21
C GLU B 130 -10.94 27.98 -35.38
N PRO B 131 -9.94 28.25 -36.23
CA PRO B 131 -9.82 27.52 -37.51
C PRO B 131 -9.37 26.08 -37.39
N TYR B 132 -9.01 25.62 -36.20
CA TYR B 132 -8.51 24.26 -36.03
C TYR B 132 -9.44 23.39 -35.18
N CYS B 133 -10.63 23.87 -34.86
CA CYS B 133 -11.58 23.14 -34.04
C CYS B 133 -12.72 22.60 -34.90
N GLN B 134 -13.22 21.42 -34.52
CA GLN B 134 -14.30 20.78 -35.26
C GLN B 134 -15.62 20.92 -34.50
N GLY B 135 -16.41 19.86 -34.46
CA GLY B 135 -17.65 19.83 -33.72
C GLY B 135 -18.86 20.05 -34.61
N VAL B 136 -20.03 19.69 -34.08
CA VAL B 136 -21.28 19.87 -34.79
C VAL B 136 -21.91 21.23 -34.51
N MET B 137 -21.96 21.62 -33.24
CA MET B 137 -22.53 22.91 -32.86
C MET B 137 -21.66 23.52 -31.77
N ALA B 138 -21.76 24.85 -31.64
CA ALA B 138 -20.98 25.57 -30.64
C ALA B 138 -21.72 26.82 -30.23
N LEU B 139 -21.52 27.21 -28.96
CA LEU B 139 -22.14 28.40 -28.39
C LEU B 139 -21.07 29.47 -28.21
N HIS B 140 -21.32 30.65 -28.76
CA HIS B 140 -20.34 31.72 -28.79
C HIS B 140 -20.65 32.75 -27.71
N SER B 141 -19.64 33.11 -26.93
CA SER B 141 -19.74 34.17 -25.91
C SER B 141 -18.49 35.04 -26.02
N PRO B 142 -18.48 35.99 -26.96
CA PRO B 142 -17.29 36.82 -27.17
C PRO B 142 -16.96 37.77 -26.03
N HIS B 143 -17.81 37.86 -25.00
CA HIS B 143 -17.53 38.74 -23.87
C HIS B 143 -16.55 38.13 -22.89
N THR B 144 -16.33 36.82 -22.95
CA THR B 144 -15.39 36.17 -22.04
C THR B 144 -13.96 36.57 -22.38
N GLY B 145 -13.14 36.73 -21.34
CA GLY B 145 -11.75 37.09 -21.50
C GLY B 145 -10.87 36.32 -20.54
N ILE B 146 -9.57 36.59 -20.62
CA ILE B 146 -8.59 35.96 -19.76
C ILE B 146 -7.73 37.05 -19.11
N VAL B 147 -7.26 36.78 -17.90
CA VAL B 147 -6.47 37.74 -17.14
C VAL B 147 -5.69 36.97 -16.08
N ASP B 148 -4.61 37.58 -15.60
CA ASP B 148 -3.81 37.01 -14.52
C ASP B 148 -4.53 37.29 -13.21
N TRP B 149 -5.27 36.30 -12.71
CA TRP B 149 -5.98 36.48 -11.44
C TRP B 149 -5.03 36.65 -10.27
N GLY B 150 -3.84 36.06 -10.35
CA GLY B 150 -2.85 36.29 -9.31
C GLY B 150 -2.33 37.72 -9.29
N LEU B 151 -2.40 38.40 -10.43
CA LEU B 151 -2.00 39.79 -10.49
C LEU B 151 -3.09 40.71 -9.97
N VAL B 152 -4.36 40.35 -10.18
CA VAL B 152 -5.45 41.16 -9.64
C VAL B 152 -5.55 41.01 -8.13
N THR B 153 -5.12 39.85 -7.60
CA THR B 153 -5.17 39.64 -6.16
C THR B 153 -4.20 40.57 -5.43
N GLU B 154 -2.97 40.68 -5.94
CA GLU B 154 -2.01 41.60 -5.34
C GLU B 154 -2.38 43.05 -5.60
N HIS B 155 -3.19 43.33 -6.63
CA HIS B 155 -3.72 44.67 -6.79
C HIS B 155 -4.83 44.94 -5.78
N TYR B 156 -5.55 43.91 -5.35
CA TYR B 156 -6.50 44.07 -4.26
C TYR B 156 -5.79 44.41 -2.96
N GLY B 157 -4.64 43.78 -2.71
CA GLY B 157 -3.87 44.11 -1.52
C GLY B 157 -3.17 45.45 -1.62
N GLN B 158 -2.82 45.87 -2.85
CA GLN B 158 -2.24 47.20 -3.02
C GLN B 158 -3.25 48.28 -2.67
N ASP B 159 -4.51 48.10 -3.08
CA ASP B 159 -5.57 49.02 -2.67
C ASP B 159 -5.85 48.90 -1.19
N PHE B 160 -5.87 47.67 -0.66
CA PHE B 160 -6.10 47.47 0.76
C PHE B 160 -5.01 48.12 1.61
N LYS B 161 -3.75 48.00 1.18
CA LYS B 161 -2.66 48.62 1.93
C LYS B 161 -2.67 50.13 1.79
N GLN B 162 -3.20 50.65 0.69
CA GLN B 162 -3.25 52.10 0.48
C GLN B 162 -4.34 52.77 1.29
N CYS B 163 -5.24 52.01 1.91
CA CYS B 163 -6.34 52.55 2.70
C CYS B 163 -6.12 52.28 4.19
N GLY B 164 -4.86 52.34 4.63
CA GLY B 164 -4.54 52.09 6.02
C GLY B 164 -4.56 50.64 6.42
N GLY B 165 -4.52 49.72 5.47
CA GLY B 165 -4.50 48.30 5.76
C GLY B 165 -3.09 47.74 5.77
N ASP B 166 -2.94 46.61 6.45
CA ASP B 166 -1.66 45.93 6.58
C ASP B 166 -1.82 44.47 6.20
N ILE B 167 -0.83 43.94 5.48
CA ILE B 167 -0.84 42.56 5.00
C ILE B 167 0.29 41.84 5.71
N TYR B 168 -0.06 41.10 6.77
CA TYR B 168 0.91 40.30 7.51
C TYR B 168 1.11 38.98 6.78
N LEU B 169 2.25 38.85 6.10
CA LEU B 169 2.57 37.67 5.31
C LEU B 169 3.48 36.73 6.09
N ASP B 170 3.56 35.48 5.61
CA ASP B 170 4.21 34.38 6.31
C ASP B 170 3.62 34.15 7.70
N PHE B 171 2.37 34.57 7.89
CA PHE B 171 1.65 34.40 9.16
C PHE B 171 0.72 33.20 8.98
N ASN B 172 1.14 32.05 9.51
CA ASN B 172 0.35 30.83 9.47
C ASN B 172 -0.39 30.72 10.81
N VAL B 173 -1.71 30.92 10.78
CA VAL B 173 -2.49 30.87 12.00
C VAL B 173 -2.48 29.45 12.58
N SER B 174 -2.57 29.37 13.90
CA SER B 174 -2.51 28.09 14.59
C SER B 174 -3.37 28.08 15.85
N THR B 177 -7.57 32.29 20.67
CA THR B 177 -7.17 32.60 22.04
C THR B 177 -7.69 33.95 22.49
N GLU B 178 -8.44 33.96 23.58
CA GLU B 178 -8.93 35.19 24.19
C GLU B 178 -7.90 35.70 25.20
N THR B 179 -7.57 36.98 25.11
CA THR B 179 -6.57 37.57 26.00
C THR B 179 -7.20 38.17 27.24
N PRO B 186 -10.36 41.53 21.92
CA PRO B 186 -10.54 40.49 22.93
C PRO B 186 -9.93 39.15 22.51
N VAL B 187 -9.58 39.03 21.23
CA VAL B 187 -9.01 37.80 20.69
C VAL B 187 -7.56 38.05 20.29
N THR B 188 -6.77 36.99 20.34
CA THR B 188 -5.38 37.03 19.90
C THR B 188 -5.12 35.81 19.02
N ILE B 189 -4.57 36.05 17.83
CA ILE B 189 -4.31 35.01 16.85
C ILE B 189 -2.84 34.64 16.91
N HIS B 190 -2.55 33.41 17.29
CA HIS B 190 -1.18 32.93 17.41
C HIS B 190 -0.71 32.34 16.08
N GLY B 191 0.59 32.03 16.03
CA GLY B 191 1.17 31.46 14.83
C GLY B 191 2.17 30.36 15.12
N ALA B 192 2.93 29.97 14.09
CA ALA B 192 3.91 28.90 14.28
C ALA B 192 5.11 29.40 15.08
N LYS B 193 5.56 30.62 14.83
CA LYS B 193 6.67 31.20 15.57
C LYS B 193 6.17 31.77 16.90
N PRO B 194 6.67 31.28 18.04
CA PRO B 194 6.36 31.90 19.33
C PRO B 194 6.64 33.40 19.33
N GLY B 195 5.72 34.15 19.94
CA GLY B 195 5.80 35.61 19.97
C GLY B 195 5.10 36.30 18.83
N GLN B 196 4.69 35.57 17.80
CA GLN B 196 3.98 36.13 16.65
C GLN B 196 2.49 36.10 16.97
N THR B 197 1.99 37.20 17.53
CA THR B 197 0.60 37.30 17.92
C THR B 197 0.06 38.68 17.56
N VAL B 198 -1.16 38.72 17.04
CA VAL B 198 -1.84 39.95 16.67
C VAL B 198 -3.22 39.94 17.30
N ARG B 199 -3.53 40.96 18.09
CA ARG B 199 -4.82 41.07 18.75
C ARG B 199 -5.76 41.97 17.95
N THR B 200 -7.05 41.67 18.05
CA THR B 200 -8.07 42.43 17.34
C THR B 200 -9.41 42.19 18.00
N LYS B 201 -10.47 42.75 17.41
CA LYS B 201 -11.82 42.59 17.92
C LYS B 201 -12.51 41.36 17.33
N ASN B 202 -12.53 41.25 16.00
CA ASN B 202 -13.18 40.13 15.33
C ASN B 202 -12.28 39.62 14.21
N VAL B 203 -12.56 38.42 13.74
CA VAL B 203 -11.74 37.76 12.73
C VAL B 203 -12.64 37.06 11.71
N LEU B 204 -12.28 37.18 10.44
CA LEU B 204 -12.96 36.51 9.35
C LEU B 204 -11.95 35.65 8.61
N THR B 205 -12.22 34.35 8.55
CA THR B 205 -11.28 33.43 7.92
C THR B 205 -11.81 33.00 6.56
N CYS B 206 -10.95 33.09 5.55
CA CYS B 206 -11.26 32.71 4.19
C CYS B 206 -10.17 31.81 3.62
N GLY B 207 -9.80 30.79 4.39
CA GLY B 207 -8.81 29.85 3.91
C GLY B 207 -9.31 29.06 2.71
N GLY B 208 -8.38 28.68 1.84
CA GLY B 208 -8.73 27.95 0.65
C GLY B 208 -9.11 26.51 0.96
N LEU B 209 -8.12 25.63 0.94
CA LEU B 209 -8.33 24.22 1.24
C LEU B 209 -8.18 23.91 2.73
N GLN B 210 -8.09 24.94 3.57
CA GLN B 210 -7.97 24.77 5.01
C GLN B 210 -9.11 25.43 5.77
N SER B 211 -10.15 25.89 5.07
CA SER B 211 -11.27 26.54 5.75
C SER B 211 -11.98 25.58 6.70
N ASP B 212 -11.90 24.27 6.44
CA ASP B 212 -12.45 23.28 7.36
C ASP B 212 -11.62 23.18 8.62
N LEU B 213 -10.29 23.26 8.49
CA LEU B 213 -9.42 23.20 9.66
C LEU B 213 -9.47 24.48 10.48
N LEU B 214 -9.67 25.63 9.83
CA LEU B 214 -9.91 26.85 10.56
C LEU B 214 -11.17 26.78 11.41
N ALA B 215 -12.09 25.86 11.11
CA ALA B 215 -13.29 25.73 11.93
C ALA B 215 -12.97 25.20 13.31
N GLU B 216 -11.93 24.38 13.43
CA GLU B 216 -11.61 23.83 14.75
C GLU B 216 -11.22 24.93 15.72
N LYS B 217 -10.45 25.93 15.26
CA LYS B 217 -10.08 27.05 16.11
C LYS B 217 -11.31 27.82 16.54
N THR B 218 -12.27 27.91 15.59
CA THR B 218 -13.61 28.47 15.78
C THR B 218 -14.38 27.75 16.90
N GLY B 219 -14.30 26.42 16.95
CA GLY B 219 -15.35 25.61 17.53
C GLY B 219 -16.51 25.23 16.61
N CYS B 220 -16.46 25.59 15.33
CA CYS B 220 -17.51 25.19 14.37
C CYS B 220 -17.53 23.67 14.14
N PRO B 221 -18.68 23.13 13.70
CA PRO B 221 -18.70 21.73 13.27
C PRO B 221 -17.76 21.51 12.09
N ARG B 222 -17.23 20.29 12.05
CA ARG B 222 -16.26 19.90 11.03
C ARG B 222 -16.82 20.08 9.63
N ASP B 223 -18.04 19.60 9.40
CA ASP B 223 -18.67 19.73 8.09
C ASP B 223 -19.02 21.20 7.84
N PRO B 224 -18.96 21.65 6.57
CA PRO B 224 -18.58 20.87 5.39
C PRO B 224 -17.06 20.72 5.23
N ARG B 225 -16.60 19.49 5.09
CA ARG B 225 -15.18 19.22 4.94
C ARG B 225 -14.72 19.53 3.52
N ILE B 226 -13.50 20.05 3.39
CA ILE B 226 -12.92 20.40 2.10
C ILE B 226 -12.27 19.16 1.51
N VAL B 227 -12.63 18.84 0.27
CA VAL B 227 -12.09 17.69 -0.46
C VAL B 227 -11.19 18.22 -1.56
N PRO B 228 -9.89 17.93 -1.54
CA PRO B 228 -8.98 18.48 -2.56
C PRO B 228 -9.15 17.76 -3.90
N PHE B 229 -9.44 18.54 -4.95
CA PHE B 229 -9.54 18.03 -6.31
C PHE B 229 -8.53 18.79 -7.16
N ARG B 230 -7.43 18.11 -7.54
CA ARG B 230 -6.39 18.75 -8.32
C ARG B 230 -6.82 18.92 -9.76
N GLY B 231 -6.43 20.05 -10.36
CA GLY B 231 -6.69 20.30 -11.76
C GLY B 231 -5.42 20.44 -12.57
N GLU B 232 -5.03 19.36 -13.25
CA GLU B 232 -3.76 19.35 -13.97
C GLU B 232 -3.89 20.06 -15.30
N TYR B 233 -2.82 20.74 -15.70
CA TYR B 233 -2.76 21.46 -16.97
C TYR B 233 -1.67 20.87 -17.85
N LEU B 234 -1.92 20.87 -19.16
CA LEU B 234 -0.98 20.37 -20.15
C LEU B 234 -0.56 21.52 -21.05
N LEU B 235 0.76 21.67 -21.23
CA LEU B 235 1.32 22.77 -22.02
C LEU B 235 1.48 22.32 -23.46
N LEU B 236 0.85 23.04 -24.39
CA LEU B 236 1.06 22.81 -25.81
C LEU B 236 2.33 23.53 -26.26
N THR B 237 3.11 22.86 -27.09
CA THR B 237 4.41 23.40 -27.50
C THR B 237 4.23 24.69 -28.29
N LYS B 238 5.23 25.58 -28.21
CA LYS B 238 5.18 26.86 -28.89
C LYS B 238 5.19 26.73 -30.41
N GLU B 239 5.50 25.54 -30.92
CA GLU B 239 5.54 25.35 -32.38
C GLU B 239 4.15 25.49 -32.99
N LYS B 240 3.13 25.00 -32.31
CA LYS B 240 1.77 24.98 -32.84
C LYS B 240 0.79 25.55 -31.81
N GLN B 241 1.04 26.79 -31.41
CA GLN B 241 0.14 27.51 -30.51
C GLN B 241 -0.81 28.44 -31.24
N HIS B 242 -0.57 28.71 -32.52
CA HIS B 242 -1.52 29.48 -33.32
C HIS B 242 -2.82 28.75 -33.55
N MET B 243 -2.89 27.46 -33.21
CA MET B 243 -4.09 26.67 -33.44
C MET B 243 -5.21 26.98 -32.46
N VAL B 244 -4.91 27.69 -31.37
CA VAL B 244 -5.90 28.06 -30.36
C VAL B 244 -5.91 29.57 -30.26
N LYS B 245 -6.96 30.20 -30.75
CA LYS B 245 -7.11 31.65 -30.72
C LYS B 245 -7.74 32.12 -29.42
N GLY B 246 -8.85 31.49 -29.00
CA GLY B 246 -9.49 31.85 -27.75
C GLY B 246 -9.81 30.66 -26.87
N ASN B 247 -10.85 30.77 -26.06
CA ASN B 247 -11.23 29.67 -25.17
C ASN B 247 -12.05 28.64 -25.93
N ILE B 248 -11.69 27.36 -25.77
CA ILE B 248 -12.41 26.25 -26.38
C ILE B 248 -12.79 25.30 -25.26
N TYR B 249 -14.03 25.41 -24.78
CA TYR B 249 -14.59 24.61 -23.70
C TYR B 249 -15.47 23.50 -24.25
N PRO B 250 -15.56 22.37 -23.55
CA PRO B 250 -16.51 21.33 -23.96
C PRO B 250 -17.83 21.45 -23.21
N VAL B 251 -18.80 20.61 -23.55
CA VAL B 251 -20.08 20.55 -22.85
C VAL B 251 -19.94 19.55 -21.71
N PRO B 252 -19.84 20.00 -20.46
CA PRO B 252 -19.57 19.07 -19.35
C PRO B 252 -20.85 18.42 -18.85
N ASP B 253 -20.69 17.56 -17.85
CA ASP B 253 -21.83 16.93 -17.19
C ASP B 253 -22.44 17.91 -16.19
N PRO B 254 -23.73 18.25 -16.31
CA PRO B 254 -24.32 19.22 -15.38
C PRO B 254 -24.36 18.75 -13.94
N ARG B 255 -24.15 17.47 -13.67
CA ARG B 255 -24.19 16.95 -12.30
C ARG B 255 -22.97 17.36 -11.48
N PHE B 256 -21.92 17.89 -12.11
CA PHE B 256 -20.71 18.25 -11.41
C PHE B 256 -20.36 19.71 -11.68
N PRO B 257 -19.76 20.40 -10.70
CA PRO B 257 -19.34 21.79 -10.93
C PRO B 257 -18.14 21.91 -11.86
N PHE B 258 -17.43 20.81 -12.12
CA PHE B 258 -16.28 20.87 -13.02
C PHE B 258 -16.74 21.06 -14.45
N LEU B 259 -16.03 21.91 -15.18
CA LEU B 259 -16.39 22.28 -16.55
C LEU B 259 -15.66 21.47 -17.60
N GLY B 260 -14.71 20.63 -17.20
CA GLY B 260 -13.98 19.78 -18.13
C GLY B 260 -12.68 20.40 -18.60
N VAL B 261 -11.85 19.55 -19.22
CA VAL B 261 -10.58 19.99 -19.77
C VAL B 261 -10.86 20.85 -21.00
N HIS B 262 -10.34 22.07 -21.01
CA HIS B 262 -10.62 23.03 -22.06
C HIS B 262 -9.33 23.67 -22.55
N PHE B 263 -9.40 24.19 -23.78
CA PHE B 263 -8.28 24.89 -24.40
C PHE B 263 -8.38 26.38 -24.04
N THR B 264 -7.38 26.88 -23.32
CA THR B 264 -7.41 28.26 -22.85
C THR B 264 -6.05 28.92 -23.02
N PRO B 265 -5.99 30.07 -23.68
CA PRO B 265 -4.72 30.80 -23.80
C PRO B 265 -4.36 31.52 -22.51
N ARG B 266 -3.07 31.85 -22.40
CA ARG B 266 -2.54 32.61 -21.27
C ARG B 266 -2.15 34.01 -21.73
N MET B 267 -1.77 34.85 -20.77
CA MET B 267 -1.43 36.22 -21.11
C MET B 267 -0.07 36.33 -21.80
N ASP B 268 0.84 35.40 -21.52
CA ASP B 268 2.15 35.37 -22.17
C ASP B 268 2.13 34.63 -23.50
N GLY B 269 0.95 34.26 -24.00
CA GLY B 269 0.83 33.56 -25.25
C GLY B 269 0.75 32.06 -25.16
N SER B 270 1.03 31.49 -23.98
CA SER B 270 0.98 30.04 -23.82
C SER B 270 -0.45 29.53 -23.92
N ILE B 271 -0.58 28.27 -24.28
CA ILE B 271 -1.87 27.61 -24.44
C ILE B 271 -1.89 26.42 -23.49
N TRP B 272 -2.57 26.56 -22.36
CA TRP B 272 -2.70 25.48 -21.39
C TRP B 272 -4.00 24.72 -21.63
N LEU B 273 -3.93 23.40 -21.54
CA LEU B 273 -5.08 22.53 -21.78
C LEU B 273 -5.47 21.88 -20.47
N GLY B 274 -6.63 22.28 -19.95
CA GLY B 274 -7.12 21.78 -18.68
C GLY B 274 -8.14 22.72 -18.08
N PRO B 275 -8.42 22.55 -16.77
CA PRO B 275 -7.85 21.52 -15.92
C PRO B 275 -8.73 20.26 -15.85
N ASN B 276 -8.20 19.18 -15.29
CA ASN B 276 -8.97 17.97 -15.07
C ASN B 276 -9.53 17.99 -13.64
N ALA B 277 -10.06 16.84 -13.19
CA ALA B 277 -10.67 16.74 -11.86
C ALA B 277 -10.30 15.37 -11.28
N VAL B 278 -9.06 15.26 -10.81
CA VAL B 278 -8.59 14.06 -10.15
C VAL B 278 -8.51 14.32 -8.65
N LEU B 279 -8.81 13.30 -7.86
CA LEU B 279 -8.77 13.44 -6.41
C LEU B 279 -7.34 13.54 -5.92
N ALA B 280 -7.04 14.58 -5.15
CA ALA B 280 -5.71 14.76 -4.61
C ALA B 280 -5.54 13.98 -3.32
N LEU B 281 -4.37 13.35 -3.17
CA LEU B 281 -4.03 12.62 -1.97
C LEU B 281 -3.54 13.51 -0.85
N LYS B 282 -3.71 14.82 -0.98
CA LYS B 282 -3.23 15.80 -0.02
C LYS B 282 -4.00 17.09 -0.25
N ARG B 283 -4.17 17.87 0.83
CA ARG B 283 -4.85 19.15 0.72
C ARG B 283 -4.16 20.04 -0.31
N GLU B 284 -2.86 20.28 -0.13
CA GLU B 284 -2.05 21.01 -1.11
C GLU B 284 -1.28 20.06 -2.01
N GLY B 285 -1.93 19.00 -2.49
CA GLY B 285 -1.29 18.03 -3.33
C GLY B 285 -1.28 18.42 -4.80
N TYR B 286 -0.30 19.26 -5.18
CA TYR B 286 -0.19 19.72 -6.56
C TYR B 286 0.49 18.70 -7.47
N THR B 287 1.04 17.62 -6.91
CA THR B 287 1.64 16.56 -7.70
C THR B 287 1.05 15.22 -7.26
N TRP B 288 1.12 14.24 -8.17
CA TRP B 288 0.55 12.94 -7.88
C TRP B 288 1.28 12.23 -6.75
N GLY B 289 2.62 12.27 -6.76
CA GLY B 289 3.38 11.56 -5.75
C GLY B 289 3.29 12.15 -4.36
N ASP B 290 2.80 13.38 -4.24
CA ASP B 290 2.69 14.04 -2.94
C ASP B 290 1.46 13.53 -2.22
N ILE B 291 1.67 12.69 -1.20
CA ILE B 291 0.60 12.02 -0.48
C ILE B 291 0.75 12.30 1.00
N ASN B 292 -0.36 12.62 1.66
CA ASN B 292 -0.39 12.77 3.11
C ASN B 292 -1.34 11.73 3.68
N LEU B 293 -0.83 10.91 4.62
CA LEU B 293 -1.62 9.80 5.14
C LEU B 293 -2.77 10.29 6.00
N PHE B 294 -2.48 11.13 7.00
CA PHE B 294 -3.54 11.59 7.89
C PHE B 294 -4.49 12.58 7.21
N GLU B 295 -4.15 13.10 6.04
CA GLU B 295 -5.03 14.03 5.35
C GLU B 295 -5.99 13.34 4.40
N LEU B 296 -5.74 12.08 4.05
CA LEU B 296 -6.72 11.30 3.29
C LEU B 296 -7.48 10.30 4.16
N PHE B 297 -6.87 9.80 5.23
CA PHE B 297 -7.61 8.97 6.17
C PHE B 297 -8.75 9.75 6.81
N ASP B 298 -8.52 11.04 7.08
CA ASP B 298 -9.60 11.90 7.52
C ASP B 298 -10.56 12.26 6.39
N ALA B 299 -10.09 12.21 5.14
CA ALA B 299 -10.95 12.52 4.00
C ALA B 299 -11.79 11.32 3.57
N LEU B 300 -11.26 10.10 3.71
CA LEU B 300 -12.00 8.90 3.34
C LEU B 300 -12.90 8.40 4.45
N ARG B 301 -12.56 8.67 5.72
CA ARG B 301 -13.44 8.36 6.82
C ARG B 301 -14.59 9.36 6.96
N TYR B 302 -14.58 10.42 6.16
CA TYR B 302 -15.68 11.38 6.18
C TYR B 302 -16.95 10.72 5.65
N PRO B 303 -18.08 10.84 6.34
CA PRO B 303 -19.30 10.13 5.90
C PRO B 303 -19.80 10.55 4.53
N GLY B 304 -19.44 11.75 4.06
CA GLY B 304 -19.93 12.21 2.78
C GLY B 304 -19.14 11.74 1.58
N PHE B 305 -17.91 11.29 1.78
CA PHE B 305 -17.08 10.86 0.66
C PHE B 305 -17.61 9.56 0.05
N VAL B 306 -17.74 8.52 0.88
CA VAL B 306 -18.20 7.22 0.39
C VAL B 306 -19.59 7.33 -0.22
N LYS B 307 -20.43 8.23 0.28
CA LYS B 307 -21.74 8.44 -0.32
C LYS B 307 -21.61 8.94 -1.75
N MET B 308 -20.77 9.95 -1.98
CA MET B 308 -20.52 10.40 -3.35
C MET B 308 -19.74 9.37 -4.15
N ALA B 309 -18.84 8.64 -3.49
CA ALA B 309 -18.08 7.61 -4.18
C ALA B 309 -18.96 6.45 -4.62
N SER B 310 -20.05 6.20 -3.90
CA SER B 310 -20.95 5.10 -4.27
C SER B 310 -21.71 5.39 -5.56
N LYS B 311 -21.66 6.61 -6.07
CA LYS B 311 -22.40 6.98 -7.28
C LYS B 311 -21.53 7.58 -8.37
N TYR B 312 -20.39 8.19 -8.03
CA TYR B 312 -19.59 8.91 -9.01
C TYR B 312 -18.14 8.41 -9.04
N ILE B 313 -17.91 7.16 -8.65
CA ILE B 313 -16.55 6.64 -8.65
C ILE B 313 -16.03 6.44 -10.07
N GLY B 314 -16.92 6.08 -11.00
CA GLY B 314 -16.49 5.86 -12.38
C GLY B 314 -16.02 7.14 -13.05
N PHE B 315 -16.66 8.26 -12.73
CA PHE B 315 -16.25 9.54 -13.30
C PHE B 315 -14.91 10.00 -12.73
N GLY B 316 -14.64 9.70 -11.47
CA GLY B 316 -13.36 10.05 -10.89
C GLY B 316 -12.22 9.15 -11.33
N LEU B 317 -12.52 7.88 -11.62
CA LEU B 317 -11.48 6.97 -12.06
C LEU B 317 -11.02 7.29 -13.47
N SER B 318 -11.95 7.67 -14.36
CA SER B 318 -11.56 7.99 -15.73
C SER B 318 -10.79 9.30 -15.82
N GLU B 319 -11.04 10.22 -14.88
CA GLU B 319 -10.22 11.42 -14.81
C GLU B 319 -8.78 11.07 -14.43
N MET B 320 -8.60 10.13 -13.51
CA MET B 320 -7.26 9.70 -13.13
C MET B 320 -6.65 8.76 -14.14
N SER B 321 -7.47 8.00 -14.88
CA SER B 321 -6.92 7.15 -15.93
C SER B 321 -6.33 7.97 -17.06
N LYS B 322 -7.02 9.03 -17.47
CA LYS B 322 -6.46 9.96 -18.46
C LYS B 322 -5.31 10.77 -17.88
N SER B 323 -5.20 10.83 -16.55
CA SER B 323 -4.07 11.52 -15.93
C SER B 323 -2.83 10.63 -15.86
N TRP B 324 -3.02 9.31 -15.71
CA TRP B 324 -1.89 8.40 -15.69
C TRP B 324 -1.31 8.20 -17.08
N PHE B 325 -2.18 8.18 -18.10
CA PHE B 325 -1.78 8.00 -19.50
C PHE B 325 -2.34 9.18 -20.28
N ILE B 326 -1.48 10.15 -20.61
CA ILE B 326 -1.92 11.31 -21.38
C ILE B 326 -2.23 10.98 -22.83
N ASN B 327 -1.82 9.79 -23.31
CA ASN B 327 -2.21 9.38 -24.64
C ASN B 327 -3.72 9.20 -24.76
N LEU B 328 -4.38 8.83 -23.65
CA LEU B 328 -5.83 8.80 -23.63
C LEU B 328 -6.41 10.21 -23.54
N GLN B 329 -5.70 11.12 -22.86
CA GLN B 329 -6.17 12.50 -22.75
C GLN B 329 -6.14 13.21 -24.09
N ILE B 330 -5.03 13.05 -24.82
CA ILE B 330 -4.91 13.67 -26.13
C ILE B 330 -5.90 13.06 -27.12
N LYS B 331 -6.16 11.75 -26.99
CA LYS B 331 -7.13 11.10 -27.86
C LYS B 331 -8.51 11.74 -27.73
N ALA B 332 -8.87 12.16 -26.52
CA ALA B 332 -10.14 12.86 -26.34
C ALA B 332 -10.06 14.30 -26.84
N LEU B 333 -8.89 14.93 -26.73
CA LEU B 333 -8.72 16.29 -27.22
C LEU B 333 -8.73 16.36 -28.73
N GLN B 334 -8.40 15.26 -29.42
CA GLN B 334 -8.41 15.25 -30.88
C GLN B 334 -9.82 15.29 -31.46
N LYS B 335 -10.86 15.09 -30.65
CA LYS B 335 -12.22 15.29 -31.12
C LYS B 335 -12.45 16.73 -31.54
N TYR B 336 -11.75 17.67 -30.91
CA TYR B 336 -11.87 19.09 -31.22
C TYR B 336 -10.77 19.56 -32.16
N ILE B 337 -9.52 19.38 -31.77
CA ILE B 337 -8.38 19.72 -32.63
C ILE B 337 -7.62 18.43 -32.96
N PRO B 338 -7.95 17.75 -34.07
CA PRO B 338 -7.30 16.47 -34.35
C PRO B 338 -5.84 16.58 -34.77
N ASP B 339 -5.37 17.78 -35.14
CA ASP B 339 -3.98 17.97 -35.55
C ASP B 339 -3.04 18.20 -34.38
N ILE B 340 -3.29 17.56 -33.24
CA ILE B 340 -2.44 17.66 -32.07
C ILE B 340 -1.90 16.28 -31.76
N THR B 341 -0.58 16.16 -31.70
CA THR B 341 0.09 14.89 -31.43
C THR B 341 0.47 14.80 -29.96
N GLU B 342 1.10 13.69 -29.60
CA GLU B 342 1.60 13.50 -28.24
C GLU B 342 2.96 14.17 -28.02
N TYR B 343 3.72 14.39 -29.10
CA TYR B 343 5.01 15.06 -29.00
C TYR B 343 4.88 16.57 -28.87
N ASP B 344 3.66 17.10 -28.91
CA ASP B 344 3.42 18.52 -28.74
C ASP B 344 2.98 18.89 -27.33
N ILE B 345 2.86 17.92 -26.44
CA ILE B 345 2.27 18.11 -25.11
C ILE B 345 3.36 18.01 -24.05
N GLN B 346 3.33 18.94 -23.10
CA GLN B 346 4.24 18.97 -21.97
C GLN B 346 3.43 19.09 -20.69
N ARG B 347 3.70 18.20 -19.73
CA ARG B 347 3.01 18.22 -18.45
C ARG B 347 3.45 19.46 -17.66
N GLY B 348 2.52 20.38 -17.44
CA GLY B 348 2.81 21.61 -16.75
C GLY B 348 2.35 21.59 -15.31
N PRO B 349 2.17 22.79 -14.71
CA PRO B 349 1.75 22.86 -13.31
C PRO B 349 0.27 22.55 -13.13
N ALA B 350 -0.24 22.73 -11.92
CA ALA B 350 -1.62 22.39 -11.62
C ALA B 350 -2.08 23.17 -10.40
N GLY B 351 -3.39 23.16 -10.18
CA GLY B 351 -3.98 23.72 -8.98
C GLY B 351 -4.96 22.74 -8.37
N VAL B 352 -5.26 22.96 -7.10
CA VAL B 352 -6.14 22.08 -6.34
C VAL B 352 -7.38 22.88 -5.91
N ARG B 353 -8.54 22.30 -6.12
CA ARG B 353 -9.80 22.96 -5.79
C ARG B 353 -10.15 22.75 -4.32
N ALA B 354 -10.79 23.78 -3.73
CA ALA B 354 -11.30 23.69 -2.37
C ALA B 354 -12.77 23.27 -2.41
N GLN B 355 -12.98 22.01 -2.75
CA GLN B 355 -14.32 21.47 -2.97
C GLN B 355 -14.96 21.13 -1.62
N ALA B 356 -15.91 21.94 -1.20
CA ALA B 356 -16.65 21.65 0.02
C ALA B 356 -17.64 20.52 -0.22
N MET B 357 -17.92 19.75 0.84
CA MET B 357 -18.78 18.59 0.73
C MET B 357 -19.52 18.38 2.04
N ASP B 358 -20.82 18.12 1.96
CA ASP B 358 -21.64 17.83 3.13
C ASP B 358 -21.59 16.34 3.46
N LEU B 359 -22.23 15.95 4.56
CA LEU B 359 -22.22 14.56 4.97
C LEU B 359 -23.10 13.68 4.10
N ASP B 360 -23.90 14.26 3.21
CA ASP B 360 -24.75 13.49 2.31
C ASP B 360 -24.11 13.24 0.95
N GLY B 361 -22.86 13.67 0.75
CA GLY B 361 -22.17 13.44 -0.48
C GLY B 361 -22.35 14.48 -1.56
N ASN B 362 -22.95 15.63 -1.23
CA ASN B 362 -23.19 16.68 -2.20
C ASN B 362 -22.12 17.75 -2.09
N LEU B 363 -21.47 18.06 -3.22
CA LEU B 363 -20.50 19.14 -3.26
C LEU B 363 -21.23 20.47 -3.04
N VAL B 364 -20.89 21.15 -1.94
CA VAL B 364 -21.62 22.34 -1.54
C VAL B 364 -21.53 23.41 -2.62
N ASP B 365 -22.67 24.03 -2.90
CA ASP B 365 -22.83 25.01 -3.97
C ASP B 365 -22.94 26.43 -3.45
N ASP B 366 -23.53 26.63 -2.28
CA ASP B 366 -23.89 27.94 -1.78
C ASP B 366 -22.78 28.54 -0.93
N PHE B 367 -23.07 29.70 -0.35
CA PHE B 367 -22.22 30.26 0.69
C PHE B 367 -22.32 29.43 1.95
N VAL B 368 -21.23 29.37 2.71
CA VAL B 368 -21.18 28.65 3.97
C VAL B 368 -20.47 29.54 4.99
N PHE B 369 -21.24 30.09 5.93
CA PHE B 369 -20.71 30.87 7.05
C PHE B 369 -21.02 30.12 8.34
N ASP B 370 -19.99 29.86 9.13
CA ASP B 370 -20.13 29.07 10.35
C ASP B 370 -19.43 29.79 11.49
N ARG B 371 -20.04 29.74 12.68
CA ARG B 371 -19.51 30.35 13.88
C ARG B 371 -19.66 29.38 15.05
N GLY B 372 -18.77 29.50 16.02
CA GLY B 372 -18.75 28.58 17.15
C GLY B 372 -20.01 28.59 17.99
N LEU B 378 -14.41 33.53 21.74
CA LEU B 378 -14.28 32.83 20.47
C LEU B 378 -15.58 32.87 19.69
N ALA B 379 -16.63 32.27 20.26
CA ALA B 379 -17.93 32.24 19.59
C ALA B 379 -18.44 33.64 19.32
N LYS B 380 -19.19 33.78 18.23
CA LYS B 380 -19.75 35.05 17.75
C LYS B 380 -18.68 36.02 17.28
N ARG B 381 -17.50 36.02 17.93
CA ARG B 381 -16.41 36.91 17.54
C ARG B 381 -15.69 36.43 16.29
N VAL B 382 -15.92 35.17 15.90
CA VAL B 382 -15.27 34.53 14.77
C VAL B 382 -16.32 34.27 13.69
N LEU B 383 -15.84 34.00 12.47
CA LEU B 383 -16.73 33.61 11.38
C LEU B 383 -15.91 33.04 10.23
N HIS B 384 -16.39 31.96 9.64
CA HIS B 384 -15.62 31.23 8.64
C HIS B 384 -16.45 31.04 7.38
N CYS B 385 -16.06 31.76 6.34
CA CYS B 385 -16.59 31.55 5.00
C CYS B 385 -15.97 30.25 4.50
N ARG B 386 -16.56 29.14 4.92
CA ARG B 386 -16.05 27.83 4.57
C ARG B 386 -16.23 27.50 3.11
N ASN B 387 -17.10 28.22 2.40
CA ASN B 387 -17.29 28.00 0.98
C ASN B 387 -17.95 29.23 0.36
N ALA B 388 -17.65 29.45 -0.91
CA ALA B 388 -18.23 30.54 -1.69
C ALA B 388 -18.53 30.03 -3.09
N PRO B 389 -19.59 30.56 -3.73
CA PRO B 389 -19.93 30.07 -5.07
C PRO B 389 -18.83 30.38 -6.07
N SER B 390 -18.64 29.45 -7.02
CA SER B 390 -17.65 29.59 -8.07
C SER B 390 -18.30 30.12 -9.34
N PRO B 391 -17.54 30.83 -10.21
CA PRO B 391 -16.09 31.07 -10.13
C PRO B 391 -15.72 32.15 -9.11
N GLY B 392 -14.88 31.79 -8.14
CA GLY B 392 -14.47 32.73 -7.11
C GLY B 392 -13.57 33.84 -7.62
N ALA B 393 -12.88 33.62 -8.74
CA ALA B 393 -12.00 34.65 -9.27
C ALA B 393 -12.78 35.68 -10.07
N THR B 394 -13.66 35.22 -10.97
CA THR B 394 -14.47 36.15 -11.75
C THR B 394 -15.43 36.94 -10.86
N SER B 395 -16.09 36.26 -9.93
CA SER B 395 -17.04 36.91 -9.04
C SER B 395 -16.38 37.54 -7.82
N SER B 396 -15.04 37.62 -7.80
CA SER B 396 -14.29 38.04 -6.61
C SER B 396 -14.86 39.31 -6.01
N LEU B 397 -14.96 40.38 -6.80
CA LEU B 397 -15.48 41.63 -6.27
C LEU B 397 -16.97 41.53 -5.95
N ALA B 398 -17.71 40.67 -6.67
CA ALA B 398 -19.11 40.47 -6.35
C ALA B 398 -19.26 39.65 -5.08
N ILE B 399 -18.45 38.60 -4.94
CA ILE B 399 -18.49 37.82 -3.71
C ILE B 399 -17.99 38.64 -2.53
N ALA B 400 -17.03 39.55 -2.77
CA ALA B 400 -16.51 40.40 -1.70
C ALA B 400 -17.61 41.26 -1.10
N LYS B 401 -18.58 41.70 -1.90
CA LYS B 401 -19.68 42.46 -1.35
C LYS B 401 -20.57 41.60 -0.46
N MET B 402 -20.99 40.44 -0.95
CA MET B 402 -21.88 39.59 -0.15
C MET B 402 -21.20 39.17 1.15
N ILE B 403 -19.89 38.96 1.13
CA ILE B 403 -19.18 38.66 2.37
C ILE B 403 -19.18 39.89 3.28
N ALA B 404 -18.94 41.07 2.71
CA ALA B 404 -18.87 42.29 3.50
C ALA B 404 -20.22 42.62 4.13
N ASP B 405 -21.32 42.23 3.49
CA ASP B 405 -22.65 42.47 4.06
C ASP B 405 -23.00 41.46 5.14
N LYS B 406 -22.34 40.30 5.16
CA LYS B 406 -22.41 39.40 6.30
C LYS B 406 -21.48 39.81 7.44
N ILE B 407 -20.63 40.81 7.21
CA ILE B 407 -19.70 41.24 8.25
C ILE B 407 -20.39 42.19 9.22
N GLU B 408 -21.05 43.23 8.71
CA GLU B 408 -21.69 44.22 9.57
C GLU B 408 -22.86 43.66 10.35
N ASN B 409 -23.41 42.53 9.93
CA ASN B 409 -24.56 41.95 10.65
C ASN B 409 -24.11 41.21 11.90
N GLU B 410 -23.20 40.24 11.76
CA GLU B 410 -22.77 39.45 12.90
C GLU B 410 -21.79 40.20 13.79
N PHE B 411 -20.96 41.07 13.22
CA PHE B 411 -19.97 41.81 13.99
C PHE B 411 -20.43 43.19 14.41
N SER B 412 -21.57 43.66 13.89
CA SER B 412 -22.12 44.98 14.22
C SER B 412 -21.14 46.10 13.87
N ILE B 413 -20.92 46.25 12.57
CA ILE B 413 -19.94 47.19 12.03
C ILE B 413 -20.67 48.33 11.34
N GLY B 414 -20.28 49.55 11.66
CA GLY B 414 -20.89 50.73 11.07
C GLY B 414 -22.31 50.96 11.54
N GLY C 1 10.63 -45.77 -15.52
CA GLY C 1 9.70 -45.95 -16.63
C GLY C 1 8.27 -46.19 -16.18
N ASP C 2 7.31 -45.68 -16.96
CA ASP C 2 5.91 -45.81 -16.60
C ASP C 2 4.99 -45.71 -17.82
N TYR C 3 4.91 -44.54 -18.44
CA TYR C 3 3.91 -44.26 -19.46
C TYR C 3 4.58 -43.83 -20.77
N ASP C 4 3.75 -43.78 -21.82
CA ASP C 4 4.20 -43.29 -23.12
C ASP C 4 4.05 -41.79 -23.26
N LEU C 5 2.96 -41.22 -22.74
CA LEU C 5 2.73 -39.79 -22.79
C LEU C 5 1.80 -39.41 -21.64
N VAL C 6 2.13 -38.33 -20.95
CA VAL C 6 1.30 -37.84 -19.85
C VAL C 6 0.69 -36.50 -20.27
N VAL C 7 -0.39 -36.14 -19.57
CA VAL C 7 -1.12 -34.91 -19.82
C VAL C 7 -1.22 -34.15 -18.51
N VAL C 8 -0.49 -33.05 -18.40
CA VAL C 8 -0.50 -32.22 -17.20
C VAL C 8 -1.67 -31.25 -17.31
N GLY C 9 -2.67 -31.43 -16.45
CA GLY C 9 -3.84 -30.56 -16.46
C GLY C 9 -5.15 -31.31 -16.38
N GLY C 10 -5.84 -31.20 -15.25
CA GLY C 10 -7.10 -31.86 -15.04
C GLY C 10 -8.31 -31.11 -15.54
N GLY C 11 -8.12 -30.01 -16.25
CA GLY C 11 -9.23 -29.24 -16.77
C GLY C 11 -9.95 -29.97 -17.90
N ILE C 12 -10.93 -29.27 -18.48
CA ILE C 12 -11.75 -29.89 -19.52
C ILE C 12 -10.93 -30.04 -20.81
N VAL C 13 -9.93 -29.18 -21.01
CA VAL C 13 -9.09 -29.31 -22.20
C VAL C 13 -8.09 -30.44 -22.02
N GLY C 14 -7.46 -30.53 -20.84
CA GLY C 14 -6.52 -31.61 -20.58
C GLY C 14 -7.20 -32.97 -20.50
N ALA C 15 -8.44 -33.01 -20.02
CA ALA C 15 -9.15 -34.28 -19.94
C ALA C 15 -9.64 -34.74 -21.30
N ALA C 16 -10.18 -33.82 -22.09
CA ALA C 16 -10.66 -34.19 -23.43
C ALA C 16 -9.51 -34.56 -24.34
N SER C 17 -8.37 -33.88 -24.20
CA SER C 17 -7.20 -34.22 -25.01
C SER C 17 -6.69 -35.62 -24.68
N ALA C 18 -6.62 -35.96 -23.38
CA ALA C 18 -6.24 -37.30 -23.00
C ALA C 18 -7.29 -38.32 -23.40
N ARG C 19 -8.57 -37.94 -23.37
CA ARG C 19 -9.62 -38.84 -23.85
C ARG C 19 -9.49 -39.08 -25.35
N GLU C 20 -9.18 -38.03 -26.11
CA GLU C 20 -9.12 -38.16 -27.56
C GLU C 20 -7.90 -38.97 -27.99
N ILE C 21 -6.76 -38.78 -27.32
CA ILE C 21 -5.52 -39.42 -27.77
C ILE C 21 -5.57 -40.93 -27.55
N VAL C 22 -6.34 -41.40 -26.56
CA VAL C 22 -6.41 -42.83 -26.29
C VAL C 22 -7.49 -43.53 -27.12
N LEU C 23 -8.51 -42.80 -27.58
CA LEU C 23 -9.50 -43.40 -28.46
C LEU C 23 -8.92 -43.66 -29.85
N ARG C 24 -8.05 -42.76 -30.31
CA ARG C 24 -7.39 -42.96 -31.59
C ARG C 24 -6.20 -43.91 -31.48
N HIS C 25 -5.61 -44.04 -30.29
CA HIS C 25 -4.45 -44.89 -30.07
C HIS C 25 -4.66 -45.70 -28.79
N PRO C 26 -5.40 -46.82 -28.87
CA PRO C 26 -5.66 -47.60 -27.65
C PRO C 26 -4.43 -48.28 -27.08
N SER C 27 -3.33 -48.37 -27.82
CA SER C 27 -2.11 -49.00 -27.32
C SER C 27 -1.18 -48.03 -26.63
N LEU C 28 -1.64 -46.81 -26.34
CA LEU C 28 -0.80 -45.77 -25.77
C LEU C 28 -1.06 -45.67 -24.27
N LYS C 29 -0.04 -45.95 -23.47
CA LYS C 29 -0.12 -45.82 -22.03
C LYS C 29 -0.06 -44.33 -21.67
N VAL C 30 -1.23 -43.76 -21.36
CA VAL C 30 -1.36 -42.33 -21.14
C VAL C 30 -1.79 -42.09 -19.69
N ALA C 31 -1.21 -41.07 -19.07
CA ALA C 31 -1.54 -40.67 -17.72
C ALA C 31 -1.94 -39.20 -17.69
N VAL C 32 -2.63 -38.81 -16.62
CA VAL C 32 -3.05 -37.43 -16.40
C VAL C 32 -2.65 -37.02 -14.99
N LEU C 33 -1.95 -35.91 -14.87
CA LEU C 33 -1.47 -35.41 -13.59
C LEU C 33 -2.20 -34.11 -13.26
N GLU C 34 -2.98 -34.13 -12.18
CA GLU C 34 -3.74 -32.98 -11.74
C GLU C 34 -3.32 -32.62 -10.33
N LYS C 35 -2.96 -31.34 -10.11
CA LYS C 35 -2.52 -30.90 -8.80
C LYS C 35 -3.66 -30.78 -7.79
N GLU C 36 -4.89 -30.59 -8.23
CA GLU C 36 -6.02 -30.50 -7.31
C GLU C 36 -6.50 -31.90 -6.93
N CYS C 37 -7.52 -31.97 -6.06
CA CYS C 37 -8.07 -33.26 -5.66
C CYS C 37 -9.13 -33.82 -6.62
N LYS C 38 -9.90 -32.95 -7.26
CA LYS C 38 -10.90 -33.39 -8.22
C LYS C 38 -10.65 -32.76 -9.59
N LEU C 39 -11.26 -33.35 -10.61
CA LEU C 39 -11.21 -32.76 -11.95
C LEU C 39 -12.14 -31.55 -12.03
N ALA C 40 -11.72 -30.56 -12.81
CA ALA C 40 -12.48 -29.32 -13.02
C ALA C 40 -12.74 -28.60 -11.69
N LYS C 41 -11.66 -28.18 -11.05
CA LYS C 41 -11.73 -27.40 -9.83
C LYS C 41 -11.33 -25.93 -10.05
N HIS C 42 -11.06 -25.53 -11.29
CA HIS C 42 -10.71 -24.14 -11.57
C HIS C 42 -11.63 -23.57 -12.66
N GLN C 43 -11.07 -23.32 -13.84
CA GLN C 43 -11.87 -22.74 -14.92
C GLN C 43 -12.98 -23.68 -15.36
N SER C 44 -12.69 -24.97 -15.46
CA SER C 44 -13.69 -25.95 -15.89
C SER C 44 -14.71 -26.26 -14.81
N GLY C 45 -14.56 -25.72 -13.61
CA GLY C 45 -15.50 -25.97 -12.54
C GLY C 45 -16.08 -24.70 -11.95
N HIS C 46 -15.65 -23.55 -12.45
CA HIS C 46 -16.16 -22.25 -12.02
C HIS C 46 -16.47 -21.38 -13.23
N ASN C 47 -17.25 -21.92 -14.15
CA ASN C 47 -17.63 -21.22 -15.38
C ASN C 47 -19.12 -20.91 -15.38
N SER C 48 -19.55 -20.20 -16.43
CA SER C 48 -20.95 -19.84 -16.56
C SER C 48 -21.82 -21.05 -16.90
N GLY C 49 -21.23 -22.14 -17.34
CA GLY C 49 -22.00 -23.33 -17.69
C GLY C 49 -22.92 -23.14 -18.88
N VAL C 50 -22.44 -22.46 -19.92
CA VAL C 50 -23.22 -22.19 -21.12
C VAL C 50 -22.62 -22.93 -22.29
N ILE C 51 -23.47 -23.49 -23.13
CA ILE C 51 -23.05 -24.16 -24.36
C ILE C 51 -23.22 -23.14 -25.49
N HIS C 52 -22.14 -22.45 -25.84
CA HIS C 52 -22.21 -21.38 -26.82
C HIS C 52 -22.48 -21.93 -28.22
N ALA C 53 -23.17 -21.12 -29.03
CA ALA C 53 -23.52 -21.50 -30.39
C ALA C 53 -22.55 -20.96 -31.43
N GLY C 54 -21.83 -19.89 -31.13
CA GLY C 54 -20.87 -19.33 -32.07
C GLY C 54 -21.37 -18.07 -32.75
N ILE C 55 -21.52 -16.99 -31.98
CA ILE C 55 -22.09 -15.74 -32.47
C ILE C 55 -21.02 -14.68 -32.67
N TYR C 56 -20.28 -14.33 -31.61
CA TYR C 56 -19.40 -13.18 -31.61
C TYR C 56 -18.13 -13.39 -32.42
N TYR C 57 -17.85 -14.62 -32.85
CA TYR C 57 -16.56 -14.92 -33.46
C TYR C 57 -16.56 -14.57 -34.95
N LYS C 58 -15.39 -14.17 -35.44
CA LYS C 58 -15.28 -13.72 -36.83
C LYS C 58 -15.45 -14.90 -37.78
N PRO C 59 -16.29 -14.78 -38.80
CA PRO C 59 -16.50 -15.91 -39.72
C PRO C 59 -15.24 -16.25 -40.50
N GLY C 60 -15.08 -17.54 -40.78
CA GLY C 60 -13.92 -18.02 -41.50
C GLY C 60 -12.69 -18.28 -40.66
N THR C 61 -12.72 -17.97 -39.37
CA THR C 61 -11.58 -18.18 -38.50
C THR C 61 -11.63 -19.57 -37.88
N LEU C 62 -10.52 -19.94 -37.23
CA LEU C 62 -10.47 -21.21 -36.51
C LEU C 62 -11.34 -21.16 -35.25
N LYS C 63 -11.36 -20.03 -34.56
CA LYS C 63 -12.12 -19.91 -33.33
C LYS C 63 -13.61 -20.06 -33.59
N ALA C 64 -14.09 -19.57 -34.73
CA ALA C 64 -15.51 -19.69 -35.05
C ALA C 64 -15.88 -21.12 -35.44
N ARG C 65 -14.95 -21.85 -36.06
CA ARG C 65 -15.25 -23.20 -36.50
C ARG C 65 -15.23 -24.21 -35.36
N LEU C 66 -14.42 -23.96 -34.32
CA LEU C 66 -14.34 -24.90 -33.21
C LEU C 66 -15.57 -24.83 -32.31
N CYS C 67 -16.09 -23.62 -32.08
CA CYS C 67 -17.26 -23.48 -31.22
C CYS C 67 -18.50 -24.07 -31.87
N VAL C 68 -18.65 -23.88 -33.18
CA VAL C 68 -19.82 -24.42 -33.88
C VAL C 68 -19.77 -25.94 -33.91
N GLU C 69 -18.62 -26.50 -34.29
CA GLU C 69 -18.48 -27.95 -34.30
C GLU C 69 -18.47 -28.50 -32.88
N GLY C 70 -17.83 -27.81 -31.94
CA GLY C 70 -17.79 -28.28 -30.57
C GLY C 70 -19.16 -28.29 -29.91
N MET C 71 -20.02 -27.33 -30.27
CA MET C 71 -21.37 -27.32 -29.72
C MET C 71 -22.17 -28.51 -30.20
N HIS C 72 -22.04 -28.86 -31.48
CA HIS C 72 -22.72 -30.05 -31.99
C HIS C 72 -22.06 -31.33 -31.48
N LEU C 73 -20.74 -31.32 -31.31
CA LEU C 73 -20.07 -32.49 -30.75
C LEU C 73 -20.43 -32.69 -29.29
N ALA C 74 -20.55 -31.59 -28.53
CA ALA C 74 -20.93 -31.70 -27.13
C ALA C 74 -22.35 -32.22 -26.97
N TYR C 75 -23.30 -31.61 -27.69
CA TYR C 75 -24.69 -32.06 -27.61
C TYR C 75 -24.82 -33.54 -27.97
N ALA C 76 -24.00 -34.02 -28.92
CA ALA C 76 -24.01 -35.45 -29.23
C ALA C 76 -23.36 -36.26 -28.11
N TYR C 77 -22.35 -35.70 -27.44
CA TYR C 77 -21.72 -36.40 -26.34
C TYR C 77 -22.64 -36.47 -25.12
N LEU C 78 -23.36 -35.38 -24.84
CA LEU C 78 -24.27 -35.37 -23.69
C LEU C 78 -25.42 -36.35 -23.88
N ASP C 79 -25.96 -36.44 -25.09
CA ASP C 79 -27.01 -37.41 -25.37
C ASP C 79 -26.47 -38.84 -25.34
N GLU C 80 -25.22 -39.04 -25.76
CA GLU C 80 -24.64 -40.38 -25.72
C GLU C 80 -24.43 -40.85 -24.29
N LYS C 81 -23.90 -39.97 -23.43
CA LYS C 81 -23.65 -40.30 -22.03
C LYS C 81 -24.85 -40.02 -21.13
N LYS C 82 -25.93 -39.48 -21.67
CA LYS C 82 -27.14 -39.19 -20.91
C LYS C 82 -26.86 -38.21 -19.78
N ILE C 83 -26.12 -37.16 -20.09
CA ILE C 83 -25.78 -36.11 -19.14
C ILE C 83 -26.89 -35.07 -19.14
N PRO C 84 -27.41 -34.67 -17.98
CA PRO C 84 -28.51 -33.70 -17.95
C PRO C 84 -28.10 -32.35 -18.51
N TYR C 85 -29.00 -31.76 -19.30
CA TYR C 85 -28.77 -30.43 -19.86
C TYR C 85 -30.13 -29.82 -20.19
N LYS C 86 -30.13 -28.50 -20.37
CA LYS C 86 -31.33 -27.76 -20.74
C LYS C 86 -30.98 -26.79 -21.88
N LYS C 87 -31.81 -26.76 -22.92
CA LYS C 87 -31.68 -25.78 -23.99
C LYS C 87 -32.57 -24.58 -23.64
N THR C 88 -31.96 -23.54 -23.09
CA THR C 88 -32.70 -22.36 -22.67
C THR C 88 -32.78 -21.29 -23.75
N GLY C 89 -31.76 -21.17 -24.59
CA GLY C 89 -31.75 -20.17 -25.63
C GLY C 89 -31.15 -18.85 -25.20
N LYS C 90 -30.18 -18.36 -25.95
CA LYS C 90 -29.55 -17.08 -25.65
C LYS C 90 -30.33 -15.95 -26.31
N LEU C 91 -30.22 -14.76 -25.71
CA LEU C 91 -30.94 -13.59 -26.22
C LEU C 91 -30.09 -12.36 -25.91
N ILE C 92 -29.54 -11.75 -26.95
CA ILE C 92 -28.63 -10.60 -26.82
C ILE C 92 -29.43 -9.34 -27.11
N VAL C 93 -29.60 -8.50 -26.09
CA VAL C 93 -30.43 -7.29 -26.19
C VAL C 93 -29.54 -6.08 -26.43
N ALA C 94 -30.03 -5.17 -27.28
CA ALA C 94 -29.44 -3.85 -27.44
C ALA C 94 -30.34 -2.83 -26.75
N THR C 95 -29.75 -2.00 -25.90
CA THR C 95 -30.53 -1.05 -25.12
C THR C 95 -30.68 0.30 -25.82
N ASP C 96 -29.74 0.68 -26.67
CA ASP C 96 -29.78 1.95 -27.37
C ASP C 96 -29.44 1.74 -28.84
N GLU C 97 -29.46 2.84 -29.61
CA GLU C 97 -29.18 2.75 -31.04
C GLU C 97 -27.70 2.55 -31.32
N LYS C 98 -26.82 2.84 -30.36
CA LYS C 98 -25.40 2.57 -30.57
C LYS C 98 -25.09 1.08 -30.48
N GLU C 99 -25.82 0.36 -29.64
CA GLU C 99 -25.63 -1.08 -29.52
C GLU C 99 -26.37 -1.86 -30.60
N VAL C 100 -27.32 -1.23 -31.29
CA VAL C 100 -28.07 -1.97 -32.30
C VAL C 100 -27.24 -2.13 -33.56
N LYS C 101 -26.34 -1.18 -33.84
CA LYS C 101 -25.42 -1.37 -34.96
C LYS C 101 -24.44 -2.49 -34.66
N LEU C 102 -24.00 -2.61 -33.41
CA LEU C 102 -23.15 -3.73 -33.02
C LEU C 102 -23.92 -5.03 -33.01
N LEU C 103 -25.22 -5.00 -32.69
CA LEU C 103 -26.01 -6.22 -32.65
C LEU C 103 -26.20 -6.81 -34.05
N LYS C 104 -26.36 -5.94 -35.05
CA LYS C 104 -26.51 -6.43 -36.43
C LYS C 104 -25.21 -7.03 -36.94
N ASP C 105 -24.06 -6.52 -36.50
CA ASP C 105 -22.79 -7.15 -36.84
C ASP C 105 -22.69 -8.54 -36.24
N LEU C 106 -23.29 -8.74 -35.06
CA LEU C 106 -23.36 -10.08 -34.48
C LEU C 106 -24.32 -10.97 -35.25
N GLU C 107 -25.39 -10.40 -35.79
CA GLU C 107 -26.30 -11.16 -36.64
C GLU C 107 -25.59 -11.69 -37.87
N LYS C 108 -24.88 -10.80 -38.60
CA LYS C 108 -24.21 -11.21 -39.81
C LYS C 108 -23.16 -12.29 -39.53
N ARG C 109 -22.42 -12.15 -38.43
CA ARG C 109 -21.44 -13.16 -38.07
C ARG C 109 -22.11 -14.49 -37.72
N GLY C 110 -23.21 -14.44 -36.97
CA GLY C 110 -23.90 -15.67 -36.61
C GLY C 110 -24.49 -16.39 -37.81
N ILE C 111 -25.03 -15.64 -38.77
CA ILE C 111 -25.57 -16.26 -39.98
C ILE C 111 -24.47 -16.95 -40.76
N ALA C 112 -23.29 -16.32 -40.85
CA ALA C 112 -22.18 -16.91 -41.60
C ALA C 112 -21.60 -18.13 -40.89
N ASN C 113 -21.71 -18.19 -39.57
CA ASN C 113 -21.22 -19.33 -38.80
C ASN C 113 -22.25 -20.45 -38.70
N ASN C 114 -23.37 -20.34 -39.41
CA ASN C 114 -24.40 -21.38 -39.46
C ASN C 114 -24.92 -21.70 -38.07
N VAL C 115 -25.35 -20.66 -37.36
CA VAL C 115 -26.00 -20.84 -36.06
C VAL C 115 -27.45 -21.25 -36.31
N PRO C 116 -27.85 -22.46 -35.88
CA PRO C 116 -29.20 -22.95 -36.17
C PRO C 116 -30.30 -22.04 -35.63
N ASP C 117 -31.24 -21.70 -36.50
CA ASP C 117 -32.51 -21.03 -36.13
C ASP C 117 -32.26 -19.68 -35.46
N LEU C 118 -31.24 -18.97 -35.92
CA LEU C 118 -30.96 -17.63 -35.43
C LEU C 118 -31.90 -16.65 -36.11
N ARG C 119 -32.65 -15.89 -35.29
CA ARG C 119 -33.56 -14.87 -35.79
C ARG C 119 -33.37 -13.58 -35.00
N MET C 120 -33.54 -12.45 -35.68
CA MET C 120 -33.45 -11.12 -35.07
C MET C 120 -34.86 -10.63 -34.77
N ILE C 121 -35.12 -10.27 -33.51
CA ILE C 121 -36.41 -9.75 -33.08
C ILE C 121 -36.20 -8.41 -32.41
N GLU C 122 -37.28 -7.74 -32.03
CA GLU C 122 -37.13 -6.45 -31.34
C GLU C 122 -38.21 -6.23 -30.30
N GLY C 123 -38.65 -4.97 -30.15
CA GLY C 123 -39.38 -4.56 -28.96
C GLY C 123 -40.63 -5.39 -28.69
N SER C 124 -41.40 -5.71 -29.74
CA SER C 124 -42.66 -6.40 -29.54
C SER C 124 -42.47 -7.87 -29.18
N GLU C 125 -41.40 -8.50 -29.68
CA GLU C 125 -41.24 -9.94 -29.55
C GLU C 125 -40.30 -10.36 -28.43
N ILE C 126 -39.70 -9.41 -27.71
CA ILE C 126 -38.76 -9.80 -26.66
C ILE C 126 -39.49 -10.26 -25.41
N GLN C 127 -40.64 -9.64 -25.09
CA GLN C 127 -41.43 -10.11 -23.96
C GLN C 127 -42.04 -11.47 -24.20
N GLU C 128 -42.11 -11.91 -25.46
CA GLU C 128 -42.62 -13.24 -25.76
C GLU C 128 -41.66 -14.33 -25.28
N ILE C 129 -40.39 -14.02 -25.17
CA ILE C 129 -39.39 -14.96 -24.68
C ILE C 129 -38.97 -14.62 -23.25
N GLU C 130 -38.79 -13.35 -22.96
CA GLU C 130 -38.41 -12.87 -21.63
C GLU C 130 -39.36 -11.74 -21.24
N PRO C 131 -40.41 -12.02 -20.46
CA PRO C 131 -41.39 -10.97 -20.16
C PRO C 131 -40.84 -9.86 -19.29
N TYR C 132 -39.91 -10.14 -18.40
CA TYR C 132 -39.40 -9.14 -17.46
C TYR C 132 -38.23 -8.33 -18.02
N CYS C 133 -37.82 -8.57 -19.27
CA CYS C 133 -36.64 -7.94 -19.83
C CYS C 133 -37.04 -6.84 -20.82
N GLN C 134 -36.36 -5.71 -20.73
CA GLN C 134 -36.59 -4.57 -21.61
C GLN C 134 -35.63 -4.63 -22.80
N GLY C 135 -35.64 -3.59 -23.63
CA GLY C 135 -34.69 -3.50 -24.73
C GLY C 135 -35.25 -2.97 -26.03
N VAL C 136 -34.35 -2.63 -26.96
CA VAL C 136 -34.74 -2.10 -28.26
C VAL C 136 -34.80 -3.23 -29.28
N MET C 137 -33.68 -3.92 -29.48
CA MET C 137 -33.62 -5.04 -30.41
C MET C 137 -32.93 -6.22 -29.72
N ALA C 138 -33.14 -7.41 -30.27
CA ALA C 138 -32.63 -8.61 -29.64
C ALA C 138 -32.30 -9.65 -30.70
N LEU C 139 -31.26 -10.43 -30.41
CA LEU C 139 -30.79 -11.52 -31.27
C LEU C 139 -31.08 -12.83 -30.54
N HIS C 140 -32.04 -13.59 -31.05
CA HIS C 140 -32.53 -14.79 -30.36
C HIS C 140 -31.86 -16.03 -30.95
N SER C 141 -31.06 -16.71 -30.12
CA SER C 141 -30.45 -17.99 -30.45
C SER C 141 -31.10 -19.06 -29.59
N PRO C 142 -32.20 -19.67 -30.03
CA PRO C 142 -32.98 -20.56 -29.16
C PRO C 142 -32.32 -21.90 -28.87
N HIS C 143 -31.18 -22.20 -29.49
CA HIS C 143 -30.51 -23.49 -29.30
C HIS C 143 -29.32 -23.40 -28.36
N THR C 144 -29.10 -22.26 -27.73
CA THR C 144 -28.06 -22.14 -26.71
C THR C 144 -28.54 -22.77 -25.42
N GLY C 145 -27.74 -23.66 -24.84
CA GLY C 145 -28.10 -24.40 -23.66
C GLY C 145 -27.15 -24.19 -22.51
N ILE C 146 -27.51 -24.79 -21.37
CA ILE C 146 -26.70 -24.77 -20.16
C ILE C 146 -26.38 -26.20 -19.76
N VAL C 147 -25.21 -26.38 -19.14
CA VAL C 147 -24.76 -27.70 -18.72
C VAL C 147 -23.69 -27.50 -17.65
N ASP C 148 -23.46 -28.55 -16.86
CA ASP C 148 -22.41 -28.54 -15.84
C ASP C 148 -21.13 -29.06 -16.48
N TRP C 149 -20.27 -28.14 -16.92
CA TRP C 149 -19.02 -28.54 -17.56
C TRP C 149 -18.11 -29.28 -16.59
N GLY C 150 -18.25 -29.03 -15.28
CA GLY C 150 -17.51 -29.81 -14.30
C GLY C 150 -17.93 -31.26 -14.31
N LEU C 151 -19.23 -31.52 -14.47
CA LEU C 151 -19.70 -32.90 -14.62
C LEU C 151 -19.27 -33.49 -15.95
N VAL C 152 -19.23 -32.67 -17.01
CA VAL C 152 -18.77 -33.15 -18.30
C VAL C 152 -17.27 -33.43 -18.25
N THR C 153 -16.52 -32.63 -17.49
CA THR C 153 -15.08 -32.86 -17.37
C THR C 153 -14.80 -34.20 -16.68
N GLU C 154 -15.56 -34.52 -15.64
CA GLU C 154 -15.39 -35.80 -14.98
C GLU C 154 -15.82 -36.96 -15.88
N HIS C 155 -16.84 -36.75 -16.72
CA HIS C 155 -17.21 -37.77 -17.69
C HIS C 155 -16.10 -38.01 -18.71
N TYR C 156 -15.32 -36.98 -19.01
CA TYR C 156 -14.15 -37.17 -19.87
C TYR C 156 -13.08 -38.01 -19.18
N GLY C 157 -12.94 -37.87 -17.87
CA GLY C 157 -11.92 -38.64 -17.16
C GLY C 157 -12.28 -40.11 -17.04
N GLN C 158 -13.54 -40.41 -16.70
CA GLN C 158 -13.97 -41.80 -16.61
C GLN C 158 -13.85 -42.50 -17.96
N ASP C 159 -14.12 -41.78 -19.05
CA ASP C 159 -13.89 -42.34 -20.38
C ASP C 159 -12.41 -42.57 -20.64
N PHE C 160 -11.56 -41.64 -20.17
CA PHE C 160 -10.12 -41.80 -20.31
C PHE C 160 -9.60 -42.99 -19.51
N LYS C 161 -10.24 -43.30 -18.39
CA LYS C 161 -9.83 -44.44 -17.58
C LYS C 161 -10.42 -45.75 -18.06
N GLN C 162 -11.54 -45.72 -18.79
CA GLN C 162 -12.12 -46.95 -19.31
C GLN C 162 -11.22 -47.61 -20.34
N CYS C 163 -10.42 -46.83 -21.06
CA CYS C 163 -9.55 -47.35 -22.11
C CYS C 163 -8.15 -47.71 -21.61
N GLY C 164 -7.89 -47.56 -20.32
CA GLY C 164 -6.60 -47.88 -19.76
C GLY C 164 -5.80 -46.70 -19.26
N GLY C 165 -6.39 -45.52 -19.16
CA GLY C 165 -5.68 -44.34 -18.70
C GLY C 165 -5.70 -44.20 -17.19
N ASP C 166 -4.66 -43.56 -16.67
CA ASP C 166 -4.50 -43.35 -15.23
C ASP C 166 -4.59 -41.86 -14.93
N ILE C 167 -5.42 -41.51 -13.95
CA ILE C 167 -5.61 -40.13 -13.52
C ILE C 167 -4.93 -39.97 -12.17
N TYR C 168 -3.89 -39.15 -12.12
CA TYR C 168 -3.14 -38.89 -10.89
C TYR C 168 -3.68 -37.61 -10.25
N LEU C 169 -4.44 -37.76 -9.17
CA LEU C 169 -4.95 -36.62 -8.43
C LEU C 169 -4.00 -36.27 -7.30
N ASP C 170 -4.09 -35.01 -6.86
CA ASP C 170 -3.18 -34.46 -5.84
C ASP C 170 -1.72 -34.59 -6.29
N PHE C 171 -1.49 -34.41 -7.58
CA PHE C 171 -0.15 -34.52 -8.18
C PHE C 171 0.25 -33.13 -8.67
N ASN C 172 0.91 -32.37 -7.80
CA ASN C 172 1.37 -31.03 -8.14
C ASN C 172 2.70 -31.13 -8.85
N VAL C 173 2.69 -31.00 -10.18
CA VAL C 173 3.92 -31.05 -10.96
C VAL C 173 4.79 -29.88 -10.56
N SER C 174 6.04 -30.18 -10.16
CA SER C 174 6.94 -29.16 -9.63
C SER C 174 8.28 -29.08 -10.33
N LYS C 175 8.68 -30.10 -11.08
CA LYS C 175 10.02 -30.13 -11.65
C LYS C 175 10.10 -31.22 -12.71
N PHE C 176 10.82 -30.94 -13.79
CA PHE C 176 11.10 -31.91 -14.84
C PHE C 176 12.59 -32.19 -14.87
N THR C 177 12.95 -33.47 -14.91
CA THR C 177 14.34 -33.88 -14.95
C THR C 177 14.53 -34.97 -16.00
N GLU C 178 15.79 -35.29 -16.28
CA GLU C 178 16.15 -36.37 -17.18
C GLU C 178 16.47 -37.63 -16.39
N THR C 179 16.19 -38.77 -17.00
CA THR C 179 16.41 -40.05 -16.34
C THR C 179 17.88 -40.45 -16.35
N ASP C 184 14.38 -46.08 -22.00
CA ASP C 184 13.23 -46.03 -22.90
C ASP C 184 12.28 -44.91 -22.50
N TYR C 185 12.42 -44.43 -21.26
CA TYR C 185 11.60 -43.37 -20.69
C TYR C 185 12.53 -42.25 -20.25
N PRO C 186 12.82 -41.28 -21.13
CA PRO C 186 13.91 -40.33 -20.85
C PRO C 186 13.55 -39.18 -19.93
N VAL C 187 12.28 -38.80 -19.82
CA VAL C 187 11.86 -37.64 -19.05
C VAL C 187 11.13 -38.12 -17.79
N THR C 188 11.48 -37.53 -16.65
CA THR C 188 10.89 -37.86 -15.36
C THR C 188 10.23 -36.62 -14.78
N ILE C 189 8.97 -36.77 -14.35
CA ILE C 189 8.19 -35.68 -13.79
C ILE C 189 8.16 -35.82 -12.28
N HIS C 190 8.34 -34.71 -11.57
CA HIS C 190 8.42 -34.70 -10.12
C HIS C 190 7.21 -33.98 -9.53
N GLY C 191 6.66 -34.54 -8.46
CA GLY C 191 5.56 -33.93 -7.75
C GLY C 191 6.01 -33.10 -6.57
N ALA C 192 5.04 -32.55 -5.85
CA ALA C 192 5.32 -31.72 -4.69
C ALA C 192 5.74 -32.54 -3.47
N LYS C 193 5.37 -33.81 -3.42
CA LYS C 193 5.68 -34.70 -2.31
C LYS C 193 6.98 -35.46 -2.59
N PRO C 194 7.69 -35.91 -1.55
CA PRO C 194 8.92 -36.66 -1.81
C PRO C 194 8.61 -38.07 -2.26
N GLY C 195 9.36 -38.53 -3.26
CA GLY C 195 9.10 -39.82 -3.89
C GLY C 195 7.97 -39.83 -4.90
N GLN C 196 7.08 -38.84 -4.86
CA GLN C 196 6.01 -38.74 -5.85
C GLN C 196 6.61 -38.41 -7.21
N THR C 197 6.73 -39.42 -8.07
CA THR C 197 7.39 -39.24 -9.35
C THR C 197 6.75 -40.14 -10.39
N VAL C 198 7.02 -39.84 -11.66
CA VAL C 198 6.51 -40.62 -12.78
C VAL C 198 7.43 -40.37 -13.97
N ARG C 199 7.56 -41.40 -14.81
CA ARG C 199 8.41 -41.32 -16.00
C ARG C 199 7.56 -41.54 -17.25
N THR C 200 8.01 -40.98 -18.36
CA THR C 200 7.30 -41.09 -19.63
C THR C 200 8.26 -40.77 -20.76
N LYS C 201 7.72 -40.68 -21.97
CA LYS C 201 8.48 -40.29 -23.16
C LYS C 201 8.17 -38.87 -23.61
N ASN C 202 6.89 -38.50 -23.66
CA ASN C 202 6.47 -37.19 -24.10
C ASN C 202 5.46 -36.62 -23.10
N VAL C 203 5.41 -35.29 -23.03
CA VAL C 203 4.59 -34.58 -22.06
C VAL C 203 3.79 -33.51 -22.80
N LEU C 204 2.51 -33.39 -22.45
CA LEU C 204 1.64 -32.34 -22.97
C LEU C 204 0.95 -31.66 -21.80
N THR C 205 1.24 -30.38 -21.60
CA THR C 205 0.76 -29.64 -20.44
C THR C 205 -0.35 -28.69 -20.86
N CYS C 206 -1.46 -28.72 -20.11
CA CYS C 206 -2.58 -27.80 -20.28
C CYS C 206 -2.89 -27.19 -18.91
N GLY C 207 -1.95 -26.40 -18.40
CA GLY C 207 -2.02 -25.87 -17.05
C GLY C 207 -3.03 -24.77 -16.80
N GLY C 208 -3.65 -24.24 -17.85
CA GLY C 208 -4.63 -23.18 -17.66
C GLY C 208 -4.04 -21.92 -17.04
N LEU C 209 -4.39 -21.66 -15.78
CA LEU C 209 -3.87 -20.49 -15.09
C LEU C 209 -2.36 -20.55 -14.90
N GLN C 210 -1.77 -21.74 -14.90
CA GLN C 210 -0.32 -21.91 -14.80
C GLN C 210 0.27 -22.41 -16.12
N SER C 211 -0.30 -21.98 -17.24
CA SER C 211 0.21 -22.39 -18.55
C SER C 211 1.65 -21.92 -18.74
N ASP C 212 1.92 -20.66 -18.41
CA ASP C 212 3.26 -20.13 -18.60
C ASP C 212 4.23 -20.70 -17.57
N LEU C 213 3.82 -20.76 -16.30
CA LEU C 213 4.72 -21.22 -15.24
C LEU C 213 5.16 -22.66 -15.48
N LEU C 214 4.27 -23.50 -16.01
CA LEU C 214 4.67 -24.85 -16.37
C LEU C 214 5.64 -24.85 -17.55
N ALA C 215 5.46 -23.93 -18.48
CA ALA C 215 6.36 -23.85 -19.64
C ALA C 215 7.73 -23.34 -19.25
N GLU C 216 7.82 -22.47 -18.23
CA GLU C 216 9.12 -21.95 -17.81
C GLU C 216 10.00 -23.02 -17.20
N LYS C 217 9.44 -24.15 -16.76
CA LYS C 217 10.22 -25.22 -16.16
C LYS C 217 10.96 -26.06 -17.19
N THR C 218 10.64 -25.95 -18.48
CA THR C 218 11.31 -26.70 -19.53
C THR C 218 12.03 -25.81 -20.52
N GLY C 219 12.27 -24.55 -20.15
CA GLY C 219 13.06 -23.66 -20.99
C GLY C 219 12.29 -22.81 -21.98
N CYS C 220 10.99 -22.61 -21.76
CA CYS C 220 10.20 -21.77 -22.65
C CYS C 220 10.30 -20.30 -22.24
N PRO C 221 10.06 -19.38 -23.17
CA PRO C 221 10.10 -17.96 -22.82
C PRO C 221 8.95 -17.59 -21.89
N ARG C 222 9.05 -16.37 -21.34
CA ARG C 222 8.01 -15.89 -20.45
C ARG C 222 6.73 -15.54 -21.20
N ASP C 223 6.85 -15.15 -22.46
CA ASP C 223 5.69 -14.80 -23.28
C ASP C 223 5.14 -16.02 -23.99
N PRO C 224 3.80 -16.16 -24.07
CA PRO C 224 2.83 -15.23 -23.48
C PRO C 224 2.57 -15.50 -22.01
N ARG C 225 2.44 -14.44 -21.22
CA ARG C 225 2.19 -14.56 -19.80
C ARG C 225 0.70 -14.63 -19.51
N ILE C 226 0.33 -15.45 -18.53
CA ILE C 226 -1.06 -15.59 -18.13
C ILE C 226 -1.43 -14.44 -17.21
N VAL C 227 -2.45 -13.68 -17.58
CA VAL C 227 -2.95 -12.56 -16.81
C VAL C 227 -4.29 -12.96 -16.20
N PRO C 228 -4.43 -12.95 -14.88
CA PRO C 228 -5.67 -13.47 -14.26
C PRO C 228 -6.78 -12.42 -14.26
N PHE C 229 -7.94 -12.81 -14.77
CA PHE C 229 -9.13 -11.97 -14.77
C PHE C 229 -10.23 -12.72 -14.03
N ARG C 230 -10.65 -12.19 -12.89
CA ARG C 230 -11.66 -12.83 -12.07
C ARG C 230 -13.05 -12.56 -12.63
N GLY C 231 -13.87 -13.60 -12.72
CA GLY C 231 -15.25 -13.46 -13.16
C GLY C 231 -16.22 -13.68 -12.02
N GLU C 232 -16.69 -12.58 -11.43
CA GLU C 232 -17.55 -12.65 -10.24
C GLU C 232 -19.01 -12.82 -10.64
N TYR C 233 -19.74 -13.57 -9.83
CA TYR C 233 -21.16 -13.82 -10.05
C TYR C 233 -21.96 -13.32 -8.86
N LEU C 234 -23.24 -13.05 -9.12
CA LEU C 234 -24.19 -12.60 -8.11
C LEU C 234 -25.37 -13.55 -8.08
N LEU C 235 -25.76 -13.99 -6.88
CA LEU C 235 -26.82 -14.97 -6.72
C LEU C 235 -28.16 -14.25 -6.59
N LEU C 236 -29.05 -14.43 -7.56
CA LEU C 236 -30.39 -13.90 -7.47
C LEU C 236 -31.23 -14.75 -6.53
N THR C 237 -32.08 -14.10 -5.74
CA THR C 237 -32.89 -14.81 -4.75
C THR C 237 -33.86 -15.76 -5.44
N LYS C 238 -34.23 -16.82 -4.72
CA LYS C 238 -35.15 -17.82 -5.25
C LYS C 238 -36.52 -17.24 -5.55
N GLU C 239 -36.91 -16.15 -4.86
CA GLU C 239 -38.21 -15.53 -5.11
C GLU C 239 -38.33 -15.08 -6.56
N LYS C 240 -37.30 -14.42 -7.08
CA LYS C 240 -37.35 -13.72 -8.36
C LYS C 240 -36.69 -14.51 -9.49
N GLN C 241 -36.43 -15.81 -9.28
CA GLN C 241 -35.84 -16.66 -10.30
C GLN C 241 -36.77 -16.89 -11.48
N HIS C 242 -38.08 -16.76 -11.29
CA HIS C 242 -39.02 -16.94 -12.39
C HIS C 242 -38.92 -15.83 -13.43
N MET C 243 -38.27 -14.71 -13.08
CA MET C 243 -38.17 -13.58 -13.99
C MET C 243 -37.10 -13.75 -15.06
N VAL C 244 -36.33 -14.83 -15.00
CA VAL C 244 -35.30 -15.13 -15.99
C VAL C 244 -35.52 -16.58 -16.43
N LYS C 245 -35.94 -16.76 -17.68
CA LYS C 245 -36.21 -18.09 -18.20
C LYS C 245 -35.02 -18.66 -18.95
N GLY C 246 -34.29 -17.81 -19.69
CA GLY C 246 -33.15 -18.26 -20.46
C GLY C 246 -31.94 -17.35 -20.31
N ASN C 247 -30.98 -17.49 -21.22
CA ASN C 247 -29.77 -16.67 -21.19
C ASN C 247 -30.07 -15.29 -21.77
N ILE C 248 -29.72 -14.25 -21.03
CA ILE C 248 -29.88 -12.87 -21.47
C ILE C 248 -28.50 -12.22 -21.45
N TYR C 249 -27.93 -12.03 -22.64
CA TYR C 249 -26.59 -11.46 -22.76
C TYR C 249 -26.65 -10.01 -23.23
N PRO C 250 -25.71 -9.18 -22.81
CA PRO C 250 -25.60 -7.83 -23.37
C PRO C 250 -24.82 -7.84 -24.66
N VAL C 251 -24.77 -6.68 -25.31
CA VAL C 251 -23.97 -6.48 -26.52
C VAL C 251 -22.57 -6.09 -26.08
N PRO C 252 -21.58 -6.96 -26.19
CA PRO C 252 -20.25 -6.67 -25.66
C PRO C 252 -19.43 -5.80 -26.62
N ASP C 253 -18.36 -5.24 -26.08
CA ASP C 253 -17.41 -4.49 -26.88
C ASP C 253 -16.57 -5.48 -27.69
N PRO C 254 -16.61 -5.42 -29.03
CA PRO C 254 -15.88 -6.41 -29.84
C PRO C 254 -14.37 -6.35 -29.69
N ARG C 255 -13.83 -5.32 -29.02
CA ARG C 255 -12.39 -5.22 -28.81
C ARG C 255 -11.87 -6.14 -27.72
N PHE C 256 -12.76 -6.76 -26.95
CA PHE C 256 -12.35 -7.64 -25.86
C PHE C 256 -13.04 -8.99 -26.00
N PRO C 257 -12.37 -10.07 -25.60
CA PRO C 257 -13.02 -11.40 -25.65
C PRO C 257 -14.09 -11.59 -24.60
N PHE C 258 -14.24 -10.66 -23.66
CA PHE C 258 -15.24 -10.79 -22.61
C PHE C 258 -16.64 -10.56 -23.16
N LEU C 259 -17.60 -11.34 -22.67
CA LEU C 259 -18.98 -11.23 -23.11
C LEU C 259 -19.84 -10.35 -22.21
N GLY C 260 -19.31 -9.91 -21.07
CA GLY C 260 -20.03 -9.03 -20.17
C GLY C 260 -20.90 -9.79 -19.17
N VAL C 261 -21.36 -9.04 -18.18
CA VAL C 261 -22.25 -9.59 -17.16
C VAL C 261 -23.59 -9.93 -17.80
N HIS C 262 -24.02 -11.18 -17.67
CA HIS C 262 -25.23 -11.66 -18.32
C HIS C 262 -26.08 -12.44 -17.33
N PHE C 263 -27.35 -12.61 -17.69
CA PHE C 263 -28.30 -13.39 -16.90
C PHE C 263 -28.30 -14.83 -17.40
N THR C 264 -28.07 -15.76 -16.49
CA THR C 264 -27.95 -17.16 -16.91
C THR C 264 -28.53 -18.10 -15.86
N PRO C 265 -29.49 -18.94 -16.24
CA PRO C 265 -29.99 -19.96 -15.31
C PRO C 265 -29.03 -21.13 -15.21
N ARG C 266 -29.18 -21.90 -14.15
CA ARG C 266 -28.34 -23.06 -13.89
C ARG C 266 -29.20 -24.31 -13.79
N MET C 267 -28.53 -25.44 -13.56
CA MET C 267 -29.24 -26.73 -13.56
C MET C 267 -30.15 -26.85 -12.34
N ASP C 268 -29.73 -26.32 -11.19
CA ASP C 268 -30.55 -26.36 -9.99
C ASP C 268 -31.60 -25.26 -9.96
N GLY C 269 -31.71 -24.45 -11.02
CA GLY C 269 -32.70 -23.40 -11.09
C GLY C 269 -32.22 -22.04 -10.64
N SER C 270 -30.96 -21.90 -10.24
CA SER C 270 -30.45 -20.62 -9.78
C SER C 270 -30.19 -19.69 -10.95
N ILE C 271 -30.37 -18.39 -10.70
CA ILE C 271 -30.12 -17.35 -11.68
C ILE C 271 -28.89 -16.57 -11.21
N TRP C 272 -27.78 -16.72 -11.91
CA TRP C 272 -26.56 -16.01 -11.56
C TRP C 272 -26.34 -14.84 -12.51
N LEU C 273 -25.76 -13.76 -11.97
CA LEU C 273 -25.52 -12.54 -12.71
C LEU C 273 -24.01 -12.37 -12.87
N GLY C 274 -23.52 -12.52 -14.09
CA GLY C 274 -22.11 -12.41 -14.37
C GLY C 274 -21.72 -13.23 -15.58
N PRO C 275 -20.42 -13.44 -15.78
CA PRO C 275 -19.35 -12.91 -14.93
C PRO C 275 -18.87 -11.53 -15.39
N ASN C 276 -18.08 -10.86 -14.55
CA ASN C 276 -17.47 -9.59 -14.91
C ASN C 276 -16.03 -9.84 -15.35
N ALA C 277 -15.25 -8.76 -15.43
CA ALA C 277 -13.84 -8.84 -15.85
C ALA C 277 -13.03 -7.87 -14.98
N VAL C 278 -12.65 -8.33 -13.80
CA VAL C 278 -11.82 -7.57 -12.88
C VAL C 278 -10.43 -8.20 -12.85
N LEU C 279 -9.41 -7.36 -12.75
CA LEU C 279 -8.04 -7.85 -12.72
C LEU C 279 -7.74 -8.48 -11.37
N ALA C 280 -7.37 -9.75 -11.37
CA ALA C 280 -7.05 -10.46 -10.14
C ALA C 280 -5.61 -10.17 -9.72
N LEU C 281 -5.43 -9.75 -8.47
CA LEU C 281 -4.11 -9.54 -7.91
C LEU C 281 -3.43 -10.84 -7.50
N LYS C 282 -3.95 -11.98 -7.97
CA LYS C 282 -3.40 -13.29 -7.67
C LYS C 282 -3.86 -14.23 -8.78
N ARG C 283 -2.94 -15.11 -9.21
CA ARG C 283 -3.25 -16.01 -10.32
C ARG C 283 -4.47 -16.87 -10.02
N GLU C 284 -4.51 -17.48 -8.84
CA GLU C 284 -5.70 -18.19 -8.35
C GLU C 284 -6.49 -17.33 -7.38
N GLY C 285 -6.59 -16.03 -7.65
CA GLY C 285 -7.30 -15.12 -6.78
C GLY C 285 -8.80 -15.11 -7.04
N TYR C 286 -9.53 -15.97 -6.34
CA TYR C 286 -10.98 -16.04 -6.49
C TYR C 286 -11.71 -15.04 -5.62
N THR C 287 -11.03 -14.34 -4.72
CA THR C 287 -11.63 -13.34 -3.86
C THR C 287 -10.97 -11.99 -4.10
N TRP C 288 -11.56 -10.95 -3.50
CA TRP C 288 -11.07 -9.59 -3.70
C TRP C 288 -9.79 -9.33 -2.91
N GLY C 289 -9.70 -9.84 -1.68
CA GLY C 289 -8.55 -9.58 -0.84
C GLY C 289 -7.35 -10.47 -1.09
N ASP C 290 -7.51 -11.54 -1.88
CA ASP C 290 -6.42 -12.48 -2.15
C ASP C 290 -5.44 -11.84 -3.12
N ILE C 291 -4.31 -11.38 -2.59
CA ILE C 291 -3.24 -10.81 -3.40
C ILE C 291 -1.95 -11.58 -3.11
N ASN C 292 -1.00 -11.46 -4.04
CA ASN C 292 0.32 -12.07 -3.89
C ASN C 292 1.34 -11.10 -4.47
N LEU C 293 2.28 -10.65 -3.63
CA LEU C 293 3.24 -9.65 -4.08
C LEU C 293 4.16 -10.19 -5.16
N PHE C 294 4.54 -11.48 -5.05
CA PHE C 294 5.41 -12.07 -6.06
C PHE C 294 4.68 -12.21 -7.41
N GLU C 295 3.45 -12.74 -7.38
CA GLU C 295 2.68 -12.88 -8.60
C GLU C 295 2.20 -11.54 -9.15
N LEU C 296 2.27 -10.47 -8.37
CA LEU C 296 1.87 -9.15 -8.84
C LEU C 296 3.05 -8.34 -9.37
N PHE C 297 4.18 -8.37 -8.68
CA PHE C 297 5.35 -7.64 -9.15
C PHE C 297 5.79 -8.11 -10.53
N ASP C 298 5.74 -9.42 -10.77
CA ASP C 298 6.05 -9.94 -12.09
C ASP C 298 4.94 -9.64 -13.09
N ALA C 299 3.70 -9.49 -12.60
CA ALA C 299 2.60 -9.12 -13.49
C ALA C 299 2.72 -7.68 -13.96
N LEU C 300 3.35 -6.82 -13.16
CA LEU C 300 3.58 -5.44 -13.56
C LEU C 300 4.88 -5.26 -14.33
N ARG C 301 5.89 -6.07 -14.04
CA ARG C 301 7.15 -6.01 -14.77
C ARG C 301 7.04 -6.59 -16.18
N TYR C 302 5.91 -7.19 -16.52
CA TYR C 302 5.72 -7.71 -17.86
C TYR C 302 5.52 -6.55 -18.84
N PRO C 303 6.27 -6.50 -19.95
CA PRO C 303 6.16 -5.34 -20.84
C PRO C 303 4.79 -5.16 -21.45
N GLY C 304 4.04 -6.24 -21.70
CA GLY C 304 2.72 -6.13 -22.28
C GLY C 304 1.67 -5.59 -21.33
N PHE C 305 1.91 -5.67 -20.02
CA PHE C 305 0.92 -5.22 -19.05
C PHE C 305 0.76 -3.70 -19.11
N VAL C 306 1.86 -2.96 -19.18
CA VAL C 306 1.76 -1.50 -19.24
C VAL C 306 1.17 -1.06 -20.57
N LYS C 307 1.43 -1.79 -21.66
CA LYS C 307 0.89 -1.43 -22.95
C LYS C 307 -0.63 -1.63 -22.98
N MET C 308 -1.09 -2.79 -22.51
CA MET C 308 -2.53 -3.05 -22.47
C MET C 308 -3.24 -2.10 -21.53
N ALA C 309 -2.60 -1.71 -20.42
CA ALA C 309 -3.20 -0.75 -19.51
C ALA C 309 -3.17 0.66 -20.08
N SER C 310 -2.20 0.96 -20.94
CA SER C 310 -2.11 2.30 -21.52
C SER C 310 -3.28 2.63 -22.43
N LYS C 311 -4.03 1.62 -22.88
CA LYS C 311 -5.14 1.83 -23.80
C LYS C 311 -6.49 1.41 -23.26
N TYR C 312 -6.54 0.56 -22.21
CA TYR C 312 -7.81 0.04 -21.71
C TYR C 312 -7.82 0.02 -20.19
N ILE C 313 -7.24 1.05 -19.57
CA ILE C 313 -7.25 1.11 -18.11
C ILE C 313 -8.64 1.50 -17.60
N GLY C 314 -9.36 2.35 -18.33
CA GLY C 314 -10.66 2.79 -17.88
C GLY C 314 -11.71 1.69 -17.91
N PHE C 315 -11.61 0.79 -18.89
CA PHE C 315 -12.56 -0.32 -18.97
C PHE C 315 -12.37 -1.28 -17.80
N GLY C 316 -11.13 -1.48 -17.37
CA GLY C 316 -10.87 -2.31 -16.21
C GLY C 316 -11.25 -1.64 -14.90
N LEU C 317 -11.04 -0.32 -14.80
CA LEU C 317 -11.41 0.40 -13.59
C LEU C 317 -12.93 0.51 -13.44
N SER C 318 -13.65 0.63 -14.55
CA SER C 318 -15.10 0.65 -14.49
C SER C 318 -15.65 -0.68 -13.98
N GLU C 319 -15.03 -1.79 -14.40
CA GLU C 319 -15.44 -3.09 -13.89
C GLU C 319 -15.17 -3.22 -12.39
N MET C 320 -14.01 -2.74 -11.94
CA MET C 320 -13.71 -2.78 -10.51
C MET C 320 -14.65 -1.88 -9.73
N SER C 321 -15.01 -0.73 -10.29
CA SER C 321 -15.92 0.18 -9.61
C SER C 321 -17.30 -0.42 -9.47
N LYS C 322 -17.80 -1.10 -10.52
CA LYS C 322 -19.08 -1.77 -10.43
C LYS C 322 -19.04 -2.99 -9.52
N SER C 323 -17.84 -3.48 -9.19
CA SER C 323 -17.70 -4.57 -8.23
C SER C 323 -17.52 -4.08 -6.81
N TRP C 324 -16.91 -2.89 -6.64
CA TRP C 324 -16.78 -2.31 -5.31
C TRP C 324 -18.14 -1.88 -4.78
N PHE C 325 -18.89 -1.13 -5.56
CA PHE C 325 -20.24 -0.67 -5.21
C PHE C 325 -21.23 -1.36 -6.14
N ILE C 326 -21.92 -2.39 -5.63
CA ILE C 326 -22.84 -3.15 -6.45
C ILE C 326 -24.09 -2.37 -6.82
N ASN C 327 -24.34 -1.23 -6.18
CA ASN C 327 -25.46 -0.39 -6.58
C ASN C 327 -25.30 0.11 -8.02
N LEU C 328 -24.05 0.30 -8.46
CA LEU C 328 -23.81 0.61 -9.85
C LEU C 328 -24.01 -0.61 -10.74
N GLN C 329 -23.77 -1.80 -10.21
CA GLN C 329 -23.93 -3.02 -11.00
C GLN C 329 -25.41 -3.30 -11.27
N ILE C 330 -26.25 -3.20 -10.25
CA ILE C 330 -27.68 -3.46 -10.44
C ILE C 330 -28.31 -2.38 -11.32
N LYS C 331 -27.75 -1.16 -11.29
CA LYS C 331 -28.27 -0.12 -12.18
C LYS C 331 -28.04 -0.49 -13.64
N ALA C 332 -26.86 -1.02 -13.96
CA ALA C 332 -26.61 -1.51 -15.31
C ALA C 332 -27.48 -2.71 -15.65
N LEU C 333 -27.83 -3.52 -14.64
CA LEU C 333 -28.72 -4.65 -14.85
C LEU C 333 -30.17 -4.22 -15.00
N GLN C 334 -30.57 -3.13 -14.34
CA GLN C 334 -31.91 -2.60 -14.50
C GLN C 334 -32.18 -2.06 -15.90
N LYS C 335 -31.13 -1.84 -16.70
CA LYS C 335 -31.34 -1.50 -18.10
C LYS C 335 -31.97 -2.65 -18.87
N TYR C 336 -31.97 -3.86 -18.32
CA TYR C 336 -32.59 -5.02 -18.94
C TYR C 336 -33.81 -5.48 -18.14
N ILE C 337 -33.61 -5.95 -16.91
CA ILE C 337 -34.71 -6.34 -16.03
C ILE C 337 -34.75 -5.38 -14.85
N PRO C 338 -35.62 -4.35 -14.89
CA PRO C 338 -35.57 -3.31 -13.85
C PRO C 338 -36.17 -3.73 -12.51
N ASP C 339 -36.84 -4.86 -12.43
CA ASP C 339 -37.45 -5.30 -11.18
C ASP C 339 -36.45 -5.88 -10.19
N ILE C 340 -35.18 -6.03 -10.58
CA ILE C 340 -34.16 -6.56 -9.69
C ILE C 340 -33.47 -5.40 -8.99
N THR C 341 -33.54 -5.39 -7.67
CA THR C 341 -32.90 -4.38 -6.83
C THR C 341 -31.74 -5.01 -6.08
N GLU C 342 -31.11 -4.21 -5.20
CA GLU C 342 -29.96 -4.70 -4.46
C GLU C 342 -30.33 -5.72 -3.41
N TYR C 343 -31.59 -5.71 -2.94
CA TYR C 343 -32.04 -6.68 -1.96
C TYR C 343 -32.27 -8.07 -2.54
N ASP C 344 -32.20 -8.21 -3.86
CA ASP C 344 -32.47 -9.47 -4.54
C ASP C 344 -31.21 -10.25 -4.89
N ILE C 345 -30.02 -9.71 -4.57
CA ILE C 345 -28.77 -10.34 -4.95
C ILE C 345 -27.83 -10.38 -3.76
N GLN C 346 -26.88 -11.31 -3.83
CA GLN C 346 -25.84 -11.45 -2.82
C GLN C 346 -24.58 -11.98 -3.49
N ARG C 347 -23.43 -11.61 -2.93
CA ARG C 347 -22.16 -12.02 -3.52
C ARG C 347 -22.03 -13.53 -3.51
N GLY C 348 -21.70 -14.09 -4.67
CA GLY C 348 -21.56 -15.52 -4.81
C GLY C 348 -20.15 -15.93 -5.21
N PRO C 349 -20.02 -17.11 -5.81
CA PRO C 349 -18.69 -17.59 -6.17
C PRO C 349 -18.13 -16.85 -7.37
N ALA C 350 -16.91 -17.20 -7.79
CA ALA C 350 -16.29 -16.52 -8.92
C ALA C 350 -15.29 -17.48 -9.57
N GLY C 351 -14.86 -17.11 -10.78
CA GLY C 351 -13.84 -17.86 -11.48
C GLY C 351 -12.80 -16.92 -12.04
N VAL C 352 -11.62 -17.49 -12.30
CA VAL C 352 -10.47 -16.73 -12.79
C VAL C 352 -10.16 -17.20 -14.21
N ARG C 353 -9.97 -16.25 -15.12
CA ARG C 353 -9.66 -16.55 -16.51
C ARG C 353 -8.16 -16.64 -16.72
N ALA C 354 -7.74 -17.62 -17.51
CA ALA C 354 -6.34 -17.77 -17.90
C ALA C 354 -6.09 -17.02 -19.22
N GLN C 355 -6.16 -15.70 -19.11
CA GLN C 355 -6.06 -14.84 -20.28
C GLN C 355 -4.59 -14.68 -20.69
N ALA C 356 -4.26 -15.11 -21.90
CA ALA C 356 -2.90 -14.98 -22.40
C ALA C 356 -2.69 -13.60 -23.02
N MET C 357 -1.50 -13.05 -22.81
CA MET C 357 -1.15 -11.72 -23.30
C MET C 357 0.25 -11.75 -23.88
N ASP C 358 0.42 -11.14 -25.05
CA ASP C 358 1.72 -11.11 -25.71
C ASP C 358 2.56 -9.97 -25.12
N LEU C 359 3.73 -9.73 -25.73
CA LEU C 359 4.60 -8.66 -25.27
C LEU C 359 4.09 -7.28 -25.69
N ASP C 360 3.29 -7.21 -26.76
CA ASP C 360 2.73 -5.95 -27.21
C ASP C 360 1.47 -5.55 -26.45
N GLY C 361 0.90 -6.46 -25.66
CA GLY C 361 -0.26 -6.15 -24.84
C GLY C 361 -1.59 -6.63 -25.37
N ASN C 362 -1.60 -7.46 -26.42
CA ASN C 362 -2.85 -7.95 -26.98
C ASN C 362 -3.23 -9.28 -26.33
N LEU C 363 -4.52 -9.45 -26.07
CA LEU C 363 -5.03 -10.68 -25.48
C LEU C 363 -5.11 -11.75 -26.57
N VAL C 364 -4.20 -12.73 -26.52
CA VAL C 364 -4.15 -13.77 -27.54
C VAL C 364 -5.35 -14.69 -27.39
N ASP C 365 -6.07 -14.90 -28.50
CA ASP C 365 -7.23 -15.78 -28.54
C ASP C 365 -7.04 -16.92 -29.54
N ASP C 366 -5.80 -17.38 -29.68
CA ASP C 366 -5.45 -18.42 -30.64
C ASP C 366 -4.59 -19.47 -29.95
N PHE C 367 -4.38 -20.58 -30.65
CA PHE C 367 -3.53 -21.65 -30.12
C PHE C 367 -2.09 -21.17 -29.99
N VAL C 368 -1.47 -21.50 -28.86
CA VAL C 368 -0.07 -21.17 -28.59
C VAL C 368 0.59 -22.42 -28.04
N PHE C 369 1.28 -23.16 -28.90
CA PHE C 369 2.08 -24.30 -28.49
C PHE C 369 3.53 -23.86 -28.36
N ASP C 370 4.23 -24.41 -27.36
CA ASP C 370 5.59 -24.00 -27.07
C ASP C 370 6.43 -25.20 -26.65
N ARG C 371 7.73 -25.10 -26.90
CA ARG C 371 8.69 -26.13 -26.51
C ARG C 371 9.98 -25.46 -26.09
N GLY C 372 10.87 -26.25 -25.48
CA GLY C 372 12.14 -25.71 -25.02
C GLY C 372 13.03 -25.29 -26.18
N GLN C 373 13.90 -24.32 -25.91
CA GLN C 373 14.77 -23.79 -26.95
C GLN C 373 15.93 -24.72 -27.27
N GLY C 374 16.39 -25.51 -26.29
CA GLY C 374 17.51 -26.39 -26.49
C GLY C 374 17.14 -27.60 -27.32
N SER C 375 18.09 -28.54 -27.38
CA SER C 375 17.90 -29.80 -28.10
C SER C 375 17.97 -31.01 -27.19
N GLY C 376 17.89 -30.82 -25.88
CA GLY C 376 17.95 -31.91 -24.94
C GLY C 376 16.64 -32.68 -24.85
N ALA C 377 16.57 -33.55 -23.84
CA ALA C 377 15.37 -34.36 -23.67
C ALA C 377 14.19 -33.54 -23.16
N LEU C 378 14.46 -32.55 -22.30
CA LEU C 378 13.38 -31.70 -21.80
C LEU C 378 12.89 -30.73 -22.87
N ALA C 379 13.79 -30.16 -23.64
CA ALA C 379 13.45 -29.14 -24.62
C ALA C 379 12.85 -29.71 -25.91
N LYS C 380 12.68 -31.04 -26.00
CA LYS C 380 12.16 -31.65 -27.21
C LYS C 380 11.05 -32.65 -26.95
N ARG C 381 10.68 -32.90 -25.70
CA ARG C 381 9.66 -33.89 -25.39
C ARG C 381 8.54 -33.36 -24.50
N VAL C 382 8.56 -32.08 -24.15
CA VAL C 382 7.52 -31.47 -23.32
C VAL C 382 6.90 -30.33 -24.11
N LEU C 383 5.70 -30.54 -24.62
CA LEU C 383 4.98 -29.52 -25.38
C LEU C 383 3.94 -28.86 -24.48
N HIS C 384 3.99 -27.53 -24.41
CA HIS C 384 3.11 -26.75 -23.55
C HIS C 384 2.06 -26.05 -24.41
N CYS C 385 0.78 -26.33 -24.13
CA CYS C 385 -0.33 -25.62 -24.75
C CYS C 385 -0.63 -24.41 -23.88
N ARG C 386 0.00 -23.28 -24.22
CA ARG C 386 -0.09 -22.08 -23.39
C ARG C 386 -1.38 -21.31 -23.57
N ASN C 387 -2.17 -21.63 -24.60
CA ASN C 387 -3.46 -20.97 -24.79
C ASN C 387 -4.30 -21.79 -25.75
N ALA C 388 -5.61 -21.77 -25.51
CA ALA C 388 -6.60 -22.41 -26.36
C ALA C 388 -7.68 -21.40 -26.74
N PRO C 389 -8.22 -21.49 -27.96
CA PRO C 389 -9.21 -20.51 -28.40
C PRO C 389 -10.49 -20.59 -27.58
N SER C 390 -11.10 -19.42 -27.38
CA SER C 390 -12.32 -19.29 -26.59
C SER C 390 -13.53 -19.74 -27.41
N PRO C 391 -14.52 -20.39 -26.78
CA PRO C 391 -14.51 -20.80 -25.37
C PRO C 391 -13.98 -22.20 -25.17
N GLY C 392 -13.25 -22.43 -24.08
CA GLY C 392 -12.64 -23.73 -23.85
C GLY C 392 -13.65 -24.83 -23.54
N ALA C 393 -14.73 -24.49 -22.84
CA ALA C 393 -15.68 -25.52 -22.43
C ALA C 393 -16.53 -25.99 -23.60
N THR C 394 -17.11 -25.05 -24.35
CA THR C 394 -17.94 -25.44 -25.49
C THR C 394 -17.12 -26.13 -26.56
N SER C 395 -15.92 -25.62 -26.86
CA SER C 395 -15.04 -26.21 -27.86
C SER C 395 -14.17 -27.33 -27.29
N SER C 396 -14.62 -27.98 -26.21
CA SER C 396 -13.78 -28.97 -25.53
C SER C 396 -13.44 -30.14 -26.45
N LEU C 397 -14.45 -30.69 -27.12
CA LEU C 397 -14.22 -31.84 -27.99
C LEU C 397 -13.52 -31.44 -29.27
N ALA C 398 -13.79 -30.23 -29.77
CA ALA C 398 -13.15 -29.78 -31.01
C ALA C 398 -11.68 -29.45 -30.79
N ILE C 399 -11.37 -28.79 -29.66
CA ILE C 399 -9.98 -28.46 -29.35
C ILE C 399 -9.17 -29.72 -29.12
N ALA C 400 -9.76 -30.73 -28.49
CA ALA C 400 -9.03 -31.96 -28.17
C ALA C 400 -8.55 -32.67 -29.43
N LYS C 401 -9.35 -32.62 -30.50
CA LYS C 401 -8.95 -33.30 -31.74
C LYS C 401 -7.78 -32.60 -32.40
N MET C 402 -7.69 -31.27 -32.31
CA MET C 402 -6.57 -30.56 -32.91
C MET C 402 -5.33 -30.59 -32.01
N ILE C 403 -5.53 -30.58 -30.69
CA ILE C 403 -4.40 -30.79 -29.79
C ILE C 403 -3.83 -32.20 -29.97
N ALA C 404 -4.70 -33.19 -30.20
CA ALA C 404 -4.23 -34.53 -30.51
C ALA C 404 -3.50 -34.56 -31.85
N ASP C 405 -3.94 -33.76 -32.82
CA ASP C 405 -3.24 -33.68 -34.09
C ASP C 405 -1.89 -32.99 -33.94
N LYS C 406 -1.79 -32.02 -33.01
CA LYS C 406 -0.52 -31.35 -32.79
C LYS C 406 0.49 -32.29 -32.15
N ILE C 407 0.08 -33.04 -31.13
CA ILE C 407 1.00 -33.97 -30.49
C ILE C 407 1.29 -35.17 -31.37
N GLU C 408 0.42 -35.47 -32.35
CA GLU C 408 0.72 -36.54 -33.29
C GLU C 408 1.81 -36.12 -34.28
N ASN C 409 1.89 -34.83 -34.60
CA ASN C 409 2.95 -34.32 -35.46
C ASN C 409 4.19 -33.90 -34.68
N GLU C 410 4.02 -33.48 -33.43
CA GLU C 410 5.15 -33.05 -32.62
C GLU C 410 5.94 -34.24 -32.08
N PHE C 411 5.25 -35.33 -31.73
CA PHE C 411 5.89 -36.50 -31.16
C PHE C 411 5.88 -37.71 -32.10
N SER C 412 5.33 -37.57 -33.29
CA SER C 412 5.31 -38.63 -34.29
C SER C 412 4.59 -39.87 -33.76
N ILE C 413 3.41 -39.67 -33.20
CA ILE C 413 2.62 -40.76 -32.64
C ILE C 413 1.64 -41.30 -33.68
N ASP D 2 25.08 40.70 -12.59
CA ASP D 2 24.46 41.25 -11.39
C ASP D 2 25.39 41.15 -10.19
N TYR D 3 25.89 39.95 -9.93
CA TYR D 3 26.77 39.69 -8.81
C TYR D 3 27.98 38.90 -9.29
N ASP D 4 28.98 38.77 -8.41
CA ASP D 4 30.13 37.93 -8.71
C ASP D 4 30.10 36.59 -8.00
N LEU D 5 29.43 36.49 -6.87
CA LEU D 5 29.30 35.25 -6.13
C LEU D 5 27.91 35.16 -5.53
N VAL D 6 27.31 33.98 -5.60
CA VAL D 6 25.98 33.73 -5.06
C VAL D 6 26.02 32.45 -4.24
N VAL D 7 25.47 32.50 -3.02
CA VAL D 7 25.42 31.35 -2.13
C VAL D 7 23.98 30.84 -2.14
N VAL D 8 23.76 29.70 -2.80
CA VAL D 8 22.45 29.09 -2.86
C VAL D 8 22.20 28.35 -1.55
N GLY D 9 21.26 28.87 -0.74
CA GLY D 9 20.96 28.26 0.54
C GLY D 9 21.00 29.24 1.68
N GLY D 10 19.87 29.45 2.34
CA GLY D 10 19.79 30.38 3.44
C GLY D 10 19.89 29.71 4.80
N GLY D 11 20.55 28.56 4.85
CA GLY D 11 20.78 27.88 6.11
C GLY D 11 21.80 28.61 6.96
N ILE D 12 22.16 27.98 8.07
CA ILE D 12 23.13 28.58 8.98
C ILE D 12 24.53 28.55 8.38
N VAL D 13 24.86 27.49 7.64
CA VAL D 13 26.18 27.42 7.02
C VAL D 13 26.22 28.16 5.69
N GLY D 14 25.08 28.36 5.04
CA GLY D 14 25.04 29.18 3.85
C GLY D 14 25.12 30.66 4.16
N ALA D 15 24.53 31.09 5.29
CA ALA D 15 24.62 32.48 5.70
C ALA D 15 25.97 32.79 6.35
N ALA D 16 26.54 31.83 7.08
CA ALA D 16 27.85 32.06 7.68
C ALA D 16 28.94 32.12 6.63
N SER D 17 28.87 31.25 5.61
CA SER D 17 29.85 31.28 4.54
C SER D 17 29.75 32.58 3.74
N ALA D 18 28.53 33.06 3.51
CA ALA D 18 28.35 34.33 2.81
C ALA D 18 28.83 35.50 3.67
N ARG D 19 28.61 35.41 4.98
CA ARG D 19 29.09 36.47 5.88
C ARG D 19 30.61 36.49 5.92
N GLU D 20 31.24 35.32 5.87
CA GLU D 20 32.71 35.26 5.93
C GLU D 20 33.33 35.74 4.62
N ILE D 21 32.72 35.40 3.48
CA ILE D 21 33.31 35.73 2.19
C ILE D 21 33.22 37.21 1.89
N VAL D 22 32.23 37.92 2.46
CA VAL D 22 32.13 39.36 2.24
C VAL D 22 32.96 40.15 3.25
N LEU D 23 33.13 39.64 4.47
CA LEU D 23 34.00 40.30 5.44
C LEU D 23 35.47 40.15 5.04
N ARG D 24 35.83 39.00 4.49
CA ARG D 24 37.19 38.84 3.98
C ARG D 24 37.40 39.69 2.73
N HIS D 25 36.41 39.78 1.87
CA HIS D 25 36.51 40.49 0.59
C HIS D 25 35.32 41.44 0.48
N PRO D 26 35.43 42.64 1.08
CA PRO D 26 34.37 43.65 0.86
C PRO D 26 34.31 44.16 -0.57
N SER D 27 35.27 43.78 -1.41
CA SER D 27 35.31 44.19 -2.81
C SER D 27 34.41 43.34 -3.70
N LEU D 28 33.70 42.37 -3.14
CA LEU D 28 32.90 41.42 -3.90
C LEU D 28 31.42 41.67 -3.69
N LYS D 29 30.66 41.68 -4.78
CA LYS D 29 29.21 41.72 -4.72
C LYS D 29 28.70 40.29 -4.54
N VAL D 30 28.11 40.01 -3.38
CA VAL D 30 27.67 38.66 -3.04
C VAL D 30 26.15 38.67 -2.85
N ALA D 31 25.50 37.61 -3.30
CA ALA D 31 24.07 37.43 -3.14
C ALA D 31 23.80 36.08 -2.48
N VAL D 32 22.60 35.95 -1.92
CA VAL D 32 22.17 34.72 -1.28
C VAL D 32 20.76 34.39 -1.77
N LEU D 33 20.57 33.18 -2.29
CA LEU D 33 19.29 32.72 -2.81
C LEU D 33 18.69 31.71 -1.85
N GLU D 34 17.49 32.00 -1.37
CA GLU D 34 16.77 31.13 -0.45
C GLU D 34 15.37 30.86 -1.01
N LYS D 35 14.95 29.60 -0.95
CA LYS D 35 13.66 29.24 -1.52
C LYS D 35 12.50 29.52 -0.57
N GLU D 36 12.74 29.46 0.74
CA GLU D 36 11.68 29.72 1.70
C GLU D 36 11.50 31.22 1.91
N CYS D 37 10.59 31.58 2.82
CA CYS D 37 10.34 32.98 3.07
C CYS D 37 11.40 33.58 3.99
N LYS D 38 11.86 32.81 4.98
CA LYS D 38 12.80 33.29 5.97
C LYS D 38 14.05 32.43 5.94
N LEU D 39 15.11 32.96 6.56
CA LEU D 39 16.34 32.20 6.72
C LEU D 39 16.19 31.23 7.90
N ALA D 40 16.95 30.13 7.83
CA ALA D 40 16.90 29.10 8.87
C ALA D 40 15.49 28.55 9.03
N LYS D 41 14.89 28.13 7.92
CA LYS D 41 13.54 27.60 7.91
C LYS D 41 13.49 26.08 8.00
N HIS D 42 14.62 25.40 7.88
CA HIS D 42 14.63 23.94 7.92
C HIS D 42 15.52 23.41 9.04
N GLN D 43 16.69 22.89 8.70
CA GLN D 43 17.58 22.30 9.70
C GLN D 43 18.02 23.34 10.72
N SER D 44 18.34 24.55 10.27
CA SER D 44 18.80 25.59 11.18
C SER D 44 17.67 26.17 12.03
N GLY D 45 16.41 25.85 11.73
CA GLY D 45 15.30 26.34 12.50
C GLY D 45 14.54 25.25 13.23
N HIS D 46 14.95 23.99 13.01
CA HIS D 46 14.33 22.84 13.66
C HIS D 46 15.45 21.95 14.22
N ASN D 47 16.09 22.43 15.27
CA ASN D 47 17.20 21.73 15.89
C ASN D 47 17.03 21.73 17.40
N SER D 48 17.90 20.99 18.08
CA SER D 48 17.88 20.94 19.54
C SER D 48 18.38 22.23 20.18
N GLY D 49 19.10 23.06 19.44
CA GLY D 49 19.55 24.33 19.98
C GLY D 49 20.72 24.23 20.93
N VAL D 50 21.40 23.09 20.97
CA VAL D 50 22.47 22.87 21.93
C VAL D 50 23.79 23.33 21.33
N ILE D 51 24.54 24.12 22.10
CA ILE D 51 25.87 24.57 21.70
C ILE D 51 26.86 23.49 22.07
N HIS D 52 27.13 22.58 21.13
CA HIS D 52 28.00 21.45 21.40
C HIS D 52 29.43 21.91 21.66
N ALA D 53 30.18 21.07 22.37
CA ALA D 53 31.53 21.38 22.79
C ALA D 53 32.57 20.39 22.27
N GLY D 54 32.16 19.21 21.81
CA GLY D 54 33.09 18.24 21.27
C GLY D 54 33.50 17.18 22.27
N ILE D 55 32.86 16.02 22.22
CA ILE D 55 33.19 14.90 23.10
C ILE D 55 33.21 13.61 22.29
N TYR D 56 32.18 13.41 21.47
CA TYR D 56 32.03 12.19 20.69
C TYR D 56 32.98 12.11 19.50
N TYR D 57 33.79 13.15 19.27
CA TYR D 57 34.57 13.28 18.05
C TYR D 57 36.02 12.85 18.30
N LYS D 58 36.57 12.11 17.35
CA LYS D 58 37.90 11.55 17.53
C LYS D 58 38.95 12.65 17.61
N PRO D 59 39.94 12.53 18.49
CA PRO D 59 40.96 13.57 18.61
C PRO D 59 41.78 13.68 17.33
N GLY D 60 42.24 14.89 17.03
CA GLY D 60 42.96 15.16 15.82
C GLY D 60 42.10 15.25 14.58
N THR D 61 40.82 14.96 14.68
CA THR D 61 39.94 15.06 13.53
C THR D 61 39.62 16.51 13.21
N LEU D 62 39.44 16.77 11.93
CA LEU D 62 38.91 18.05 11.51
C LEU D 62 37.54 18.30 12.11
N LYS D 63 36.73 17.26 12.21
CA LYS D 63 35.42 17.39 12.82
C LYS D 63 35.53 17.80 14.28
N ALA D 64 36.54 17.27 14.99
CA ALA D 64 36.77 17.65 16.37
C ALA D 64 37.38 19.03 16.50
N ARG D 65 38.13 19.48 15.49
CA ARG D 65 38.74 20.81 15.55
C ARG D 65 37.74 21.91 15.24
N LEU D 66 36.81 21.65 14.32
CA LEU D 66 35.83 22.68 13.97
C LEU D 66 34.82 22.92 15.08
N CYS D 67 34.51 21.88 15.87
CA CYS D 67 33.54 22.05 16.94
C CYS D 67 34.12 22.83 18.12
N VAL D 68 35.38 22.58 18.47
CA VAL D 68 36.00 23.34 19.54
C VAL D 68 36.30 24.76 19.08
N GLU D 69 36.56 24.96 17.79
CA GLU D 69 36.71 26.31 17.25
C GLU D 69 35.38 27.00 17.06
N GLY D 70 34.33 26.24 16.74
CA GLY D 70 33.02 26.84 16.55
C GLY D 70 32.37 27.28 17.85
N MET D 71 32.62 26.55 18.94
CA MET D 71 31.98 26.89 20.21
C MET D 71 32.59 28.15 20.82
N HIS D 72 33.89 28.37 20.63
CA HIS D 72 34.50 29.60 21.11
C HIS D 72 34.14 30.79 20.22
N LEU D 73 34.04 30.56 18.91
CA LEU D 73 33.58 31.62 18.02
C LEU D 73 32.11 31.96 18.24
N ALA D 74 31.32 30.97 18.65
CA ALA D 74 29.89 31.20 18.88
C ALA D 74 29.67 32.11 20.08
N TYR D 75 30.20 31.72 21.25
CA TYR D 75 30.03 32.52 22.45
C TYR D 75 30.62 33.92 22.27
N ALA D 76 31.69 34.04 21.50
CA ALA D 76 32.23 35.36 21.20
C ALA D 76 31.29 36.13 20.28
N TYR D 77 30.69 35.46 19.30
CA TYR D 77 29.72 36.11 18.43
C TYR D 77 28.41 36.39 19.16
N LEU D 78 28.02 35.48 20.07
CA LEU D 78 26.82 35.71 20.85
C LEU D 78 26.99 36.89 21.80
N ASP D 79 28.21 37.13 22.30
CA ASP D 79 28.45 38.29 23.14
C ASP D 79 28.63 39.56 22.32
N GLU D 80 29.09 39.43 21.08
CA GLU D 80 29.29 40.61 20.23
C GLU D 80 27.95 41.24 19.87
N LYS D 81 27.00 40.43 19.40
CA LYS D 81 25.68 40.91 19.03
C LYS D 81 24.69 40.87 20.19
N LYS D 82 25.11 40.33 21.34
CA LYS D 82 24.24 40.14 22.51
C LYS D 82 22.97 39.39 22.12
N ILE D 83 23.17 38.14 21.70
CA ILE D 83 22.07 37.22 21.40
C ILE D 83 21.81 36.40 22.65
N PRO D 84 20.55 36.25 23.06
CA PRO D 84 20.25 35.52 24.30
C PRO D 84 20.71 34.07 24.21
N TYR D 85 21.42 33.63 25.25
CA TYR D 85 21.88 32.25 25.35
C TYR D 85 21.97 31.86 26.83
N LYS D 86 21.86 30.56 27.09
CA LYS D 86 21.94 30.02 28.45
C LYS D 86 22.90 28.84 28.45
N LYS D 87 23.93 28.91 29.29
CA LYS D 87 24.92 27.85 29.40
C LYS D 87 24.43 26.83 30.43
N THR D 88 23.85 25.74 29.95
CA THR D 88 23.34 24.67 30.80
C THR D 88 24.33 23.50 30.85
N GLY D 89 24.19 22.68 31.88
CA GLY D 89 25.04 21.51 32.01
C GLY D 89 24.64 20.41 31.05
N LYS D 90 25.62 19.58 30.70
CA LYS D 90 25.40 18.43 29.82
C LYS D 90 25.91 17.18 30.54
N LEU D 91 25.00 16.41 31.11
CA LEU D 91 25.33 15.14 31.73
C LEU D 91 25.15 14.01 30.73
N ILE D 92 26.25 13.34 30.38
CA ILE D 92 26.19 12.16 29.53
C ILE D 92 26.10 10.96 30.47
N VAL D 93 24.87 10.60 30.84
CA VAL D 93 24.63 9.61 31.87
C VAL D 93 24.67 8.21 31.26
N ALA D 94 25.33 7.29 31.96
CA ALA D 94 25.38 5.88 31.57
C ALA D 94 24.56 5.05 32.55
N THR D 95 23.79 4.11 32.01
CA THR D 95 22.94 3.27 32.84
C THR D 95 23.62 1.95 33.18
N ASP D 96 23.67 1.03 32.22
CA ASP D 96 24.27 -0.28 32.44
C ASP D 96 25.79 -0.17 32.47
N GLU D 97 26.43 -1.22 32.96
CA GLU D 97 27.90 -1.27 32.99
C GLU D 97 28.49 -1.28 31.58
N LYS D 98 27.75 -1.82 30.61
CA LYS D 98 28.23 -1.83 29.23
C LYS D 98 28.33 -0.41 28.67
N GLU D 99 27.43 0.49 29.09
CA GLU D 99 27.51 1.88 28.66
C GLU D 99 28.70 2.60 29.27
N VAL D 100 29.24 2.06 30.36
CA VAL D 100 30.40 2.66 31.01
C VAL D 100 31.65 2.44 30.17
N LYS D 101 31.83 1.23 29.65
CA LYS D 101 32.98 0.93 28.81
C LYS D 101 33.01 1.82 27.58
N LEU D 102 31.84 2.07 26.98
CA LEU D 102 31.74 3.03 25.89
C LEU D 102 31.87 4.47 26.36
N LEU D 103 31.75 4.72 27.66
CA LEU D 103 31.71 6.10 28.16
C LEU D 103 33.09 6.64 28.52
N LYS D 104 33.86 5.91 29.34
CA LYS D 104 35.17 6.40 29.70
C LYS D 104 36.10 6.55 28.50
N ASP D 105 35.69 6.03 27.33
CA ASP D 105 36.36 6.41 26.09
C ASP D 105 36.02 7.85 25.73
N LEU D 106 34.75 8.26 25.93
CA LEU D 106 34.36 9.63 25.60
C LEU D 106 35.10 10.65 26.45
N GLU D 107 35.31 10.35 27.73
CA GLU D 107 36.04 11.28 28.60
C GLU D 107 37.46 11.46 28.10
N LYS D 108 38.19 10.35 27.90
CA LYS D 108 39.55 10.44 27.38
C LYS D 108 39.56 11.01 25.97
N ARG D 109 38.50 10.75 25.19
CA ARG D 109 38.39 11.36 23.86
C ARG D 109 38.03 12.83 23.96
N GLY D 110 37.30 13.22 25.00
CA GLY D 110 36.90 14.60 25.19
C GLY D 110 38.01 15.47 25.77
N ILE D 111 38.74 14.93 26.76
CA ILE D 111 39.85 15.67 27.33
C ILE D 111 41.00 15.80 26.33
N ALA D 112 41.14 14.82 25.42
CA ALA D 112 42.18 14.90 24.41
C ALA D 112 41.97 16.12 23.51
N ASN D 113 40.72 16.37 23.10
CA ASN D 113 40.40 17.57 22.35
C ASN D 113 40.33 18.81 23.23
N ASN D 114 40.52 18.65 24.54
CA ASN D 114 40.59 19.75 25.50
C ASN D 114 39.32 20.59 25.49
N VAL D 115 38.27 20.11 26.15
CA VAL D 115 37.04 20.86 26.31
C VAL D 115 36.94 21.28 27.77
N PRO D 116 36.82 22.58 28.06
CA PRO D 116 36.84 23.03 29.46
C PRO D 116 35.45 23.12 30.07
N ASP D 117 35.17 22.32 31.11
CA ASP D 117 36.11 21.33 31.63
C ASP D 117 35.34 20.10 32.12
N LEU D 118 35.72 18.93 31.60
CA LEU D 118 35.01 17.72 31.93
C LEU D 118 35.34 17.23 33.33
N ARG D 119 34.37 16.58 33.96
CA ARG D 119 34.53 16.00 35.29
C ARG D 119 33.70 14.73 35.36
N MET D 120 34.38 13.59 35.52
CA MET D 120 33.69 12.31 35.65
C MET D 120 33.04 12.23 37.02
N ILE D 121 31.72 12.03 37.05
CA ILE D 121 30.96 11.97 38.29
C ILE D 121 30.39 10.57 38.44
N GLU D 122 30.18 10.16 39.70
CA GLU D 122 29.62 8.86 40.01
C GLU D 122 28.93 8.94 41.36
N GLY D 123 27.61 8.74 41.37
CA GLY D 123 26.81 8.80 42.58
C GLY D 123 26.24 10.17 42.90
N ILE D 126 25.36 12.89 40.89
CA ILE D 126 24.49 13.21 39.71
C ILE D 126 23.20 13.86 40.21
N GLN D 127 22.86 13.63 41.49
CA GLN D 127 21.63 14.20 42.09
C GLN D 127 21.89 15.66 42.47
N GLU D 128 23.12 16.13 42.30
CA GLU D 128 23.49 17.50 42.62
C GLU D 128 23.60 18.39 41.38
N ILE D 129 23.72 17.79 40.20
CA ILE D 129 23.64 18.52 38.94
C ILE D 129 22.25 18.30 38.36
N GLU D 130 21.68 17.14 38.67
CA GLU D 130 20.36 16.77 38.15
C GLU D 130 19.68 15.92 39.23
N PRO D 131 18.86 16.54 40.09
CA PRO D 131 18.33 15.80 41.24
C PRO D 131 17.38 14.68 40.88
N TYR D 132 16.55 14.87 39.87
CA TYR D 132 15.55 13.88 39.49
C TYR D 132 16.10 12.81 38.54
N CYS D 133 17.40 12.79 38.29
CA CYS D 133 18.01 11.87 37.35
C CYS D 133 18.66 10.70 38.08
N GLN D 134 18.85 9.61 37.35
CA GLN D 134 19.51 8.43 37.87
C GLN D 134 20.79 8.13 37.10
N GLY D 135 21.20 6.87 37.08
CA GLY D 135 22.40 6.45 36.39
C GLY D 135 23.47 5.98 37.36
N VAL D 136 24.61 5.61 36.77
CA VAL D 136 25.75 5.13 37.56
C VAL D 136 27.00 5.97 37.37
N MET D 137 27.15 6.68 36.25
CA MET D 137 28.31 7.52 36.00
C MET D 137 28.00 8.45 34.83
N ALA D 138 28.52 9.68 34.88
CA ALA D 138 28.21 10.67 33.86
C ALA D 138 29.37 11.66 33.75
N LEU D 139 29.25 12.57 32.77
CA LEU D 139 30.22 13.63 32.54
C LEU D 139 29.54 14.97 32.78
N HIS D 140 30.24 15.87 33.46
CA HIS D 140 29.75 17.23 33.68
C HIS D 140 30.42 18.14 32.66
N SER D 141 29.63 18.70 31.74
CA SER D 141 30.10 19.61 30.71
C SER D 141 29.42 20.97 30.93
N PRO D 142 29.96 21.78 31.84
CA PRO D 142 29.29 23.06 32.16
C PRO D 142 29.41 24.10 31.05
N HIS D 143 30.34 23.93 30.11
CA HIS D 143 30.49 24.90 29.03
C HIS D 143 29.43 24.78 27.95
N THR D 144 28.68 23.68 27.93
CA THR D 144 27.60 23.52 26.96
C THR D 144 26.50 24.54 27.23
N GLY D 145 25.67 24.77 26.22
CA GLY D 145 24.59 25.73 26.36
C GLY D 145 23.54 25.55 25.28
N ILE D 146 22.43 26.24 25.47
CA ILE D 146 21.32 26.25 24.52
C ILE D 146 21.28 27.62 23.85
N VAL D 147 20.75 27.63 22.63
CA VAL D 147 20.71 28.85 21.83
C VAL D 147 19.65 28.67 20.75
N ASP D 148 19.16 29.79 20.22
CA ASP D 148 18.24 29.78 19.08
C ASP D 148 19.08 29.89 17.82
N TRP D 149 19.45 28.74 17.26
CA TRP D 149 20.29 28.73 16.06
C TRP D 149 19.61 29.42 14.89
N GLY D 150 18.27 29.42 14.86
CA GLY D 150 17.57 30.15 13.82
C GLY D 150 17.67 31.65 13.98
N LEU D 151 17.80 32.12 15.21
CA LEU D 151 17.94 33.56 15.43
C LEU D 151 19.34 34.05 15.07
N VAL D 152 20.37 33.26 15.41
CA VAL D 152 21.73 33.64 15.06
C VAL D 152 21.98 33.50 13.56
N THR D 153 21.16 32.71 12.86
CA THR D 153 21.28 32.62 11.41
C THR D 153 20.81 33.90 10.75
N GLU D 154 19.71 34.47 11.25
CA GLU D 154 19.26 35.77 10.75
C GLU D 154 20.26 36.86 11.10
N HIS D 155 20.99 36.72 12.21
CA HIS D 155 22.07 37.66 12.51
C HIS D 155 23.23 37.50 11.54
N TYR D 156 23.48 36.28 11.06
CA TYR D 156 24.47 36.10 10.00
C TYR D 156 24.05 36.83 8.74
N GLY D 157 22.77 36.73 8.38
CA GLY D 157 22.27 37.47 7.22
C GLY D 157 22.19 38.96 7.45
N GLN D 158 21.96 39.38 8.70
CA GLN D 158 21.98 40.80 9.01
C GLN D 158 23.37 41.38 8.81
N ASP D 159 24.41 40.67 9.25
CA ASP D 159 25.78 41.09 8.96
C ASP D 159 26.08 41.01 7.48
N PHE D 160 25.48 40.05 6.78
CA PHE D 160 25.71 39.92 5.35
C PHE D 160 25.08 41.07 4.56
N LYS D 161 23.91 41.54 5.01
CA LYS D 161 23.27 42.67 4.35
C LYS D 161 23.90 44.01 4.75
N GLN D 162 24.48 44.08 5.95
CA GLN D 162 25.11 45.32 6.38
C GLN D 162 26.36 45.64 5.56
N CYS D 163 27.05 44.60 5.08
CA CYS D 163 28.28 44.77 4.32
C CYS D 163 28.04 44.91 2.82
N GLY D 164 26.79 44.96 2.38
CA GLY D 164 26.46 45.16 0.99
C GLY D 164 25.85 43.96 0.30
N GLY D 165 25.86 42.79 0.93
CA GLY D 165 25.30 41.62 0.29
C GLY D 165 23.79 41.65 0.24
N ASP D 166 23.24 41.05 -0.81
CA ASP D 166 21.80 40.96 -1.01
C ASP D 166 21.30 39.57 -0.67
N ILE D 167 20.14 39.51 -0.02
CA ILE D 167 19.51 38.25 0.38
C ILE D 167 18.24 38.10 -0.44
N TYR D 168 18.26 37.17 -1.39
CA TYR D 168 17.09 36.88 -2.22
C TYR D 168 16.25 35.81 -1.53
N LEU D 169 15.05 36.20 -1.08
CA LEU D 169 14.13 35.28 -0.44
C LEU D 169 13.03 34.89 -1.42
N ASP D 170 12.39 33.75 -1.13
CA ASP D 170 11.39 33.16 -2.03
C ASP D 170 11.98 32.93 -3.42
N PHE D 171 13.22 32.46 -3.46
CA PHE D 171 13.95 32.22 -4.71
C PHE D 171 14.32 30.74 -4.74
N ASN D 172 13.48 29.94 -5.38
CA ASN D 172 13.71 28.50 -5.51
C ASN D 172 14.51 28.25 -6.78
N VAL D 173 15.78 27.87 -6.61
CA VAL D 173 16.65 27.59 -7.75
C VAL D 173 16.10 26.40 -8.52
N SER D 174 15.74 26.64 -9.79
CA SER D 174 15.14 25.61 -10.63
C SER D 174 16.04 25.16 -11.78
N LYS D 175 16.87 26.04 -12.32
CA LYS D 175 17.65 25.71 -13.51
C LYS D 175 18.89 26.58 -13.57
N PHE D 176 20.02 25.96 -13.92
CA PHE D 176 21.26 26.66 -14.20
C PHE D 176 21.48 26.72 -15.71
N THR D 177 21.82 27.90 -16.22
CA THR D 177 22.06 28.08 -17.64
C THR D 177 23.32 28.92 -17.85
N GLU D 178 23.76 28.96 -19.10
CA GLU D 178 24.89 29.78 -19.52
C GLU D 178 24.37 31.04 -20.19
N THR D 179 25.02 32.16 -19.92
CA THR D 179 24.57 33.45 -20.44
C THR D 179 25.16 33.71 -21.82
N ASP D 184 30.83 38.84 -18.66
CA ASP D 184 31.67 38.64 -17.48
C ASP D 184 30.94 37.83 -16.42
N TYR D 185 29.70 37.45 -16.71
CA TYR D 185 28.88 36.64 -15.82
C TYR D 185 28.31 35.49 -16.64
N PRO D 186 29.08 34.39 -16.79
CA PRO D 186 28.65 33.33 -17.72
C PRO D 186 27.45 32.53 -17.23
N VAL D 187 27.38 32.24 -15.93
CA VAL D 187 26.32 31.39 -15.39
C VAL D 187 25.12 32.24 -15.00
N THR D 188 23.92 31.72 -15.27
CA THR D 188 22.67 32.38 -14.94
C THR D 188 21.79 31.41 -14.16
N ILE D 189 21.25 31.88 -13.05
CA ILE D 189 20.40 31.07 -12.19
C ILE D 189 18.95 31.45 -12.41
N HIS D 190 18.08 30.45 -12.51
CA HIS D 190 16.66 30.64 -12.75
C HIS D 190 15.85 30.24 -11.52
N GLY D 191 14.72 30.90 -11.34
CA GLY D 191 13.81 30.62 -10.24
C GLY D 191 12.53 29.96 -10.71
N ALA D 192 11.67 29.67 -9.72
CA ALA D 192 10.39 29.04 -10.03
C ALA D 192 9.46 30.01 -10.76
N LYS D 193 9.43 31.27 -10.33
CA LYS D 193 8.58 32.27 -10.96
C LYS D 193 9.19 32.70 -12.30
N PRO D 194 8.37 32.89 -13.33
CA PRO D 194 8.90 33.29 -14.63
C PRO D 194 9.49 34.70 -14.57
N GLY D 195 10.67 34.86 -15.16
CA GLY D 195 11.37 36.12 -15.17
C GLY D 195 12.36 36.32 -14.05
N GLN D 196 12.19 35.62 -12.92
CA GLN D 196 13.10 35.76 -11.79
C GLN D 196 14.43 35.07 -12.10
N THR D 197 15.39 35.83 -12.61
CA THR D 197 16.70 35.31 -12.97
C THR D 197 17.78 36.19 -12.37
N VAL D 198 18.94 35.58 -12.10
CA VAL D 198 20.09 36.29 -11.56
C VAL D 198 21.33 35.79 -12.29
N ARG D 199 22.08 36.70 -12.91
CA ARG D 199 23.33 36.38 -13.56
C ARG D 199 24.49 36.68 -12.62
N THR D 200 25.50 35.82 -12.64
CA THR D 200 26.64 35.96 -11.74
C THR D 200 27.85 35.28 -12.37
N LYS D 201 28.99 35.37 -11.67
CA LYS D 201 30.22 34.75 -12.12
C LYS D 201 30.33 33.31 -11.64
N ASN D 202 30.37 33.10 -10.32
CA ASN D 202 30.50 31.77 -9.75
C ASN D 202 29.40 31.54 -8.72
N VAL D 203 29.10 30.26 -8.50
CA VAL D 203 27.98 29.86 -7.65
C VAL D 203 28.47 28.89 -6.58
N LEU D 204 27.87 28.98 -5.40
CA LEU D 204 28.08 28.03 -4.31
C LEU D 204 26.71 27.63 -3.77
N THR D 205 26.52 26.33 -3.55
CA THR D 205 25.22 25.79 -3.11
C THR D 205 25.39 25.11 -1.77
N CYS D 206 24.59 25.56 -0.79
CA CYS D 206 24.50 24.89 0.50
C CYS D 206 23.05 24.48 0.75
N GLY D 207 22.47 23.71 -0.17
CA GLY D 207 21.06 23.39 -0.13
C GLY D 207 20.64 22.45 0.97
N GLY D 208 21.59 21.89 1.72
CA GLY D 208 21.27 20.99 2.81
C GLY D 208 20.51 19.76 2.39
N LEU D 209 19.18 19.78 2.55
CA LEU D 209 18.37 18.64 2.16
C LEU D 209 18.32 18.43 0.66
N GLN D 210 18.61 19.47 -0.13
CA GLN D 210 18.64 19.37 -1.59
C GLN D 210 20.04 19.57 -2.14
N SER D 211 21.07 19.22 -1.37
CA SER D 211 22.44 19.36 -1.86
C SER D 211 22.71 18.40 -3.01
N ASP D 212 22.12 17.21 -2.96
CA ASP D 212 22.30 16.25 -4.05
C ASP D 212 21.47 16.65 -5.26
N LEU D 213 20.26 17.17 -5.04
CA LEU D 213 19.40 17.56 -6.16
C LEU D 213 19.95 18.78 -6.89
N LEU D 214 20.54 19.72 -6.15
CA LEU D 214 21.14 20.89 -6.79
C LEU D 214 22.41 20.52 -7.55
N ALA D 215 23.14 19.51 -7.07
CA ALA D 215 24.39 19.13 -7.73
C ALA D 215 24.14 18.47 -9.09
N GLU D 216 23.02 17.75 -9.23
CA GLU D 216 22.73 17.10 -10.50
C GLU D 216 22.37 18.09 -11.60
N LYS D 217 21.96 19.30 -11.24
CA LYS D 217 21.63 20.31 -12.24
C LYS D 217 22.88 20.86 -12.93
N THR D 218 24.05 20.69 -12.32
CA THR D 218 25.31 21.15 -12.92
C THR D 218 26.04 20.04 -13.67
N GLY D 219 25.95 18.81 -13.18
CA GLY D 219 26.61 17.69 -13.85
C GLY D 219 27.24 16.72 -12.87
N CYS D 220 27.00 16.95 -11.58
CA CYS D 220 27.56 16.08 -10.54
C CYS D 220 26.78 14.77 -10.46
N PRO D 221 27.44 13.67 -10.13
CA PRO D 221 26.76 12.39 -10.03
C PRO D 221 25.80 12.35 -8.84
N ARG D 222 25.02 11.28 -8.79
CA ARG D 222 24.11 11.05 -7.67
C ARG D 222 24.83 10.63 -6.40
N ASP D 223 26.15 10.42 -6.46
CA ASP D 223 26.92 10.05 -5.29
C ASP D 223 27.63 11.27 -4.74
N PRO D 224 27.43 11.63 -3.46
CA PRO D 224 26.53 10.92 -2.54
C PRO D 224 25.10 11.45 -2.58
N ARG D 225 24.19 10.76 -1.91
CA ARG D 225 22.78 11.11 -1.88
C ARG D 225 22.38 11.52 -0.46
N ILE D 226 21.46 12.49 -0.39
CA ILE D 226 20.95 12.97 0.88
C ILE D 226 19.77 12.10 1.29
N VAL D 227 19.88 11.44 2.44
CA VAL D 227 18.86 10.55 2.96
C VAL D 227 18.21 11.24 4.16
N PRO D 228 16.91 11.55 4.12
CA PRO D 228 16.28 12.28 5.22
C PRO D 228 16.09 11.40 6.45
N PHE D 229 16.49 11.91 7.61
CA PHE D 229 16.26 11.25 8.89
C PHE D 229 15.56 12.24 9.81
N ARG D 230 14.28 11.98 10.08
CA ARG D 230 13.49 12.90 10.88
C ARG D 230 13.91 12.84 12.34
N GLY D 231 13.91 13.99 13.00
CA GLY D 231 14.20 14.07 14.43
C GLY D 231 13.01 14.58 15.22
N GLU D 232 12.14 13.68 15.65
CA GLU D 232 10.93 14.06 16.36
C GLU D 232 11.25 14.44 17.80
N TYR D 233 10.47 15.38 18.32
CA TYR D 233 10.64 15.87 19.69
C TYR D 233 9.35 15.68 20.48
N LEU D 234 9.51 15.45 21.78
CA LEU D 234 8.40 15.30 22.71
C LEU D 234 8.47 16.41 23.73
N LEU D 235 7.35 17.08 23.97
CA LEU D 235 7.31 18.24 24.83
C LEU D 235 6.90 17.82 26.24
N LEU D 236 7.83 17.95 27.20
CA LEU D 236 7.51 17.63 28.58
C LEU D 236 6.52 18.66 29.13
N THR D 237 5.54 18.17 29.88
CA THR D 237 4.47 19.04 30.36
C THR D 237 5.01 20.09 31.32
N LYS D 238 4.23 21.15 31.50
CA LYS D 238 4.68 22.28 32.30
C LYS D 238 4.81 21.92 33.77
N GLU D 239 4.06 20.92 34.23
CA GLU D 239 4.09 20.55 35.64
C GLU D 239 5.39 19.84 36.05
N LYS D 240 6.23 19.44 35.09
CA LYS D 240 7.45 18.71 35.41
C LYS D 240 8.67 19.28 34.70
N GLN D 241 8.63 20.55 34.29
CA GLN D 241 9.81 21.18 33.71
C GLN D 241 10.92 21.36 34.73
N HIS D 242 10.59 21.39 36.02
CA HIS D 242 11.60 21.53 37.06
C HIS D 242 12.44 20.28 37.23
N MET D 243 11.99 19.15 36.69
CA MET D 243 12.73 17.89 36.83
C MET D 243 13.99 17.86 36.00
N VAL D 244 14.16 18.78 35.06
CA VAL D 244 15.34 18.85 34.20
C VAL D 244 15.91 20.25 34.32
N LYS D 245 17.15 20.36 34.81
CA LYS D 245 17.83 21.64 34.89
C LYS D 245 18.71 21.88 33.65
N GLY D 246 19.68 21.00 33.43
CA GLY D 246 20.55 21.06 32.28
C GLY D 246 20.29 19.93 31.30
N ASN D 247 21.12 19.91 30.26
CA ASN D 247 20.99 18.87 29.23
C ASN D 247 21.37 17.51 29.78
N ILE D 248 20.55 16.51 29.47
CA ILE D 248 20.79 15.13 29.88
C ILE D 248 20.92 14.30 28.62
N TYR D 249 22.15 13.94 28.27
CA TYR D 249 22.37 13.16 27.05
C TYR D 249 22.63 11.70 27.39
N PRO D 250 22.14 10.78 26.57
CA PRO D 250 22.45 9.36 26.77
C PRO D 250 23.82 9.02 26.16
N VAL D 251 24.25 7.79 26.43
CA VAL D 251 25.49 7.26 25.85
C VAL D 251 25.14 6.68 24.48
N PRO D 252 25.53 7.33 23.38
CA PRO D 252 25.12 6.86 22.06
C PRO D 252 26.04 5.79 21.50
N ASP D 253 25.54 5.10 20.48
CA ASP D 253 26.34 4.11 19.77
C ASP D 253 27.30 4.81 18.82
N PRO D 254 28.61 4.59 18.94
CA PRO D 254 29.57 5.33 18.08
C PRO D 254 29.44 4.99 16.60
N ARG D 255 28.78 3.90 16.24
CA ARG D 255 28.63 3.54 14.83
C ARG D 255 27.69 4.46 14.07
N PHE D 256 26.95 5.34 14.77
CA PHE D 256 26.03 6.25 14.12
C PHE D 256 26.29 7.67 14.62
N PRO D 257 26.14 8.67 13.74
CA PRO D 257 26.36 10.07 14.17
C PRO D 257 25.26 10.62 15.07
N PHE D 258 24.15 9.90 15.23
CA PHE D 258 23.05 10.38 16.06
C PHE D 258 23.41 10.26 17.53
N LEU D 259 23.05 11.29 18.29
CA LEU D 259 23.35 11.35 19.71
C LEU D 259 22.24 10.78 20.59
N GLY D 260 21.16 10.28 19.99
CA GLY D 260 20.08 9.69 20.74
C GLY D 260 19.12 10.71 21.31
N VAL D 261 18.01 10.20 21.84
CA VAL D 261 17.00 11.06 22.45
C VAL D 261 17.53 11.58 23.78
N HIS D 262 17.53 12.91 23.94
CA HIS D 262 18.09 13.56 25.11
C HIS D 262 17.13 14.62 25.64
N PHE D 263 17.39 15.06 26.87
CA PHE D 263 16.58 16.07 27.55
C PHE D 263 17.31 17.41 27.46
N THR D 264 16.71 18.38 26.77
CA THR D 264 17.28 19.73 26.70
C THR D 264 16.17 20.75 26.89
N PRO D 265 16.42 21.82 27.65
CA PRO D 265 15.47 22.93 27.70
C PRO D 265 15.66 23.86 26.52
N ARG D 266 14.58 24.55 26.17
CA ARG D 266 14.61 25.57 25.13
C ARG D 266 14.87 26.94 25.77
N MET D 267 15.05 27.97 24.94
CA MET D 267 15.32 29.30 25.45
C MET D 267 14.16 29.85 26.26
N ASP D 268 12.94 29.41 25.97
CA ASP D 268 11.77 29.83 26.72
C ASP D 268 11.49 28.95 27.93
N GLY D 269 12.45 28.13 28.35
CA GLY D 269 12.31 27.31 29.52
C GLY D 269 11.58 26.00 29.33
N SER D 270 11.14 25.69 28.11
CA SER D 270 10.39 24.48 27.85
C SER D 270 11.33 23.29 27.69
N ILE D 271 11.02 22.20 28.38
CA ILE D 271 11.82 20.98 28.31
C ILE D 271 11.30 20.10 27.18
N TRP D 272 12.15 19.87 26.17
CA TRP D 272 11.78 19.04 25.03
C TRP D 272 12.63 17.77 25.02
N LEU D 273 11.99 16.65 24.71
CA LEU D 273 12.64 15.34 24.75
C LEU D 273 12.86 14.85 23.32
N GLY D 274 14.12 14.63 22.96
CA GLY D 274 14.47 14.19 21.63
C GLY D 274 15.86 14.67 21.23
N PRO D 275 16.20 14.54 19.94
CA PRO D 275 15.37 13.92 18.91
C PRO D 275 15.73 12.46 18.65
N ASN D 276 14.87 11.76 17.91
CA ASN D 276 15.13 10.40 17.49
C ASN D 276 15.68 10.40 16.07
N ALA D 277 15.99 9.21 15.57
CA ALA D 277 16.54 9.03 14.23
C ALA D 277 15.67 8.04 13.48
N VAL D 278 14.77 8.55 12.64
CA VAL D 278 13.84 7.72 11.89
C VAL D 278 13.87 8.14 10.43
N LEU D 279 13.92 7.14 9.54
CA LEU D 279 13.91 7.40 8.11
C LEU D 279 12.61 8.09 7.70
N ALA D 280 12.74 9.24 7.04
CA ALA D 280 11.59 9.96 6.51
C ALA D 280 11.34 9.56 5.07
N LEU D 281 10.08 9.33 4.74
CA LEU D 281 9.66 9.00 3.37
C LEU D 281 9.51 10.24 2.49
N LYS D 282 10.24 11.31 2.79
CA LYS D 282 10.17 12.57 2.06
C LYS D 282 11.33 13.43 2.53
N ARG D 283 11.92 14.21 1.62
CA ARG D 283 13.04 15.06 1.98
C ARG D 283 12.66 16.03 3.09
N GLU D 284 11.56 16.77 2.90
CA GLU D 284 11.04 17.67 3.92
C GLU D 284 9.85 17.06 4.65
N GLY D 285 9.94 15.78 4.97
CA GLY D 285 8.87 15.11 5.69
C GLY D 285 8.96 15.30 7.19
N TYR D 286 8.44 16.43 7.68
CA TYR D 286 8.46 16.71 9.11
C TYR D 286 7.38 15.96 9.87
N THR D 287 6.30 15.57 9.19
CA THR D 287 5.24 14.76 9.78
C THR D 287 5.32 13.35 9.23
N TRP D 288 4.68 12.41 9.95
CA TRP D 288 4.75 11.01 9.55
C TRP D 288 3.88 10.73 8.33
N GLY D 289 2.74 11.40 8.21
CA GLY D 289 1.85 11.14 7.10
C GLY D 289 2.35 11.72 5.78
N ASP D 290 3.09 12.83 5.84
CA ASP D 290 3.56 13.49 4.64
C ASP D 290 4.66 12.66 3.98
N ILE D 291 4.33 12.00 2.88
CA ILE D 291 5.27 11.15 2.15
C ILE D 291 5.22 11.51 0.68
N ASN D 292 6.38 11.48 0.02
CA ASN D 292 6.48 11.77 -1.40
C ASN D 292 7.02 10.53 -2.10
N LEU D 293 6.28 10.03 -3.08
CA LEU D 293 6.61 8.73 -3.67
C LEU D 293 7.91 8.80 -4.47
N PHE D 294 8.05 9.81 -5.33
CA PHE D 294 9.26 9.89 -6.15
C PHE D 294 10.50 10.10 -5.30
N GLU D 295 10.38 10.82 -4.19
CA GLU D 295 11.49 10.91 -3.24
C GLU D 295 11.61 9.65 -2.38
N LEU D 296 10.50 8.96 -2.15
CA LEU D 296 10.55 7.68 -1.46
C LEU D 296 11.33 6.66 -2.28
N PHE D 297 11.03 6.57 -3.57
CA PHE D 297 11.69 5.58 -4.42
C PHE D 297 13.10 6.02 -4.80
N ASP D 298 13.37 7.32 -4.74
CA ASP D 298 14.73 7.81 -4.95
C ASP D 298 15.68 7.30 -3.87
N ALA D 299 15.20 7.23 -2.62
CA ALA D 299 16.05 6.75 -1.54
C ALA D 299 16.18 5.24 -1.57
N LEU D 300 15.11 4.52 -1.93
CA LEU D 300 15.15 3.07 -1.88
C LEU D 300 15.90 2.47 -3.06
N ARG D 301 15.85 3.12 -4.22
CA ARG D 301 16.60 2.67 -5.39
C ARG D 301 18.07 3.04 -5.34
N TYR D 302 18.50 3.75 -4.30
CA TYR D 302 19.91 4.09 -4.17
C TYR D 302 20.72 2.84 -3.81
N PRO D 303 21.86 2.62 -4.46
CA PRO D 303 22.63 1.38 -4.19
C PRO D 303 23.10 1.25 -2.76
N GLY D 304 23.42 2.37 -2.09
CA GLY D 304 23.90 2.29 -0.73
C GLY D 304 22.82 2.09 0.32
N PHE D 305 21.56 2.33 -0.03
CA PHE D 305 20.49 2.22 0.94
C PHE D 305 20.28 0.78 1.38
N VAL D 306 20.20 -0.15 0.42
CA VAL D 306 20.02 -1.55 0.76
C VAL D 306 21.26 -2.11 1.45
N LYS D 307 22.42 -1.52 1.20
CA LYS D 307 23.64 -2.00 1.86
C LYS D 307 23.63 -1.64 3.35
N MET D 308 23.24 -0.41 3.68
CA MET D 308 23.12 -0.04 5.08
C MET D 308 21.94 -0.76 5.74
N ALA D 309 20.83 -0.91 5.01
CA ALA D 309 19.68 -1.61 5.56
C ALA D 309 19.99 -3.09 5.81
N SER D 310 20.93 -3.66 5.06
CA SER D 310 21.32 -5.04 5.28
C SER D 310 22.11 -5.24 6.57
N LYS D 311 22.50 -4.16 7.25
CA LYS D 311 23.29 -4.26 8.46
C LYS D 311 22.73 -3.49 9.66
N TYR D 312 21.84 -2.52 9.46
CA TYR D 312 21.36 -1.71 10.57
C TYR D 312 19.85 -1.48 10.51
N ILE D 313 19.12 -2.37 9.85
CA ILE D 313 17.67 -2.17 9.76
C ILE D 313 17.00 -2.39 11.12
N GLY D 314 17.60 -3.21 11.98
CA GLY D 314 17.04 -3.42 13.30
C GLY D 314 17.01 -2.17 14.14
N PHE D 315 18.03 -1.31 13.99
CA PHE D 315 18.07 -0.06 14.73
C PHE D 315 17.11 0.97 14.15
N GLY D 316 16.96 0.99 12.83
CA GLY D 316 15.99 1.88 12.21
C GLY D 316 14.56 1.51 12.57
N LEU D 317 14.25 0.22 12.58
CA LEU D 317 12.95 -0.23 13.05
C LEU D 317 12.80 -0.08 14.55
N SER D 318 13.91 -0.04 15.30
CA SER D 318 13.84 0.21 16.73
C SER D 318 13.32 1.61 17.02
N GLU D 319 13.90 2.62 16.36
CA GLU D 319 13.42 3.98 16.55
C GLU D 319 12.01 4.17 16.01
N MET D 320 11.65 3.44 14.94
CA MET D 320 10.30 3.57 14.39
C MET D 320 9.26 3.01 15.35
N SER D 321 9.54 1.86 15.97
CA SER D 321 8.59 1.28 16.90
C SER D 321 8.44 2.15 18.15
N LYS D 322 9.52 2.78 18.59
CA LYS D 322 9.42 3.71 19.71
C LYS D 322 8.68 4.98 19.33
N SER D 323 8.60 5.31 18.04
CA SER D 323 7.84 6.48 17.60
C SER D 323 6.36 6.16 17.44
N TRP D 324 6.03 4.93 17.03
CA TRP D 324 4.64 4.54 16.90
C TRP D 324 3.95 4.49 18.26
N PHE D 325 4.54 3.77 19.20
CA PHE D 325 4.01 3.64 20.56
C PHE D 325 4.96 4.39 21.49
N ILE D 326 4.54 5.57 21.94
CA ILE D 326 5.40 6.38 22.79
C ILE D 326 5.62 5.76 24.16
N ASN D 327 4.80 4.78 24.55
CA ASN D 327 5.03 4.09 25.81
C ASN D 327 6.37 3.36 25.82
N LEU D 328 6.82 2.89 24.65
CA LEU D 328 8.14 2.29 24.56
C LEU D 328 9.23 3.34 24.73
N GLN D 329 9.00 4.55 24.21
CA GLN D 329 9.96 5.63 24.42
C GLN D 329 9.99 6.08 25.87
N ILE D 330 8.85 5.96 26.57
CA ILE D 330 8.80 6.34 27.98
C ILE D 330 9.61 5.37 28.82
N LYS D 331 9.50 4.08 28.52
CA LYS D 331 10.29 3.09 29.24
C LYS D 331 11.79 3.32 29.08
N ALA D 332 12.20 3.87 27.94
CA ALA D 332 13.61 4.16 27.72
C ALA D 332 14.05 5.41 28.48
N LEU D 333 13.20 6.45 28.49
CA LEU D 333 13.53 7.68 29.20
C LEU D 333 13.44 7.52 30.71
N GLN D 334 12.72 6.51 31.20
CA GLN D 334 12.63 6.28 32.63
C GLN D 334 13.91 5.72 33.23
N LYS D 335 14.87 5.29 32.39
CA LYS D 335 16.18 4.92 32.91
C LYS D 335 16.92 6.10 33.51
N TYR D 336 16.57 7.32 33.09
CA TYR D 336 17.21 8.53 33.57
C TYR D 336 16.31 9.27 34.57
N ILE D 337 15.11 9.64 34.15
CA ILE D 337 14.14 10.29 35.03
C ILE D 337 12.90 9.40 35.09
N PRO D 338 12.80 8.51 36.08
CA PRO D 338 11.65 7.58 36.13
C PRO D 338 10.34 8.25 36.50
N ASP D 339 10.35 9.53 36.87
CA ASP D 339 9.14 10.25 37.26
C ASP D 339 8.40 10.84 36.07
N ILE D 340 8.61 10.31 34.87
CA ILE D 340 7.94 10.78 33.66
C ILE D 340 7.13 9.62 33.10
N THR D 341 5.86 9.87 32.80
CA THR D 341 4.95 8.86 32.26
C THR D 341 4.41 9.35 30.91
N GLU D 342 3.56 8.51 30.30
CA GLU D 342 2.95 8.86 29.02
C GLU D 342 2.03 10.06 29.12
N TYR D 343 1.54 10.38 30.33
CA TYR D 343 0.66 11.52 30.51
C TYR D 343 1.41 12.84 30.65
N ASP D 344 2.73 12.81 30.70
CA ASP D 344 3.53 14.02 30.87
C ASP D 344 4.16 14.51 29.57
N ILE D 345 4.00 13.78 28.47
CA ILE D 345 4.61 14.15 27.20
C ILE D 345 3.50 14.38 26.18
N GLN D 346 3.84 15.14 25.15
CA GLN D 346 2.94 15.40 24.03
C GLN D 346 3.75 15.47 22.75
N ARG D 347 3.07 15.24 21.63
CA ARG D 347 3.71 15.32 20.33
C ARG D 347 4.05 16.76 19.99
N GLY D 348 5.31 17.01 19.66
CA GLY D 348 5.76 18.34 19.31
C GLY D 348 6.29 18.42 17.89
N PRO D 349 7.00 19.51 17.57
CA PRO D 349 7.56 19.65 16.22
C PRO D 349 8.72 18.70 15.96
N ALA D 350 9.38 18.84 14.82
CA ALA D 350 10.46 17.93 14.46
C ALA D 350 11.34 18.60 13.42
N GLY D 351 12.50 17.97 13.19
CA GLY D 351 13.41 18.40 12.14
C GLY D 351 13.84 17.20 11.32
N VAL D 352 14.45 17.49 10.17
CA VAL D 352 14.90 16.46 9.24
C VAL D 352 16.39 16.62 9.01
N ARG D 353 17.14 15.52 9.17
CA ARG D 353 18.58 15.55 8.98
C ARG D 353 18.91 15.37 7.50
N ALA D 354 19.83 16.20 7.01
CA ALA D 354 20.33 16.07 5.63
C ALA D 354 21.53 15.13 5.63
N GLN D 355 21.25 13.87 5.94
CA GLN D 355 22.29 12.87 6.08
C GLN D 355 22.74 12.39 4.70
N ALA D 356 24.03 12.55 4.41
CA ALA D 356 24.59 12.11 3.14
C ALA D 356 25.04 10.66 3.25
N MET D 357 24.81 9.89 2.18
CA MET D 357 25.15 8.49 2.15
C MET D 357 25.86 8.16 0.84
N ASP D 358 26.94 7.38 0.93
CA ASP D 358 27.69 6.98 -0.25
C ASP D 358 27.09 5.72 -0.86
N LEU D 359 27.72 5.24 -1.94
CA LEU D 359 27.24 4.05 -2.64
C LEU D 359 27.46 2.77 -1.85
N ASP D 360 28.24 2.81 -0.77
CA ASP D 360 28.53 1.63 0.04
C ASP D 360 27.70 1.56 1.31
N GLY D 361 26.81 2.51 1.53
CA GLY D 361 25.97 2.51 2.71
C GLY D 361 26.54 3.23 3.92
N ASN D 362 27.65 3.94 3.76
CA ASN D 362 28.27 4.67 4.86
C ASN D 362 27.77 6.10 4.90
N LEU D 363 27.33 6.54 6.08
CA LEU D 363 26.89 7.92 6.25
C LEU D 363 28.11 8.83 6.22
N VAL D 364 28.19 9.66 5.17
CA VAL D 364 29.36 10.52 4.98
C VAL D 364 29.42 11.56 6.10
N ASP D 365 30.64 11.87 6.54
CA ASP D 365 30.86 12.77 7.67
C ASP D 365 31.74 13.96 7.33
N ASP D 366 32.77 13.78 6.51
CA ASP D 366 33.70 14.87 6.22
C ASP D 366 33.10 15.82 5.19
N PHE D 367 33.90 16.81 4.80
CA PHE D 367 33.48 17.76 3.78
C PHE D 367 33.36 17.06 2.42
N VAL D 368 32.35 17.46 1.66
CA VAL D 368 32.10 16.92 0.32
C VAL D 368 31.85 18.12 -0.60
N PHE D 369 32.87 18.50 -1.36
CA PHE D 369 32.74 19.52 -2.40
C PHE D 369 32.78 18.85 -3.76
N ASP D 370 31.83 19.20 -4.62
CA ASP D 370 31.70 18.56 -5.93
C ASP D 370 31.30 19.59 -6.97
N ARG D 371 31.76 19.38 -8.20
CA ARG D 371 31.41 20.22 -9.32
C ARG D 371 31.28 19.36 -10.56
N GLY D 372 30.69 19.94 -11.61
CA GLY D 372 30.46 19.20 -12.83
C GLY D 372 31.75 18.84 -13.54
N GLN D 373 31.65 17.85 -14.42
CA GLN D 373 32.79 17.36 -15.18
C GLN D 373 32.93 18.16 -16.48
N GLY D 374 34.16 18.51 -16.82
CA GLY D 374 34.45 19.27 -18.01
C GLY D 374 35.02 20.64 -17.67
N SER D 375 35.08 21.49 -18.71
CA SER D 375 35.58 22.84 -18.57
C SER D 375 34.57 23.86 -19.08
N GLY D 376 33.28 23.52 -19.00
CA GLY D 376 32.23 24.39 -19.49
C GLY D 376 31.95 25.55 -18.56
N ALA D 377 30.82 26.21 -18.81
CA ALA D 377 30.43 27.36 -17.99
C ALA D 377 29.78 26.91 -16.69
N LEU D 378 28.77 26.04 -16.76
CA LEU D 378 28.12 25.55 -15.55
C LEU D 378 29.08 24.73 -14.70
N ALA D 379 29.99 23.98 -15.32
CA ALA D 379 31.04 23.31 -14.58
C ALA D 379 32.16 24.30 -14.26
N LYS D 380 32.99 23.93 -13.28
CA LYS D 380 34.14 24.71 -12.83
C LYS D 380 33.75 26.02 -12.17
N ARG D 381 32.56 26.55 -12.50
CA ARG D 381 32.09 27.80 -11.91
C ARG D 381 31.02 27.59 -10.85
N VAL D 382 30.47 26.39 -10.72
CA VAL D 382 29.44 26.09 -9.73
C VAL D 382 29.95 24.95 -8.86
N LEU D 383 30.26 25.25 -7.60
CA LEU D 383 30.74 24.26 -6.64
C LEU D 383 29.61 23.96 -5.65
N HIS D 384 29.41 22.67 -5.37
CA HIS D 384 28.32 22.22 -4.51
C HIS D 384 28.89 21.67 -3.21
N CYS D 385 28.40 22.18 -2.09
CA CYS D 385 28.77 21.67 -0.77
C CYS D 385 27.72 20.63 -0.36
N ARG D 386 27.98 19.38 -0.75
CA ARG D 386 27.01 18.32 -0.54
C ARG D 386 26.98 17.78 0.89
N ASN D 387 27.98 18.12 1.71
CA ASN D 387 27.98 17.67 3.10
C ASN D 387 28.94 18.55 3.90
N ALA D 388 28.60 18.71 5.19
CA ALA D 388 29.42 19.46 6.12
C ALA D 388 29.48 18.66 7.43
N PRO D 389 30.62 18.70 8.13
CA PRO D 389 30.74 17.90 9.36
C PRO D 389 29.80 18.41 10.44
N SER D 390 29.13 17.47 11.10
CA SER D 390 28.22 17.81 12.19
C SER D 390 29.01 18.12 13.46
N PRO D 391 28.50 19.02 14.31
CA PRO D 391 27.24 19.75 14.14
C PRO D 391 27.41 21.05 13.36
N GLY D 392 26.70 21.18 12.25
CA GLY D 392 26.84 22.35 11.40
C GLY D 392 26.44 23.65 12.06
N ALA D 393 25.56 23.59 13.08
CA ALA D 393 25.13 24.82 13.74
C ALA D 393 26.22 25.37 14.67
N THR D 394 26.78 24.51 15.52
CA THR D 394 27.85 24.96 16.42
C THR D 394 29.11 25.32 15.64
N SER D 395 29.50 24.49 14.68
CA SER D 395 30.68 24.72 13.87
C SER D 395 30.42 25.66 12.69
N SER D 396 29.37 26.46 12.74
CA SER D 396 29.00 27.29 11.59
C SER D 396 30.11 28.29 11.27
N LEU D 397 30.59 29.03 12.27
CA LEU D 397 31.63 30.01 12.02
C LEU D 397 32.95 29.34 11.63
N ALA D 398 33.22 28.14 12.14
CA ALA D 398 34.44 27.43 11.76
C ALA D 398 34.30 26.83 10.36
N ILE D 399 33.13 26.27 10.04
CA ILE D 399 32.89 25.75 8.70
C ILE D 399 32.92 26.88 7.68
N ALA D 400 32.41 28.06 8.06
CA ALA D 400 32.41 29.19 7.14
C ALA D 400 33.83 29.56 6.72
N LYS D 401 34.77 29.54 7.67
CA LYS D 401 36.17 29.80 7.31
C LYS D 401 36.74 28.69 6.44
N MET D 402 36.26 27.47 6.62
CA MET D 402 36.70 26.37 5.78
C MET D 402 36.11 26.49 4.37
N ILE D 403 34.83 26.85 4.28
CA ILE D 403 34.21 27.01 2.96
C ILE D 403 34.80 28.21 2.23
N ALA D 404 35.09 29.29 2.95
CA ALA D 404 35.69 30.47 2.33
C ALA D 404 37.04 30.13 1.71
N ASP D 405 37.85 29.33 2.41
CA ASP D 405 39.12 28.91 1.84
C ASP D 405 38.92 28.03 0.62
N LYS D 406 37.85 27.22 0.60
CA LYS D 406 37.57 26.39 -0.56
C LYS D 406 37.10 27.21 -1.75
N ILE D 407 36.35 28.29 -1.49
CA ILE D 407 35.88 29.15 -2.57
C ILE D 407 37.03 29.97 -3.14
N GLU D 408 37.93 30.44 -2.27
CA GLU D 408 39.09 31.20 -2.73
C GLU D 408 40.01 30.33 -3.59
N ASN D 409 40.15 29.06 -3.23
CA ASN D 409 41.02 28.16 -3.97
C ASN D 409 40.38 27.70 -5.28
N GLU D 410 39.06 27.50 -5.28
CA GLU D 410 38.38 26.98 -6.45
C GLU D 410 38.04 28.07 -7.46
N PHE D 411 37.75 29.29 -6.99
CA PHE D 411 37.27 30.35 -7.86
C PHE D 411 38.26 31.48 -8.03
N SER D 412 39.41 31.43 -7.38
CA SER D 412 40.46 32.44 -7.52
C SER D 412 39.94 33.84 -7.17
N ILE D 413 39.99 34.19 -5.90
CA ILE D 413 39.49 35.49 -5.47
C ILE D 413 40.60 36.34 -4.88
#